data_4TJV
# 
_entry.id   4TJV 
# 
_audit_conform.dict_name       mmcif_pdbx.dic 
_audit_conform.dict_version    5.399 
_audit_conform.dict_location   http://mmcif.pdb.org/dictionaries/ascii/mmcif_pdbx.dic 
# 
loop_
_database_2.database_id 
_database_2.database_code 
_database_2.pdbx_database_accession 
_database_2.pdbx_DOI 
PDB   4TJV         pdb_00004tjv 10.2210/pdb4tjv/pdb 
WWPDB D_1000201735 ?            ?                   
# 
loop_
_pdbx_audit_revision_history.ordinal 
_pdbx_audit_revision_history.data_content_type 
_pdbx_audit_revision_history.major_revision 
_pdbx_audit_revision_history.minor_revision 
_pdbx_audit_revision_history.revision_date 
1 'Structure model' 1 0 2014-12-10 
2 'Structure model' 1 1 2017-11-22 
3 'Structure model' 1 2 2023-12-27 
4 'Structure model' 1 3 2024-11-20 
# 
_pdbx_audit_revision_details.ordinal             1 
_pdbx_audit_revision_details.revision_ordinal    1 
_pdbx_audit_revision_details.data_content_type   'Structure model' 
_pdbx_audit_revision_details.provider            repository 
_pdbx_audit_revision_details.type                'Initial release' 
_pdbx_audit_revision_details.description         ? 
_pdbx_audit_revision_details.details             ? 
# 
loop_
_pdbx_audit_revision_group.ordinal 
_pdbx_audit_revision_group.revision_ordinal 
_pdbx_audit_revision_group.data_content_type 
_pdbx_audit_revision_group.group 
1  2 'Structure model' Advisory                 
2  2 'Structure model' 'Database references'    
3  2 'Structure model' 'Derived calculations'   
4  2 'Structure model' Other                    
5  2 'Structure model' 'Refinement description' 
6  2 'Structure model' 'Source and taxonomy'    
7  3 'Structure model' 'Data collection'        
8  3 'Structure model' 'Database references'    
9  3 'Structure model' 'Refinement description' 
10 4 'Structure model' 'Structure summary'      
# 
loop_
_pdbx_audit_revision_category.ordinal 
_pdbx_audit_revision_category.revision_ordinal 
_pdbx_audit_revision_category.data_content_type 
_pdbx_audit_revision_category.category 
1  2 'Structure model' citation                    
2  2 'Structure model' entity_src_gen              
3  2 'Structure model' pdbx_database_status        
4  2 'Structure model' pdbx_struct_assembly        
5  2 'Structure model' pdbx_struct_oper_list       
6  2 'Structure model' pdbx_validate_close_contact 
7  2 'Structure model' software                    
8  3 'Structure model' chem_comp_atom              
9  3 'Structure model' chem_comp_bond              
10 3 'Structure model' database_2                  
11 3 'Structure model' refine_hist                 
12 4 'Structure model' pdbx_entry_details          
13 4 'Structure model' pdbx_modification_feature   
# 
loop_
_pdbx_audit_revision_item.ordinal 
_pdbx_audit_revision_item.revision_ordinal 
_pdbx_audit_revision_item.data_content_type 
_pdbx_audit_revision_item.item 
1 2 'Structure model' '_citation.journal_id_CSD'                    
2 2 'Structure model' '_entity_src_gen.pdbx_alt_source_flag'        
3 2 'Structure model' '_pdbx_database_status.pdb_format_compatible' 
4 2 'Structure model' '_pdbx_struct_assembly.oligomeric_details'    
5 2 'Structure model' '_pdbx_struct_oper_list.symmetry_operation'   
6 2 'Structure model' '_software.classification'                    
7 3 'Structure model' '_database_2.pdbx_DOI'                        
8 3 'Structure model' '_database_2.pdbx_database_accession'         
# 
_pdbx_database_status.status_code                     REL 
_pdbx_database_status.status_code_sf                  REL 
_pdbx_database_status.status_code_mr                  ? 
_pdbx_database_status.entry_id                        4TJV 
_pdbx_database_status.recvd_initial_deposition_date   2014-05-25 
_pdbx_database_status.SG_entry                        N 
_pdbx_database_status.deposit_site                    RCSB 
_pdbx_database_status.process_site                    RCSB 
_pdbx_database_status.status_code_cs                  ? 
_pdbx_database_status.methods_development_category    ? 
_pdbx_database_status.pdb_format_compatible           Y 
_pdbx_database_status.status_code_nmr_data            ? 
# 
_pdbx_database_related.content_type   unspecified 
_pdbx_database_related.db_id          4TJX 
_pdbx_database_related.db_name        PDB 
_pdbx_database_related.details        . 
# 
loop_
_audit_author.name 
_audit_author.pdbx_ordinal 
'Luo, F.'     1 
'Fong, Y.H.'  2 
'Jiang, L.W.' 3 
'Wong, K.B.'  4 
# 
_citation.abstract                  ? 
_citation.abstract_id_CAS           ? 
_citation.book_id_ISBN              ? 
_citation.book_publisher            ? 
_citation.book_publisher_city       ? 
_citation.book_title                ? 
_citation.coordinate_linkage        ? 
_citation.country                   US 
_citation.database_id_Medline       ? 
_citation.details                   ? 
_citation.id                        primary 
_citation.journal_abbrev            'Plant Cell' 
_citation.journal_id_ASTM           PLCEEW 
_citation.journal_id_CSD            2109 
_citation.journal_id_ISSN           1532-298X 
_citation.journal_full              ? 
_citation.journal_issue             ? 
_citation.journal_volume            26 
_citation.language                  ? 
_citation.page_first                3693 
_citation.page_last                 3708 
_citation.title                     
;How vacuolar sorting receptor proteins interact with their cargo proteins: crystal structures of apo and cargo-bound forms of the protease-associated domain from an Arabidopsis vacuolar sorting receptor.
;
_citation.year                      2014 
_citation.database_id_CSD           ? 
_citation.pdbx_database_id_DOI      10.1105/tpc.114.129940 
_citation.pdbx_database_id_PubMed   25271241 
_citation.unpublished_flag          ? 
# 
loop_
_citation_author.citation_id 
_citation_author.name 
_citation_author.ordinal 
_citation_author.identifier_ORCID 
primary 'Luo, F.'    1 ? 
primary 'Fong, Y.H.' 2 ? 
primary 'Zeng, Y.'   3 ? 
primary 'Shen, J.'   4 ? 
primary 'Jiang, L.'  5 ? 
primary 'Wong, K.B.' 6 ? 
# 
loop_
_entity.id 
_entity.type 
_entity.src_method 
_entity.pdbx_description 
_entity.formula_weight 
_entity.pdbx_number_of_molecules 
_entity.pdbx_ec 
_entity.pdbx_mutation 
_entity.pdbx_fragment 
_entity.details 
1 polymer     man 'Vacuolar-sorting receptor 1' 17831.242 1   ? ? 'UNP residues 20-182' ? 
2 non-polymer syn 'IODIDE ION'                  126.904   6   ? ? ?                     ? 
3 water       nat water                         18.015    137 ? ? ?                     ? 
# 
_entity_name_com.entity_id   1 
_entity_name_com.name        
'AtVSR1,BP80-like protein b,AtBP80b,Epidermal growth factor receptor-like protein 1,AtELP1,Spot 3 protein' 
# 
_entity_poly.entity_id                      1 
_entity_poly.type                           'polypeptide(L)' 
_entity_poly.nstd_linkage                   no 
_entity_poly.nstd_monomer                   no 
_entity_poly.pdbx_seq_one_letter_code       
;GSRFVVEKNNLKVTSPDSIKGIYECAIGNFGVPQYGGTLVGTVVYPKSNQKACKSYSDFDISFKSKPGRLPTFVLIDRGD
CYFTLKAWIAQQAGAAAILVADSKAEPLITMDTPEEDKSDADYLQNITIPSALITKTLGDSIKSALSGGDMVNMKLDWTE
SVPHP
;
_entity_poly.pdbx_seq_one_letter_code_can   
;GSRFVVEKNNLKVTSPDSIKGIYECAIGNFGVPQYGGTLVGTVVYPKSNQKACKSYSDFDISFKSKPGRLPTFVLIDRGD
CYFTLKAWIAQQAGAAAILVADSKAEPLITMDTPEEDKSDADYLQNITIPSALITKTLGDSIKSALSGGDMVNMKLDWTE
SVPHP
;
_entity_poly.pdbx_strand_id                 A 
_entity_poly.pdbx_target_identifier         ? 
# 
loop_
_pdbx_entity_nonpoly.entity_id 
_pdbx_entity_nonpoly.name 
_pdbx_entity_nonpoly.comp_id 
2 'IODIDE ION' IOD 
3 water        HOH 
# 
loop_
_entity_poly_seq.entity_id 
_entity_poly_seq.num 
_entity_poly_seq.mon_id 
_entity_poly_seq.hetero 
1 1   GLY n 
1 2   SER n 
1 3   ARG n 
1 4   PHE n 
1 5   VAL n 
1 6   VAL n 
1 7   GLU n 
1 8   LYS n 
1 9   ASN n 
1 10  ASN n 
1 11  LEU n 
1 12  LYS n 
1 13  VAL n 
1 14  THR n 
1 15  SER n 
1 16  PRO n 
1 17  ASP n 
1 18  SER n 
1 19  ILE n 
1 20  LYS n 
1 21  GLY n 
1 22  ILE n 
1 23  TYR n 
1 24  GLU n 
1 25  CYS n 
1 26  ALA n 
1 27  ILE n 
1 28  GLY n 
1 29  ASN n 
1 30  PHE n 
1 31  GLY n 
1 32  VAL n 
1 33  PRO n 
1 34  GLN n 
1 35  TYR n 
1 36  GLY n 
1 37  GLY n 
1 38  THR n 
1 39  LEU n 
1 40  VAL n 
1 41  GLY n 
1 42  THR n 
1 43  VAL n 
1 44  VAL n 
1 45  TYR n 
1 46  PRO n 
1 47  LYS n 
1 48  SER n 
1 49  ASN n 
1 50  GLN n 
1 51  LYS n 
1 52  ALA n 
1 53  CYS n 
1 54  LYS n 
1 55  SER n 
1 56  TYR n 
1 57  SER n 
1 58  ASP n 
1 59  PHE n 
1 60  ASP n 
1 61  ILE n 
1 62  SER n 
1 63  PHE n 
1 64  LYS n 
1 65  SER n 
1 66  LYS n 
1 67  PRO n 
1 68  GLY n 
1 69  ARG n 
1 70  LEU n 
1 71  PRO n 
1 72  THR n 
1 73  PHE n 
1 74  VAL n 
1 75  LEU n 
1 76  ILE n 
1 77  ASP n 
1 78  ARG n 
1 79  GLY n 
1 80  ASP n 
1 81  CYS n 
1 82  TYR n 
1 83  PHE n 
1 84  THR n 
1 85  LEU n 
1 86  LYS n 
1 87  ALA n 
1 88  TRP n 
1 89  ILE n 
1 90  ALA n 
1 91  GLN n 
1 92  GLN n 
1 93  ALA n 
1 94  GLY n 
1 95  ALA n 
1 96  ALA n 
1 97  ALA n 
1 98  ILE n 
1 99  LEU n 
1 100 VAL n 
1 101 ALA n 
1 102 ASP n 
1 103 SER n 
1 104 LYS n 
1 105 ALA n 
1 106 GLU n 
1 107 PRO n 
1 108 LEU n 
1 109 ILE n 
1 110 THR n 
1 111 MET n 
1 112 ASP n 
1 113 THR n 
1 114 PRO n 
1 115 GLU n 
1 116 GLU n 
1 117 ASP n 
1 118 LYS n 
1 119 SER n 
1 120 ASP n 
1 121 ALA n 
1 122 ASP n 
1 123 TYR n 
1 124 LEU n 
1 125 GLN n 
1 126 ASN n 
1 127 ILE n 
1 128 THR n 
1 129 ILE n 
1 130 PRO n 
1 131 SER n 
1 132 ALA n 
1 133 LEU n 
1 134 ILE n 
1 135 THR n 
1 136 LYS n 
1 137 THR n 
1 138 LEU n 
1 139 GLY n 
1 140 ASP n 
1 141 SER n 
1 142 ILE n 
1 143 LYS n 
1 144 SER n 
1 145 ALA n 
1 146 LEU n 
1 147 SER n 
1 148 GLY n 
1 149 GLY n 
1 150 ASP n 
1 151 MET n 
1 152 VAL n 
1 153 ASN n 
1 154 MET n 
1 155 LYS n 
1 156 LEU n 
1 157 ASP n 
1 158 TRP n 
1 159 THR n 
1 160 GLU n 
1 161 SER n 
1 162 VAL n 
1 163 PRO n 
1 164 HIS n 
1 165 PRO n 
# 
_entity_src_gen.entity_id                          1 
_entity_src_gen.pdbx_src_id                        1 
_entity_src_gen.pdbx_alt_source_flag               sample 
_entity_src_gen.pdbx_seq_type                      'Biological sequence' 
_entity_src_gen.pdbx_beg_seq_num                   1 
_entity_src_gen.pdbx_end_seq_num                   165 
_entity_src_gen.gene_src_common_name               'Mouse-ear cress' 
_entity_src_gen.gene_src_genus                     ? 
_entity_src_gen.pdbx_gene_src_gene                 'VSR1, BP80B, ELP, ELP1, At3g52850, F8J2.20' 
_entity_src_gen.gene_src_species                   ? 
_entity_src_gen.gene_src_strain                    ? 
_entity_src_gen.gene_src_tissue                    ? 
_entity_src_gen.gene_src_tissue_fraction           ? 
_entity_src_gen.gene_src_details                   ? 
_entity_src_gen.pdbx_gene_src_fragment             ? 
_entity_src_gen.pdbx_gene_src_scientific_name      'Arabidopsis thaliana' 
_entity_src_gen.pdbx_gene_src_ncbi_taxonomy_id     3702 
_entity_src_gen.pdbx_gene_src_variant              ? 
_entity_src_gen.pdbx_gene_src_cell_line            ? 
_entity_src_gen.pdbx_gene_src_atcc                 ? 
_entity_src_gen.pdbx_gene_src_organ                ? 
_entity_src_gen.pdbx_gene_src_organelle            ? 
_entity_src_gen.pdbx_gene_src_cell                 ? 
_entity_src_gen.pdbx_gene_src_cellular_location    ? 
_entity_src_gen.host_org_common_name               ? 
_entity_src_gen.pdbx_host_org_scientific_name      'Escherichia coli' 
_entity_src_gen.pdbx_host_org_ncbi_taxonomy_id     562 
_entity_src_gen.host_org_genus                     ? 
_entity_src_gen.pdbx_host_org_gene                 ? 
_entity_src_gen.pdbx_host_org_organ                ? 
_entity_src_gen.host_org_species                   ? 
_entity_src_gen.pdbx_host_org_tissue               ? 
_entity_src_gen.pdbx_host_org_tissue_fraction      ? 
_entity_src_gen.pdbx_host_org_strain               ? 
_entity_src_gen.pdbx_host_org_variant              ? 
_entity_src_gen.pdbx_host_org_cell_line            ? 
_entity_src_gen.pdbx_host_org_atcc                 ? 
_entity_src_gen.pdbx_host_org_culture_collection   ? 
_entity_src_gen.pdbx_host_org_cell                 ? 
_entity_src_gen.pdbx_host_org_organelle            ? 
_entity_src_gen.pdbx_host_org_cellular_location    ? 
_entity_src_gen.pdbx_host_org_vector_type          ? 
_entity_src_gen.pdbx_host_org_vector               ? 
_entity_src_gen.host_org_details                   ? 
_entity_src_gen.expression_system_id               ? 
_entity_src_gen.plasmid_name                       ? 
_entity_src_gen.plasmid_details                    ? 
_entity_src_gen.pdbx_description                   ? 
# 
loop_
_chem_comp.id 
_chem_comp.type 
_chem_comp.mon_nstd_flag 
_chem_comp.name 
_chem_comp.pdbx_synonyms 
_chem_comp.formula 
_chem_comp.formula_weight 
ALA 'L-peptide linking' y ALANINE         ? 'C3 H7 N O2'     89.093  
ARG 'L-peptide linking' y ARGININE        ? 'C6 H15 N4 O2 1' 175.209 
ASN 'L-peptide linking' y ASPARAGINE      ? 'C4 H8 N2 O3'    132.118 
ASP 'L-peptide linking' y 'ASPARTIC ACID' ? 'C4 H7 N O4'     133.103 
CYS 'L-peptide linking' y CYSTEINE        ? 'C3 H7 N O2 S'   121.158 
GLN 'L-peptide linking' y GLUTAMINE       ? 'C5 H10 N2 O3'   146.144 
GLU 'L-peptide linking' y 'GLUTAMIC ACID' ? 'C5 H9 N O4'     147.129 
GLY 'peptide linking'   y GLYCINE         ? 'C2 H5 N O2'     75.067  
HIS 'L-peptide linking' y HISTIDINE       ? 'C6 H10 N3 O2 1' 156.162 
HOH non-polymer         . WATER           ? 'H2 O'           18.015  
ILE 'L-peptide linking' y ISOLEUCINE      ? 'C6 H13 N O2'    131.173 
IOD non-polymer         . 'IODIDE ION'    ? 'I -1'           126.904 
LEU 'L-peptide linking' y LEUCINE         ? 'C6 H13 N O2'    131.173 
LYS 'L-peptide linking' y LYSINE          ? 'C6 H15 N2 O2 1' 147.195 
MET 'L-peptide linking' y METHIONINE      ? 'C5 H11 N O2 S'  149.211 
PHE 'L-peptide linking' y PHENYLALANINE   ? 'C9 H11 N O2'    165.189 
PRO 'L-peptide linking' y PROLINE         ? 'C5 H9 N O2'     115.130 
SER 'L-peptide linking' y SERINE          ? 'C3 H7 N O3'     105.093 
THR 'L-peptide linking' y THREONINE       ? 'C4 H9 N O3'     119.119 
TRP 'L-peptide linking' y TRYPTOPHAN      ? 'C11 H12 N2 O2'  204.225 
TYR 'L-peptide linking' y TYROSINE        ? 'C9 H11 N O3'    181.189 
VAL 'L-peptide linking' y VALINE          ? 'C5 H11 N O2'    117.146 
# 
loop_
_pdbx_poly_seq_scheme.asym_id 
_pdbx_poly_seq_scheme.entity_id 
_pdbx_poly_seq_scheme.seq_id 
_pdbx_poly_seq_scheme.mon_id 
_pdbx_poly_seq_scheme.ndb_seq_num 
_pdbx_poly_seq_scheme.pdb_seq_num 
_pdbx_poly_seq_scheme.auth_seq_num 
_pdbx_poly_seq_scheme.pdb_mon_id 
_pdbx_poly_seq_scheme.auth_mon_id 
_pdbx_poly_seq_scheme.pdb_strand_id 
_pdbx_poly_seq_scheme.pdb_ins_code 
_pdbx_poly_seq_scheme.hetero 
A 1 1   GLY 1   18  18  GLY GLY A . n 
A 1 2   SER 2   19  19  SER SER A . n 
A 1 3   ARG 3   20  20  ARG ARG A . n 
A 1 4   PHE 4   21  21  PHE PHE A . n 
A 1 5   VAL 5   22  22  VAL VAL A . n 
A 1 6   VAL 6   23  23  VAL VAL A . n 
A 1 7   GLU 7   24  24  GLU GLU A . n 
A 1 8   LYS 8   25  25  LYS LYS A . n 
A 1 9   ASN 9   26  26  ASN ASN A . n 
A 1 10  ASN 10  27  27  ASN ASN A . n 
A 1 11  LEU 11  28  28  LEU LEU A . n 
A 1 12  LYS 12  29  29  LYS LYS A . n 
A 1 13  VAL 13  30  30  VAL VAL A . n 
A 1 14  THR 14  31  31  THR THR A . n 
A 1 15  SER 15  32  32  SER SER A . n 
A 1 16  PRO 16  33  33  PRO PRO A . n 
A 1 17  ASP 17  34  34  ASP ASP A . n 
A 1 18  SER 18  35  35  SER SER A . n 
A 1 19  ILE 19  36  36  ILE ILE A . n 
A 1 20  LYS 20  37  37  LYS LYS A . n 
A 1 21  GLY 21  38  38  GLY GLY A . n 
A 1 22  ILE 22  39  39  ILE ILE A . n 
A 1 23  TYR 23  40  40  TYR TYR A . n 
A 1 24  GLU 24  41  41  GLU GLU A . n 
A 1 25  CYS 25  42  42  CYS CYS A . n 
A 1 26  ALA 26  43  43  ALA ALA A . n 
A 1 27  ILE 27  44  44  ILE ILE A . n 
A 1 28  GLY 28  45  45  GLY GLY A . n 
A 1 29  ASN 29  46  46  ASN ASN A . n 
A 1 30  PHE 30  47  47  PHE PHE A . n 
A 1 31  GLY 31  48  48  GLY GLY A . n 
A 1 32  VAL 32  49  49  VAL VAL A . n 
A 1 33  PRO 33  50  50  PRO PRO A . n 
A 1 34  GLN 34  51  51  GLN GLN A . n 
A 1 35  TYR 35  52  52  TYR TYR A . n 
A 1 36  GLY 36  53  53  GLY GLY A . n 
A 1 37  GLY 37  54  54  GLY GLY A . n 
A 1 38  THR 38  55  55  THR THR A . n 
A 1 39  LEU 39  56  56  LEU LEU A . n 
A 1 40  VAL 40  57  57  VAL VAL A . n 
A 1 41  GLY 41  58  58  GLY GLY A . n 
A 1 42  THR 42  59  59  THR THR A . n 
A 1 43  VAL 43  60  60  VAL VAL A . n 
A 1 44  VAL 44  61  61  VAL VAL A . n 
A 1 45  TYR 45  62  62  TYR TYR A . n 
A 1 46  PRO 46  63  63  PRO PRO A . n 
A 1 47  LYS 47  64  64  LYS LYS A . n 
A 1 48  SER 48  65  65  SER SER A . n 
A 1 49  ASN 49  66  66  ASN ASN A . n 
A 1 50  GLN 50  67  67  GLN GLN A . n 
A 1 51  LYS 51  68  68  LYS LYS A . n 
A 1 52  ALA 52  69  69  ALA ALA A . n 
A 1 53  CYS 53  70  70  CYS CYS A . n 
A 1 54  LYS 54  71  71  LYS LYS A . n 
A 1 55  SER 55  72  72  SER SER A . n 
A 1 56  TYR 56  73  73  TYR TYR A . n 
A 1 57  SER 57  74  74  SER SER A . n 
A 1 58  ASP 58  75  75  ASP ASP A . n 
A 1 59  PHE 59  76  76  PHE PHE A . n 
A 1 60  ASP 60  77  77  ASP ASP A . n 
A 1 61  ILE 61  78  78  ILE ILE A . n 
A 1 62  SER 62  79  79  SER SER A . n 
A 1 63  PHE 63  80  80  PHE PHE A . n 
A 1 64  LYS 64  81  81  LYS LYS A . n 
A 1 65  SER 65  82  82  SER SER A . n 
A 1 66  LYS 66  83  83  LYS LYS A . n 
A 1 67  PRO 67  84  84  PRO PRO A . n 
A 1 68  GLY 68  85  85  GLY GLY A . n 
A 1 69  ARG 69  86  86  ARG ARG A . n 
A 1 70  LEU 70  87  87  LEU LEU A . n 
A 1 71  PRO 71  88  88  PRO PRO A . n 
A 1 72  THR 72  89  89  THR THR A . n 
A 1 73  PHE 73  90  90  PHE PHE A . n 
A 1 74  VAL 74  91  91  VAL VAL A . n 
A 1 75  LEU 75  92  92  LEU LEU A . n 
A 1 76  ILE 76  93  93  ILE ILE A . n 
A 1 77  ASP 77  94  94  ASP ASP A . n 
A 1 78  ARG 78  95  95  ARG ARG A . n 
A 1 79  GLY 79  96  96  GLY GLY A . n 
A 1 80  ASP 80  97  97  ASP ASP A . n 
A 1 81  CYS 81  98  98  CYS CYS A . n 
A 1 82  TYR 82  99  99  TYR TYR A . n 
A 1 83  PHE 83  100 100 PHE PHE A . n 
A 1 84  THR 84  101 101 THR THR A . n 
A 1 85  LEU 85  102 102 LEU LEU A . n 
A 1 86  LYS 86  103 103 LYS LYS A . n 
A 1 87  ALA 87  104 104 ALA ALA A . n 
A 1 88  TRP 88  105 105 TRP TRP A . n 
A 1 89  ILE 89  106 106 ILE ILE A . n 
A 1 90  ALA 90  107 107 ALA ALA A . n 
A 1 91  GLN 91  108 108 GLN GLN A . n 
A 1 92  GLN 92  109 109 GLN GLN A . n 
A 1 93  ALA 93  110 110 ALA ALA A . n 
A 1 94  GLY 94  111 111 GLY GLY A . n 
A 1 95  ALA 95  112 112 ALA ALA A . n 
A 1 96  ALA 96  113 113 ALA ALA A . n 
A 1 97  ALA 97  114 114 ALA ALA A . n 
A 1 98  ILE 98  115 115 ILE ILE A . n 
A 1 99  LEU 99  116 116 LEU LEU A . n 
A 1 100 VAL 100 117 117 VAL VAL A . n 
A 1 101 ALA 101 118 118 ALA ALA A . n 
A 1 102 ASP 102 119 119 ASP ASP A . n 
A 1 103 SER 103 120 120 SER SER A . n 
A 1 104 LYS 104 121 121 LYS LYS A . n 
A 1 105 ALA 105 122 122 ALA ALA A . n 
A 1 106 GLU 106 123 123 GLU GLU A . n 
A 1 107 PRO 107 124 124 PRO PRO A . n 
A 1 108 LEU 108 125 125 LEU LEU A . n 
A 1 109 ILE 109 126 126 ILE ILE A . n 
A 1 110 THR 110 127 127 THR THR A . n 
A 1 111 MET 111 128 128 MET MET A . n 
A 1 112 ASP 112 129 129 ASP ASP A . n 
A 1 113 THR 113 130 130 THR THR A . n 
A 1 114 PRO 114 131 131 PRO PRO A . n 
A 1 115 GLU 115 132 132 GLU GLU A . n 
A 1 116 GLU 116 133 133 GLU GLU A . n 
A 1 117 ASP 117 134 134 ASP ASP A . n 
A 1 118 LYS 118 135 135 LYS LYS A . n 
A 1 119 SER 119 136 136 SER SER A . n 
A 1 120 ASP 120 137 137 ASP ASP A . n 
A 1 121 ALA 121 138 138 ALA ALA A . n 
A 1 122 ASP 122 139 139 ASP ASP A . n 
A 1 123 TYR 123 140 140 TYR TYR A . n 
A 1 124 LEU 124 141 141 LEU LEU A . n 
A 1 125 GLN 125 142 142 GLN GLN A . n 
A 1 126 ASN 126 143 143 ASN ASN A . n 
A 1 127 ILE 127 144 144 ILE ILE A . n 
A 1 128 THR 128 145 145 THR THR A . n 
A 1 129 ILE 129 146 146 ILE ILE A . n 
A 1 130 PRO 130 147 147 PRO PRO A . n 
A 1 131 SER 131 148 148 SER SER A . n 
A 1 132 ALA 132 149 149 ALA ALA A . n 
A 1 133 LEU 133 150 150 LEU LEU A . n 
A 1 134 ILE 134 151 151 ILE ILE A . n 
A 1 135 THR 135 152 152 THR THR A . n 
A 1 136 LYS 136 153 153 LYS LYS A . n 
A 1 137 THR 137 154 154 THR THR A . n 
A 1 138 LEU 138 155 155 LEU LEU A . n 
A 1 139 GLY 139 156 156 GLY GLY A . n 
A 1 140 ASP 140 157 157 ASP ASP A . n 
A 1 141 SER 141 158 158 SER SER A . n 
A 1 142 ILE 142 159 159 ILE ILE A . n 
A 1 143 LYS 143 160 160 LYS LYS A . n 
A 1 144 SER 144 161 161 SER SER A . n 
A 1 145 ALA 145 162 162 ALA ALA A . n 
A 1 146 LEU 146 163 163 LEU LEU A . n 
A 1 147 SER 147 164 164 SER SER A . n 
A 1 148 GLY 148 165 165 GLY GLY A . n 
A 1 149 GLY 149 166 166 GLY GLY A . n 
A 1 150 ASP 150 167 167 ASP ASP A . n 
A 1 151 MET 151 168 168 MET MET A . n 
A 1 152 VAL 152 169 169 VAL VAL A . n 
A 1 153 ASN 153 170 170 ASN ASN A . n 
A 1 154 MET 154 171 171 MET MET A . n 
A 1 155 LYS 155 172 172 LYS LYS A . n 
A 1 156 LEU 156 173 173 LEU LEU A . n 
A 1 157 ASP 157 174 174 ASP ASP A . n 
A 1 158 TRP 158 175 175 TRP TRP A . n 
A 1 159 THR 159 176 176 THR THR A . n 
A 1 160 GLU 160 177 177 GLU GLU A . n 
A 1 161 SER 161 178 178 SER SER A . n 
A 1 162 VAL 162 179 179 VAL VAL A . n 
A 1 163 PRO 163 180 180 PRO PRO A . n 
A 1 164 HIS 164 181 181 HIS HIS A . n 
A 1 165 PRO 165 182 182 PRO PRO A . n 
# 
loop_
_pdbx_nonpoly_scheme.asym_id 
_pdbx_nonpoly_scheme.entity_id 
_pdbx_nonpoly_scheme.mon_id 
_pdbx_nonpoly_scheme.ndb_seq_num 
_pdbx_nonpoly_scheme.pdb_seq_num 
_pdbx_nonpoly_scheme.auth_seq_num 
_pdbx_nonpoly_scheme.pdb_mon_id 
_pdbx_nonpoly_scheme.auth_mon_id 
_pdbx_nonpoly_scheme.pdb_strand_id 
_pdbx_nonpoly_scheme.pdb_ins_code 
B 2 IOD 1   201 1   IOD IOD A . 
C 2 IOD 1   202 3   IOD IOD A . 
D 2 IOD 1   203 4   IOD IOD A . 
E 2 IOD 1   204 5   IOD IOD A . 
F 2 IOD 1   205 11  IOD IOD A . 
G 2 IOD 1   206 18  IOD IOD A . 
H 3 HOH 1   301 25  HOH HOH A . 
H 3 HOH 2   302 107 HOH HOH A . 
H 3 HOH 3   303 121 HOH HOH A . 
H 3 HOH 4   304 92  HOH HOH A . 
H 3 HOH 5   305 47  HOH HOH A . 
H 3 HOH 6   306 19  HOH HOH A . 
H 3 HOH 7   307 104 HOH HOH A . 
H 3 HOH 8   308 41  HOH HOH A . 
H 3 HOH 9   309 86  HOH HOH A . 
H 3 HOH 10  310 66  HOH HOH A . 
H 3 HOH 11  311 118 HOH HOH A . 
H 3 HOH 12  312 52  HOH HOH A . 
H 3 HOH 13  313 55  HOH HOH A . 
H 3 HOH 14  314 31  HOH HOH A . 
H 3 HOH 15  315 49  HOH HOH A . 
H 3 HOH 16  316 40  HOH HOH A . 
H 3 HOH 17  317 11  HOH HOH A . 
H 3 HOH 18  318 85  HOH HOH A . 
H 3 HOH 19  319 13  HOH HOH A . 
H 3 HOH 20  320 14  HOH HOH A . 
H 3 HOH 21  321 43  HOH HOH A . 
H 3 HOH 22  322 32  HOH HOH A . 
H 3 HOH 23  323 51  HOH HOH A . 
H 3 HOH 24  324 10  HOH HOH A . 
H 3 HOH 25  325 12  HOH HOH A . 
H 3 HOH 26  326 21  HOH HOH A . 
H 3 HOH 27  327 105 HOH HOH A . 
H 3 HOH 28  328 78  HOH HOH A . 
H 3 HOH 29  329 128 HOH HOH A . 
H 3 HOH 30  330 84  HOH HOH A . 
H 3 HOH 31  331 58  HOH HOH A . 
H 3 HOH 32  332 97  HOH HOH A . 
H 3 HOH 33  333 59  HOH HOH A . 
H 3 HOH 34  334 70  HOH HOH A . 
H 3 HOH 35  335 87  HOH HOH A . 
H 3 HOH 36  336 23  HOH HOH A . 
H 3 HOH 37  337 33  HOH HOH A . 
H 3 HOH 38  338 39  HOH HOH A . 
H 3 HOH 39  339 42  HOH HOH A . 
H 3 HOH 40  340 69  HOH HOH A . 
H 3 HOH 41  341 101 HOH HOH A . 
H 3 HOH 42  342 50  HOH HOH A . 
H 3 HOH 43  343 116 HOH HOH A . 
H 3 HOH 44  344 60  HOH HOH A . 
H 3 HOH 45  345 89  HOH HOH A . 
H 3 HOH 46  346 68  HOH HOH A . 
H 3 HOH 47  347 91  HOH HOH A . 
H 3 HOH 48  348 96  HOH HOH A . 
H 3 HOH 49  349 34  HOH HOH A . 
H 3 HOH 50  350 130 HOH HOH A . 
H 3 HOH 51  351 61  HOH HOH A . 
H 3 HOH 52  352 120 HOH HOH A . 
H 3 HOH 53  353 126 HOH HOH A . 
H 3 HOH 54  354 100 HOH HOH A . 
H 3 HOH 55  355 134 HOH HOH A . 
H 3 HOH 56  356 90  HOH HOH A . 
H 3 HOH 57  357 62  HOH HOH A . 
H 3 HOH 58  358 72  HOH HOH A . 
H 3 HOH 59  359 129 HOH HOH A . 
H 3 HOH 60  360 103 HOH HOH A . 
H 3 HOH 61  361 30  HOH HOH A . 
H 3 HOH 62  362 113 HOH HOH A . 
H 3 HOH 63  363 123 HOH HOH A . 
H 3 HOH 64  364 112 HOH HOH A . 
H 3 HOH 65  365 133 HOH HOH A . 
H 3 HOH 66  366 119 HOH HOH A . 
H 3 HOH 67  367 74  HOH HOH A . 
H 3 HOH 68  368 73  HOH HOH A . 
H 3 HOH 69  369 131 HOH HOH A . 
H 3 HOH 70  370 65  HOH HOH A . 
H 3 HOH 71  371 88  HOH HOH A . 
H 3 HOH 72  372 135 HOH HOH A . 
H 3 HOH 73  373 122 HOH HOH A . 
H 3 HOH 74  374 1   HOH HOH A . 
H 3 HOH 75  375 2   HOH HOH A . 
H 3 HOH 76  376 3   HOH HOH A . 
H 3 HOH 77  377 4   HOH HOH A . 
H 3 HOH 78  378 5   HOH HOH A . 
H 3 HOH 79  379 6   HOH HOH A . 
H 3 HOH 80  380 7   HOH HOH A . 
H 3 HOH 81  381 8   HOH HOH A . 
H 3 HOH 82  382 9   HOH HOH A . 
H 3 HOH 83  383 15  HOH HOH A . 
H 3 HOH 84  384 16  HOH HOH A . 
H 3 HOH 85  385 17  HOH HOH A . 
H 3 HOH 86  386 18  HOH HOH A . 
H 3 HOH 87  387 20  HOH HOH A . 
H 3 HOH 88  388 22  HOH HOH A . 
H 3 HOH 89  389 24  HOH HOH A . 
H 3 HOH 90  390 26  HOH HOH A . 
H 3 HOH 91  391 27  HOH HOH A . 
H 3 HOH 92  392 28  HOH HOH A . 
H 3 HOH 93  393 29  HOH HOH A . 
H 3 HOH 94  394 35  HOH HOH A . 
H 3 HOH 95  395 36  HOH HOH A . 
H 3 HOH 96  396 37  HOH HOH A . 
H 3 HOH 97  397 38  HOH HOH A . 
H 3 HOH 98  398 44  HOH HOH A . 
H 3 HOH 99  399 45  HOH HOH A . 
H 3 HOH 100 400 46  HOH HOH A . 
H 3 HOH 101 401 48  HOH HOH A . 
H 3 HOH 102 402 53  HOH HOH A . 
H 3 HOH 103 403 54  HOH HOH A . 
H 3 HOH 104 404 56  HOH HOH A . 
H 3 HOH 105 405 57  HOH HOH A . 
H 3 HOH 106 406 63  HOH HOH A . 
H 3 HOH 107 407 64  HOH HOH A . 
H 3 HOH 108 408 67  HOH HOH A . 
H 3 HOH 109 409 71  HOH HOH A . 
H 3 HOH 110 410 75  HOH HOH A . 
H 3 HOH 111 411 76  HOH HOH A . 
H 3 HOH 112 412 77  HOH HOH A . 
H 3 HOH 113 413 79  HOH HOH A . 
H 3 HOH 114 414 80  HOH HOH A . 
H 3 HOH 115 415 81  HOH HOH A . 
H 3 HOH 116 416 82  HOH HOH A . 
H 3 HOH 117 417 83  HOH HOH A . 
H 3 HOH 118 418 93  HOH HOH A . 
H 3 HOH 119 419 94  HOH HOH A . 
H 3 HOH 120 420 95  HOH HOH A . 
H 3 HOH 121 421 98  HOH HOH A . 
H 3 HOH 122 422 99  HOH HOH A . 
H 3 HOH 123 423 102 HOH HOH A . 
H 3 HOH 124 424 106 HOH HOH A . 
H 3 HOH 125 425 108 HOH HOH A . 
H 3 HOH 126 426 109 HOH HOH A . 
H 3 HOH 127 427 110 HOH HOH A . 
H 3 HOH 128 428 111 HOH HOH A . 
H 3 HOH 129 429 114 HOH HOH A . 
H 3 HOH 130 430 115 HOH HOH A . 
H 3 HOH 131 431 117 HOH HOH A . 
H 3 HOH 132 432 124 HOH HOH A . 
H 3 HOH 133 433 125 HOH HOH A . 
H 3 HOH 134 434 127 HOH HOH A . 
H 3 HOH 135 435 132 HOH HOH A . 
H 3 HOH 136 436 136 HOH HOH A . 
H 3 HOH 137 437 137 HOH HOH A . 
# 
loop_
_pdbx_unobs_or_zero_occ_atoms.id 
_pdbx_unobs_or_zero_occ_atoms.PDB_model_num 
_pdbx_unobs_or_zero_occ_atoms.polymer_flag 
_pdbx_unobs_or_zero_occ_atoms.occupancy_flag 
_pdbx_unobs_or_zero_occ_atoms.auth_asym_id 
_pdbx_unobs_or_zero_occ_atoms.auth_comp_id 
_pdbx_unobs_or_zero_occ_atoms.auth_seq_id 
_pdbx_unobs_or_zero_occ_atoms.PDB_ins_code 
_pdbx_unobs_or_zero_occ_atoms.auth_atom_id 
_pdbx_unobs_or_zero_occ_atoms.label_alt_id 
_pdbx_unobs_or_zero_occ_atoms.label_asym_id 
_pdbx_unobs_or_zero_occ_atoms.label_comp_id 
_pdbx_unobs_or_zero_occ_atoms.label_seq_id 
_pdbx_unobs_or_zero_occ_atoms.label_atom_id 
1  1 Y 1 A LYS 83 ? CG  ? A LYS 66 CG  
2  1 Y 1 A LYS 83 ? CD  ? A LYS 66 CD  
3  1 Y 1 A LYS 83 ? CE  ? A LYS 66 CE  
4  1 Y 1 A LYS 83 ? NZ  ? A LYS 66 NZ  
5  1 Y 1 A ARG 86 ? CG  ? A ARG 69 CG  
6  1 Y 1 A ARG 86 ? CD  ? A ARG 69 CD  
7  1 Y 1 A ARG 86 ? NE  ? A ARG 69 NE  
8  1 Y 1 A ARG 86 ? CZ  ? A ARG 69 CZ  
9  1 Y 1 A ARG 86 ? NH1 ? A ARG 69 NH1 
10 1 Y 1 A ARG 86 ? NH2 ? A ARG 69 NH2 
# 
loop_
_software.citation_id 
_software.classification 
_software.compiler_name 
_software.compiler_version 
_software.contact_author 
_software.contact_author_email 
_software.date 
_software.description 
_software.dependencies 
_software.hardware 
_software.language 
_software.location 
_software.mods 
_software.name 
_software.os 
_software.os_version 
_software.type 
_software.version 
_software.pdbx_ordinal 
? refinement     ? ? ? ? ? ? ? ? ? ? ? PHENIX ? ? ? '(phenix.refine: 1.8.4_1496)' 1 
? 'data scaling' ? ? ? ? ? ? ? ? ? ? ? XDS    ? ? ? .                             2 
# 
_cell.entry_id           4TJV 
_cell.length_a           32.600 
_cell.length_b           62.680 
_cell.length_c           35.810 
_cell.angle_alpha        90.00 
_cell.angle_beta         109.39 
_cell.angle_gamma        90.00 
_cell.Z_PDB              2 
_cell.pdbx_unique_axis   ? 
# 
_symmetry.entry_id                         4TJV 
_symmetry.cell_setting                     ? 
_symmetry.Int_Tables_number                4 
_symmetry.space_group_name_Hall            ? 
_symmetry.space_group_name_H-M             'P 1 21 1' 
_symmetry.pdbx_full_space_group_name_H-M   ? 
# 
_exptl.absorpt_coefficient_mu     ? 
_exptl.absorpt_correction_T_max   ? 
_exptl.absorpt_correction_T_min   ? 
_exptl.absorpt_correction_type    ? 
_exptl.absorpt_process_details    ? 
_exptl.entry_id                   4TJV 
_exptl.crystals_number            1 
_exptl.details                    ? 
_exptl.method                     'X-RAY DIFFRACTION' 
_exptl.method_details             ? 
# 
_exptl_crystal.colour                      ? 
_exptl_crystal.density_diffrn              ? 
_exptl_crystal.density_Matthews            1.94 
_exptl_crystal.density_method              ? 
_exptl_crystal.density_percent_sol         36.45 
_exptl_crystal.description                 ? 
_exptl_crystal.F_000                       ? 
_exptl_crystal.id                          1 
_exptl_crystal.preparation                 ? 
_exptl_crystal.size_max                    ? 
_exptl_crystal.size_mid                    ? 
_exptl_crystal.size_min                    ? 
_exptl_crystal.size_rad                    ? 
_exptl_crystal.colour_lustre               ? 
_exptl_crystal.colour_modifier             ? 
_exptl_crystal.colour_primary              ? 
_exptl_crystal.density_meas                ? 
_exptl_crystal.density_meas_esd            ? 
_exptl_crystal.density_meas_gt             ? 
_exptl_crystal.density_meas_lt             ? 
_exptl_crystal.density_meas_temp           ? 
_exptl_crystal.density_meas_temp_esd       ? 
_exptl_crystal.density_meas_temp_gt        ? 
_exptl_crystal.density_meas_temp_lt        ? 
_exptl_crystal.pdbx_crystal_image_url      ? 
_exptl_crystal.pdbx_crystal_image_format   ? 
_exptl_crystal.pdbx_mosaicity              ? 
_exptl_crystal.pdbx_mosaicity_esd          ? 
# 
_exptl_crystal_grow.apparatus       ? 
_exptl_crystal_grow.atmosphere      ? 
_exptl_crystal_grow.crystal_id      1 
_exptl_crystal_grow.details         ? 
_exptl_crystal_grow.method          'VAPOR DIFFUSION, HANGING DROP' 
_exptl_crystal_grow.method_ref      ? 
_exptl_crystal_grow.pH              ? 
_exptl_crystal_grow.pressure        ? 
_exptl_crystal_grow.pressure_esd    ? 
_exptl_crystal_grow.seeding         ? 
_exptl_crystal_grow.seeding_ref     ? 
_exptl_crystal_grow.temp            289 
_exptl_crystal_grow.temp_details    ? 
_exptl_crystal_grow.temp_esd        ? 
_exptl_crystal_grow.time            ? 
_exptl_crystal_grow.pdbx_details    '10% glycerol, 0.1 M MES pH 6.0, 30% PEG 600, 5% (w/v) PEG 1000.' 
_exptl_crystal_grow.pdbx_pH_range   ? 
# 
_diffrn.ambient_environment    ? 
_diffrn.ambient_temp           93 
_diffrn.ambient_temp_details   ? 
_diffrn.ambient_temp_esd       ? 
_diffrn.crystal_id             1 
_diffrn.crystal_support        ? 
_diffrn.crystal_treatment      ? 
_diffrn.details                ? 
_diffrn.id                     1 
_diffrn.ambient_pressure       ? 
_diffrn.ambient_pressure_esd   ? 
_diffrn.ambient_pressure_gt    ? 
_diffrn.ambient_pressure_lt    ? 
_diffrn.ambient_temp_gt        ? 
_diffrn.ambient_temp_lt        ? 
# 
_diffrn_detector.details                      ? 
_diffrn_detector.detector                     'IMAGE PLATE' 
_diffrn_detector.diffrn_id                    1 
_diffrn_detector.type                         'RIGAKU RAXIS IV++' 
_diffrn_detector.area_resol_mean              ? 
_diffrn_detector.dtime                        ? 
_diffrn_detector.pdbx_frames_total            ? 
_diffrn_detector.pdbx_collection_time_total   ? 
_diffrn_detector.pdbx_collection_date         2011-08-28 
# 
_diffrn_radiation.collimation                      ? 
_diffrn_radiation.diffrn_id                        1 
_diffrn_radiation.filter_edge                      ? 
_diffrn_radiation.inhomogeneity                    ? 
_diffrn_radiation.monochromator                    ? 
_diffrn_radiation.polarisn_norm                    ? 
_diffrn_radiation.polarisn_ratio                   ? 
_diffrn_radiation.probe                            ? 
_diffrn_radiation.type                             ? 
_diffrn_radiation.xray_symbol                      ? 
_diffrn_radiation.wavelength_id                    1 
_diffrn_radiation.pdbx_monochromatic_or_laue_m_l   M 
_diffrn_radiation.pdbx_wavelength_list             ? 
_diffrn_radiation.pdbx_wavelength                  ? 
_diffrn_radiation.pdbx_diffrn_protocol             'SINGLE WAVELENGTH' 
_diffrn_radiation.pdbx_analyzer                    ? 
_diffrn_radiation.pdbx_scattering_type             x-ray 
# 
_diffrn_radiation_wavelength.id           1 
_diffrn_radiation_wavelength.wavelength   1.54 
_diffrn_radiation_wavelength.wt           1.0 
# 
_diffrn_source.current                     ? 
_diffrn_source.details                     ? 
_diffrn_source.diffrn_id                   1 
_diffrn_source.power                       ? 
_diffrn_source.size                        ? 
_diffrn_source.source                      'ROTATING ANODE' 
_diffrn_source.target                      ? 
_diffrn_source.type                        'RIGAKU FR-E+ SUPERBRIGHT' 
_diffrn_source.voltage                     ? 
_diffrn_source.take-off_angle              ? 
_diffrn_source.pdbx_wavelength_list        1.54 
_diffrn_source.pdbx_wavelength             ? 
_diffrn_source.pdbx_synchrotron_beamline   ? 
_diffrn_source.pdbx_synchrotron_site       ? 
# 
_reflns.B_iso_Wilson_estimate            ? 
_reflns.entry_id                         4TJV 
_reflns.data_reduction_details           ? 
_reflns.data_reduction_method            ? 
_reflns.d_resolution_high                1.65 
_reflns.d_resolution_low                 33.78 
_reflns.details                          ? 
_reflns.limit_h_max                      ? 
_reflns.limit_h_min                      ? 
_reflns.limit_k_max                      ? 
_reflns.limit_k_min                      ? 
_reflns.limit_l_max                      ? 
_reflns.limit_l_min                      ? 
_reflns.number_all                       ? 
_reflns.number_obs                       15984 
_reflns.observed_criterion               ? 
_reflns.observed_criterion_F_max         ? 
_reflns.observed_criterion_F_min         ? 
_reflns.observed_criterion_I_max         ? 
_reflns.observed_criterion_I_min         ? 
_reflns.observed_criterion_sigma_F       ? 
_reflns.observed_criterion_sigma_I       ? 
_reflns.percent_possible_obs             97.7 
_reflns.R_free_details                   ? 
_reflns.Rmerge_F_all                     ? 
_reflns.Rmerge_F_obs                     ? 
_reflns.Friedel_coverage                 ? 
_reflns.number_gt                        ? 
_reflns.threshold_expression             ? 
_reflns.pdbx_redundancy                  15.5 
_reflns.pdbx_Rmerge_I_obs                0.026 
_reflns.pdbx_Rmerge_I_all                ? 
_reflns.pdbx_Rsym_value                  ? 
_reflns.pdbx_netI_over_av_sigmaI         ? 
_reflns.pdbx_netI_over_sigmaI            74.0 
_reflns.pdbx_res_netI_over_av_sigmaI_2   ? 
_reflns.pdbx_res_netI_over_sigmaI_2      ? 
_reflns.pdbx_chi_squared                 ? 
_reflns.pdbx_scaling_rejects             ? 
_reflns.pdbx_d_res_high_opt              ? 
_reflns.pdbx_d_res_low_opt               ? 
_reflns.pdbx_d_res_opt_method            ? 
_reflns.phase_calculation_details        ? 
_reflns.pdbx_Rrim_I_all                  ? 
_reflns.pdbx_Rpim_I_all                  ? 
_reflns.pdbx_d_opt                       ? 
_reflns.pdbx_number_measured_all         ? 
_reflns.pdbx_diffrn_id                   1 
_reflns.pdbx_ordinal                     1 
_reflns.pdbx_CC_half                     ? 
_reflns.pdbx_R_split                     ? 
# 
_reflns_shell.Rmerge_F_all                ? 
_reflns_shell.Rmerge_F_gt                 ? 
_reflns_shell.Rmerge_F_obs                ? 
_reflns_shell.Rmerge_I_all                ? 
_reflns_shell.Rmerge_I_gt                 ? 
_reflns_shell.Rmerge_I_obs                0.148 
_reflns_shell.d_res_high                  1.65 
_reflns_shell.d_res_low                   1.69 
_reflns_shell.meanI_over_sigI_all         ? 
_reflns_shell.meanI_over_sigI_gt          ? 
_reflns_shell.meanI_over_sigI_obs         19.1 
_reflns_shell.meanI_over_uI_all           ? 
_reflns_shell.meanI_over_uI_gt            ? 
_reflns_shell.number_measured_all         ? 
_reflns_shell.number_measured_gt          ? 
_reflns_shell.number_measured_obs         ? 
_reflns_shell.number_possible             ? 
_reflns_shell.number_unique_all           ? 
_reflns_shell.number_unique_gt            ? 
_reflns_shell.number_unique_obs           ? 
_reflns_shell.pdbx_CC_half                ? 
_reflns_shell.pdbx_R_split                ? 
_reflns_shell.pdbx_Rpim_I_all             ? 
_reflns_shell.pdbx_Rrim_I_all             ? 
_reflns_shell.pdbx_Rsym_value             ? 
_reflns_shell.pdbx_chi_squared            ? 
_reflns_shell.pdbx_diffrn_id              ? 
_reflns_shell.pdbx_netI_over_sigmaI_all   ? 
_reflns_shell.pdbx_netI_over_sigmaI_obs   ? 
_reflns_shell.pdbx_ordinal                1 
_reflns_shell.pdbx_redundancy             15.2 
_reflns_shell.pdbx_rejects                ? 
_reflns_shell.percent_possible_all        94.9 
_reflns_shell.percent_possible_gt         ? 
_reflns_shell.percent_possible_obs        ? 
# 
_refine.aniso_B[1][1]                            ? 
_refine.aniso_B[1][2]                            ? 
_refine.aniso_B[1][3]                            ? 
_refine.aniso_B[2][2]                            ? 
_refine.aniso_B[2][3]                            ? 
_refine.aniso_B[3][3]                            ? 
_refine.B_iso_max                                ? 
_refine.B_iso_mean                               ? 
_refine.B_iso_min                                ? 
_refine.correlation_coeff_Fo_to_Fc               ? 
_refine.correlation_coeff_Fo_to_Fc_free          ? 
_refine.details                                  ? 
_refine.diff_density_max                         ? 
_refine.diff_density_max_esd                     ? 
_refine.diff_density_min                         ? 
_refine.diff_density_min_esd                     ? 
_refine.diff_density_rms                         ? 
_refine.diff_density_rms_esd                     ? 
_refine.entry_id                                 4TJV 
_refine.pdbx_refine_id                           'X-RAY DIFFRACTION' 
_refine.ls_abs_structure_details                 ? 
_refine.ls_abs_structure_Flack                   ? 
_refine.ls_abs_structure_Flack_esd               ? 
_refine.ls_abs_structure_Rogers                  ? 
_refine.ls_abs_structure_Rogers_esd              ? 
_refine.ls_d_res_high                            1.651 
_refine.ls_d_res_low                             33.78 
_refine.ls_extinction_coef                       ? 
_refine.ls_extinction_coef_esd                   ? 
_refine.ls_extinction_expression                 ? 
_refine.ls_extinction_method                     ? 
_refine.ls_goodness_of_fit_all                   ? 
_refine.ls_goodness_of_fit_all_esd               ? 
_refine.ls_goodness_of_fit_obs                   ? 
_refine.ls_goodness_of_fit_obs_esd               ? 
_refine.ls_hydrogen_treatment                    ? 
_refine.ls_matrix_type                           ? 
_refine.ls_number_constraints                    ? 
_refine.ls_number_parameters                     ? 
_refine.ls_number_reflns_all                     ? 
_refine.ls_number_reflns_obs                     15966 
_refine.ls_number_reflns_R_free                  798 
_refine.ls_number_reflns_R_work                  ? 
_refine.ls_number_restraints                     ? 
_refine.ls_percent_reflns_obs                    97.65 
_refine.ls_percent_reflns_R_free                 5.01 
_refine.ls_R_factor_all                          ? 
_refine.ls_R_factor_obs                          0.1675 
_refine.ls_R_factor_R_free                       0.1902 
_refine.ls_R_factor_R_free_error                 ? 
_refine.ls_R_factor_R_free_error_details         ? 
_refine.ls_R_factor_R_work                       0.1662 
_refine.ls_R_Fsqd_factor_obs                     ? 
_refine.ls_R_I_factor_obs                        ? 
_refine.ls_redundancy_reflns_all                 ? 
_refine.ls_redundancy_reflns_obs                 ? 
_refine.ls_restrained_S_all                      ? 
_refine.ls_restrained_S_obs                      ? 
_refine.ls_shift_over_esd_max                    ? 
_refine.ls_shift_over_esd_mean                   ? 
_refine.ls_structure_factor_coef                 ? 
_refine.ls_weighting_details                     ? 
_refine.ls_weighting_scheme                      ? 
_refine.ls_wR_factor_all                         ? 
_refine.ls_wR_factor_obs                         ? 
_refine.ls_wR_factor_R_free                      ? 
_refine.ls_wR_factor_R_work                      ? 
_refine.occupancy_max                            ? 
_refine.occupancy_min                            ? 
_refine.solvent_model_details                    'FLAT BULK SOLVENT MODEL' 
_refine.solvent_model_param_bsol                 ? 
_refine.solvent_model_param_ksol                 ? 
_refine.ls_R_factor_gt                           ? 
_refine.ls_goodness_of_fit_gt                    ? 
_refine.ls_goodness_of_fit_ref                   ? 
_refine.ls_shift_over_su_max                     ? 
_refine.ls_shift_over_su_max_lt                  ? 
_refine.ls_shift_over_su_mean                    ? 
_refine.ls_shift_over_su_mean_lt                 ? 
_refine.pdbx_ls_sigma_I                          ? 
_refine.pdbx_ls_sigma_F                          1.84 
_refine.pdbx_ls_sigma_Fsqd                       ? 
_refine.pdbx_data_cutoff_high_absF               ? 
_refine.pdbx_data_cutoff_high_rms_absF           ? 
_refine.pdbx_data_cutoff_low_absF                ? 
_refine.pdbx_isotropic_thermal_model             ? 
_refine.pdbx_ls_cross_valid_method               'FREE R-VALUE' 
_refine.pdbx_method_to_determine_struct          SAD 
_refine.pdbx_starting_model                      ? 
_refine.pdbx_stereochemistry_target_values       ML 
_refine.pdbx_R_Free_selection_details            ? 
_refine.pdbx_stereochem_target_val_spec_case     ? 
_refine.pdbx_overall_ESU_R                       ? 
_refine.pdbx_overall_ESU_R_Free                  ? 
_refine.pdbx_solvent_vdw_probe_radii             1.11 
_refine.pdbx_solvent_ion_probe_radii             ? 
_refine.pdbx_solvent_shrinkage_radii             0.90 
_refine.pdbx_real_space_R                        ? 
_refine.pdbx_density_correlation                 ? 
_refine.pdbx_pd_number_of_powder_patterns        ? 
_refine.pdbx_pd_number_of_points                 ? 
_refine.pdbx_pd_meas_number_of_points            ? 
_refine.pdbx_pd_proc_ls_prof_R_factor            ? 
_refine.pdbx_pd_proc_ls_prof_wR_factor           ? 
_refine.pdbx_pd_Marquardt_correlation_coeff      ? 
_refine.pdbx_pd_Fsqrd_R_factor                   ? 
_refine.pdbx_pd_ls_matrix_band_width             ? 
_refine.pdbx_overall_phase_error                 18.99 
_refine.pdbx_overall_SU_R_free_Cruickshank_DPI   ? 
_refine.pdbx_overall_SU_R_free_Blow_DPI          ? 
_refine.pdbx_overall_SU_R_Blow_DPI               ? 
_refine.pdbx_TLS_residual_ADP_flag               ? 
_refine.pdbx_diffrn_id                           1 
_refine.overall_SU_B                             ? 
_refine.overall_SU_ML                            0.13 
_refine.overall_SU_R_Cruickshank_DPI             ? 
_refine.overall_SU_R_free                        ? 
_refine.overall_FOM_free_R_set                   ? 
_refine.overall_FOM_work_R_set                   ? 
# 
_refine_hist.pdbx_refine_id                   'X-RAY DIFFRACTION' 
_refine_hist.cycle_id                         LAST 
_refine_hist.pdbx_number_atoms_protein        1242 
_refine_hist.pdbx_number_atoms_nucleic_acid   0 
_refine_hist.pdbx_number_atoms_ligand         6 
_refine_hist.number_atoms_solvent             137 
_refine_hist.number_atoms_total               1385 
_refine_hist.d_res_high                       1.651 
_refine_hist.d_res_low                        33.78 
# 
loop_
_refine_ls_restr.pdbx_refine_id 
_refine_ls_restr.criterion 
_refine_ls_restr.dev_ideal 
_refine_ls_restr.dev_ideal_target 
_refine_ls_restr.number 
_refine_ls_restr.rejects 
_refine_ls_restr.type 
_refine_ls_restr.weight 
_refine_ls_restr.pdbx_restraint_function 
'X-RAY DIFFRACTION' ? 0.007  ? 1285 ? f_bond_d           ? ? 
'X-RAY DIFFRACTION' ? 1.352  ? 1752 ? f_angle_d          ? ? 
'X-RAY DIFFRACTION' ? 11.560 ? 470  ? f_dihedral_angle_d ? ? 
'X-RAY DIFFRACTION' ? 0.061  ? 202  ? f_chiral_restr     ? ? 
'X-RAY DIFFRACTION' ? 0.008  ? 227  ? f_plane_restr      ? ? 
# 
loop_
_refine_ls_shell.pdbx_refine_id 
_refine_ls_shell.d_res_high 
_refine_ls_shell.d_res_low 
_refine_ls_shell.number_reflns_all 
_refine_ls_shell.number_reflns_obs 
_refine_ls_shell.number_reflns_R_free 
_refine_ls_shell.number_reflns_R_work 
_refine_ls_shell.percent_reflns_obs 
_refine_ls_shell.percent_reflns_R_free 
_refine_ls_shell.R_factor_all 
_refine_ls_shell.R_factor_obs 
_refine_ls_shell.R_factor_R_free 
_refine_ls_shell.R_factor_R_free_error 
_refine_ls_shell.R_factor_R_work 
_refine_ls_shell.redundancy_reflns_all 
_refine_ls_shell.redundancy_reflns_obs 
_refine_ls_shell.wR_factor_all 
_refine_ls_shell.wR_factor_obs 
_refine_ls_shell.wR_factor_R_free 
_refine_ls_shell.wR_factor_R_work 
_refine_ls_shell.pdbx_total_number_of_bins_used 
_refine_ls_shell.pdbx_phase_error 
'X-RAY DIFFRACTION' 1.6512 1.7045  . . 130 2645 95.00  . . . 0.2479 . 0.1980 . . . . . . . . 
'X-RAY DIFFRACTION' 1.7045 1.7654  . . 153 2630 96.00  . . . 0.2270 . 0.1809 . . . . . . . . 
'X-RAY DIFFRACTION' 1.7654 1.8360  . . 135 2648 96.00  . . . 0.2022 . 0.1742 . . . . . . . . 
'X-RAY DIFFRACTION' 1.8360 1.9196  . . 157 2683 97.00  . . . 0.2441 . 0.1638 . . . . . . . . 
'X-RAY DIFFRACTION' 1.9196 2.0208  . . 146 2701 97.00  . . . 0.2080 . 0.1559 . . . . . . . . 
'X-RAY DIFFRACTION' 2.0208 2.1474  . . 155 2711 98.00  . . . 0.1734 . 0.1553 . . . . . . . . 
'X-RAY DIFFRACTION' 2.1474 2.3131  . . 125 2742 98.00  . . . 0.1842 . 0.1630 . . . . . . . . 
'X-RAY DIFFRACTION' 2.3131 2.5459  . . 118 2758 99.00  . . . 0.2148 . 0.1730 . . . . . . . . 
'X-RAY DIFFRACTION' 2.5459 2.9141  . . 140 2739 99.00  . . . 0.1913 . 0.1824 . . . . . . . . 
'X-RAY DIFFRACTION' 2.9141 3.6707  . . 147 2781 100.00 . . . 0.1863 . 0.1643 . . . . . . . . 
'X-RAY DIFFRACTION' 3.6707 33.7859 . . 164 2755 100.00 . . . 0.1603 . 0.1564 . . . . . . . . 
# 
_struct.entry_id                     4TJV 
_struct.title                        'Crystal structure of protease-associated domain of Arabidopsis vacuolar sorting receptor 1' 
_struct.pdbx_model_details           ? 
_struct.pdbx_formula_weight          ? 
_struct.pdbx_formula_weight_method   ? 
_struct.pdbx_model_type_details      ? 
_struct.pdbx_CASP_flag               ? 
# 
_struct_keywords.entry_id        4TJV 
_struct_keywords.text            'Ligand-binding domain, Beta barrel, Apo form, PROTEIN TRANSPORT' 
_struct_keywords.pdbx_keywords   'PROTEIN TRANSPORT' 
# 
loop_
_struct_asym.id 
_struct_asym.pdbx_blank_PDB_chainid_flag 
_struct_asym.pdbx_modified 
_struct_asym.entity_id 
_struct_asym.details 
A N N 1 ? 
B N N 2 ? 
C N N 2 ? 
D N N 2 ? 
E N N 2 ? 
F N N 2 ? 
G N N 2 ? 
H N N 3 ? 
# 
_struct_ref.id                         1 
_struct_ref.db_name                    UNP 
_struct_ref.db_code                    VSR1_ARATH 
_struct_ref.pdbx_db_accession          P93026 
_struct_ref.entity_id                  1 
_struct_ref.pdbx_seq_one_letter_code   
;RFVVEKNNLKVTSPDSIKGIYECAIGNFGVPQYGGTLVGTVVYPKSNQKACKSYSDFDISFKSKPGRLPTFVLIDRGDCY
FTLKAWIAQQAGAAAILVADSKAEPLITMDTPEEDKSDADYLQNITIPSALITKTLGDSIKSALSGGDMVNMKLDWTESV
PHP
;
_struct_ref.pdbx_align_begin           20 
_struct_ref.pdbx_db_isoform            ? 
# 
_struct_ref_seq.align_id                      1 
_struct_ref_seq.ref_id                        1 
_struct_ref_seq.pdbx_PDB_id_code              4TJV 
_struct_ref_seq.pdbx_strand_id                A 
_struct_ref_seq.seq_align_beg                 3 
_struct_ref_seq.pdbx_seq_align_beg_ins_code   ? 
_struct_ref_seq.seq_align_end                 165 
_struct_ref_seq.pdbx_seq_align_end_ins_code   ? 
_struct_ref_seq.pdbx_db_accession             P93026 
_struct_ref_seq.db_align_beg                  20 
_struct_ref_seq.pdbx_db_align_beg_ins_code    ? 
_struct_ref_seq.db_align_end                  182 
_struct_ref_seq.pdbx_db_align_end_ins_code    ? 
_struct_ref_seq.pdbx_auth_seq_align_beg       20 
_struct_ref_seq.pdbx_auth_seq_align_end       182 
# 
loop_
_struct_ref_seq_dif.align_id 
_struct_ref_seq_dif.pdbx_pdb_id_code 
_struct_ref_seq_dif.mon_id 
_struct_ref_seq_dif.pdbx_pdb_strand_id 
_struct_ref_seq_dif.seq_num 
_struct_ref_seq_dif.pdbx_pdb_ins_code 
_struct_ref_seq_dif.pdbx_seq_db_name 
_struct_ref_seq_dif.pdbx_seq_db_accession_code 
_struct_ref_seq_dif.db_mon_id 
_struct_ref_seq_dif.pdbx_seq_db_seq_num 
_struct_ref_seq_dif.details 
_struct_ref_seq_dif.pdbx_auth_seq_num 
_struct_ref_seq_dif.pdbx_ordinal 
1 4TJV GLY A 1 ? UNP P93026 ? ? 'expression tag' 18 1 
1 4TJV SER A 2 ? UNP P93026 ? ? 'expression tag' 19 2 
# 
_pdbx_struct_assembly.id                   1 
_pdbx_struct_assembly.details              author_and_software_defined_assembly 
_pdbx_struct_assembly.method_details       PISA 
_pdbx_struct_assembly.oligomeric_details   monomeric 
_pdbx_struct_assembly.oligomeric_count     1 
# 
loop_
_pdbx_struct_assembly_prop.biol_id 
_pdbx_struct_assembly_prop.type 
_pdbx_struct_assembly_prop.value 
_pdbx_struct_assembly_prop.details 
1 'ABSA (A^2)' 780  ? 
1 MORE         -2   ? 
1 'SSA (A^2)'  8290 ? 
# 
_pdbx_struct_assembly_gen.assembly_id       1 
_pdbx_struct_assembly_gen.oper_expression   1 
_pdbx_struct_assembly_gen.asym_id_list      A,B,C,D,E,F,G,H 
# 
_pdbx_struct_oper_list.id                   1 
_pdbx_struct_oper_list.type                 'identity operation' 
_pdbx_struct_oper_list.name                 1_555 
_pdbx_struct_oper_list.symmetry_operation   x,y,z 
_pdbx_struct_oper_list.matrix[1][1]         1.0000000000 
_pdbx_struct_oper_list.matrix[1][2]         0.0000000000 
_pdbx_struct_oper_list.matrix[1][3]         0.0000000000 
_pdbx_struct_oper_list.vector[1]            0.0000000000 
_pdbx_struct_oper_list.matrix[2][1]         0.0000000000 
_pdbx_struct_oper_list.matrix[2][2]         1.0000000000 
_pdbx_struct_oper_list.matrix[2][3]         0.0000000000 
_pdbx_struct_oper_list.vector[2]            0.0000000000 
_pdbx_struct_oper_list.matrix[3][1]         0.0000000000 
_pdbx_struct_oper_list.matrix[3][2]         0.0000000000 
_pdbx_struct_oper_list.matrix[3][3]         1.0000000000 
_pdbx_struct_oper_list.vector[3]            0.0000000000 
# 
loop_
_struct_conf.conf_type_id 
_struct_conf.id 
_struct_conf.pdbx_PDB_helix_id 
_struct_conf.beg_label_comp_id 
_struct_conf.beg_label_asym_id 
_struct_conf.beg_label_seq_id 
_struct_conf.pdbx_beg_PDB_ins_code 
_struct_conf.end_label_comp_id 
_struct_conf.end_label_asym_id 
_struct_conf.end_label_seq_id 
_struct_conf.pdbx_end_PDB_ins_code 
_struct_conf.beg_auth_comp_id 
_struct_conf.beg_auth_asym_id 
_struct_conf.beg_auth_seq_id 
_struct_conf.end_auth_comp_id 
_struct_conf.end_auth_asym_id 
_struct_conf.end_auth_seq_id 
_struct_conf.pdbx_PDB_helix_class 
_struct_conf.details 
_struct_conf.pdbx_PDB_helix_length 
HELX_P HELX_P1 AA1 PRO A 16  ? LYS A 20  ? PRO A 33  LYS A 37  5 ? 5  
HELX_P HELX_P2 AA2 SER A 55  ? ASP A 60  ? SER A 72  ASP A 77  5 ? 6  
HELX_P HELX_P3 AA3 TYR A 82  ? ALA A 93  ? TYR A 99  ALA A 110 1 ? 12 
HELX_P HELX_P4 AA4 PRO A 107 ? ASP A 112 ? PRO A 124 ASP A 129 1 ? 6  
HELX_P HELX_P5 AA5 ASP A 120 ? GLN A 125 ? ASP A 137 GLN A 142 1 ? 6  
HELX_P HELX_P6 AA6 THR A 135 ? GLY A 148 ? THR A 152 GLY A 165 1 ? 14 
# 
_struct_conf_type.id          HELX_P 
_struct_conf_type.criteria    ? 
_struct_conf_type.reference   ? 
# 
_struct_conn.id                            disulf1 
_struct_conn.conn_type_id                  disulf 
_struct_conn.pdbx_leaving_atom_flag        ? 
_struct_conn.pdbx_PDB_id                   ? 
_struct_conn.ptnr1_label_asym_id           A 
_struct_conn.ptnr1_label_comp_id           CYS 
_struct_conn.ptnr1_label_seq_id            53 
_struct_conn.ptnr1_label_atom_id           SG 
_struct_conn.pdbx_ptnr1_label_alt_id       ? 
_struct_conn.pdbx_ptnr1_PDB_ins_code       ? 
_struct_conn.pdbx_ptnr1_standard_comp_id   ? 
_struct_conn.ptnr1_symmetry                1_555 
_struct_conn.ptnr2_label_asym_id           A 
_struct_conn.ptnr2_label_comp_id           CYS 
_struct_conn.ptnr2_label_seq_id            81 
_struct_conn.ptnr2_label_atom_id           SG 
_struct_conn.pdbx_ptnr2_label_alt_id       ? 
_struct_conn.pdbx_ptnr2_PDB_ins_code       ? 
_struct_conn.ptnr1_auth_asym_id            A 
_struct_conn.ptnr1_auth_comp_id            CYS 
_struct_conn.ptnr1_auth_seq_id             70 
_struct_conn.ptnr2_auth_asym_id            A 
_struct_conn.ptnr2_auth_comp_id            CYS 
_struct_conn.ptnr2_auth_seq_id             98 
_struct_conn.ptnr2_symmetry                1_555 
_struct_conn.pdbx_ptnr3_label_atom_id      ? 
_struct_conn.pdbx_ptnr3_label_seq_id       ? 
_struct_conn.pdbx_ptnr3_label_comp_id      ? 
_struct_conn.pdbx_ptnr3_label_asym_id      ? 
_struct_conn.pdbx_ptnr3_label_alt_id       ? 
_struct_conn.pdbx_ptnr3_PDB_ins_code       ? 
_struct_conn.details                       ? 
_struct_conn.pdbx_dist_value               2.042 
_struct_conn.pdbx_value_order              ? 
_struct_conn.pdbx_role                     ? 
# 
_struct_conn_type.id          disulf 
_struct_conn_type.criteria    ? 
_struct_conn_type.reference   ? 
# 
_pdbx_modification_feature.ordinal                            1 
_pdbx_modification_feature.label_comp_id                      CYS 
_pdbx_modification_feature.label_asym_id                      A 
_pdbx_modification_feature.label_seq_id                       53 
_pdbx_modification_feature.label_alt_id                       ? 
_pdbx_modification_feature.modified_residue_label_comp_id     CYS 
_pdbx_modification_feature.modified_residue_label_asym_id     A 
_pdbx_modification_feature.modified_residue_label_seq_id      81 
_pdbx_modification_feature.modified_residue_label_alt_id      ? 
_pdbx_modification_feature.auth_comp_id                       CYS 
_pdbx_modification_feature.auth_asym_id                       A 
_pdbx_modification_feature.auth_seq_id                        70 
_pdbx_modification_feature.PDB_ins_code                       ? 
_pdbx_modification_feature.symmetry                           1_555 
_pdbx_modification_feature.modified_residue_auth_comp_id      CYS 
_pdbx_modification_feature.modified_residue_auth_asym_id      A 
_pdbx_modification_feature.modified_residue_auth_seq_id       98 
_pdbx_modification_feature.modified_residue_PDB_ins_code      ? 
_pdbx_modification_feature.modified_residue_symmetry          1_555 
_pdbx_modification_feature.comp_id_linking_atom               SG 
_pdbx_modification_feature.modified_residue_id_linking_atom   SG 
_pdbx_modification_feature.modified_residue_id                . 
_pdbx_modification_feature.ref_pcm_id                         . 
_pdbx_modification_feature.ref_comp_id                        . 
_pdbx_modification_feature.type                               None 
_pdbx_modification_feature.category                           'Disulfide bridge' 
# 
loop_
_struct_mon_prot_cis.pdbx_id 
_struct_mon_prot_cis.label_comp_id 
_struct_mon_prot_cis.label_seq_id 
_struct_mon_prot_cis.label_asym_id 
_struct_mon_prot_cis.label_alt_id 
_struct_mon_prot_cis.pdbx_PDB_ins_code 
_struct_mon_prot_cis.auth_comp_id 
_struct_mon_prot_cis.auth_seq_id 
_struct_mon_prot_cis.auth_asym_id 
_struct_mon_prot_cis.pdbx_label_comp_id_2 
_struct_mon_prot_cis.pdbx_label_seq_id_2 
_struct_mon_prot_cis.pdbx_label_asym_id_2 
_struct_mon_prot_cis.pdbx_PDB_ins_code_2 
_struct_mon_prot_cis.pdbx_auth_comp_id_2 
_struct_mon_prot_cis.pdbx_auth_seq_id_2 
_struct_mon_prot_cis.pdbx_auth_asym_id_2 
_struct_mon_prot_cis.pdbx_PDB_model_num 
_struct_mon_prot_cis.pdbx_omega_angle 
1 SER 15 A . ? SER 32 A PRO 16 A ? PRO 33 A 1 0.96  
2 SER 15 A . ? SER 32 A PRO 16 A ? PRO 33 A 1 -0.46 
# 
_struct_sheet.id               AA1 
_struct_sheet.type             ? 
_struct_sheet.number_strands   8 
_struct_sheet.details          ? 
# 
loop_
_struct_sheet_order.sheet_id 
_struct_sheet_order.range_id_1 
_struct_sheet_order.range_id_2 
_struct_sheet_order.offset 
_struct_sheet_order.sense 
AA1 1 2 ? anti-parallel 
AA1 2 3 ? anti-parallel 
AA1 3 4 ? parallel      
AA1 4 5 ? parallel      
AA1 5 6 ? parallel      
AA1 6 7 ? anti-parallel 
AA1 7 8 ? anti-parallel 
# 
loop_
_struct_sheet_range.sheet_id 
_struct_sheet_range.id 
_struct_sheet_range.beg_label_comp_id 
_struct_sheet_range.beg_label_asym_id 
_struct_sheet_range.beg_label_seq_id 
_struct_sheet_range.pdbx_beg_PDB_ins_code 
_struct_sheet_range.end_label_comp_id 
_struct_sheet_range.end_label_asym_id 
_struct_sheet_range.end_label_seq_id 
_struct_sheet_range.pdbx_end_PDB_ins_code 
_struct_sheet_range.beg_auth_comp_id 
_struct_sheet_range.beg_auth_asym_id 
_struct_sheet_range.beg_auth_seq_id 
_struct_sheet_range.end_auth_comp_id 
_struct_sheet_range.end_auth_asym_id 
_struct_sheet_range.end_auth_seq_id 
AA1 1 PHE A 4   ? SER A 15  ? PHE A 21  SER A 32  
AA1 2 GLY A 21  ? GLY A 28  ? GLY A 38  GLY A 45  
AA1 3 SER A 131 ? ILE A 134 ? SER A 148 ILE A 151 
AA1 4 ALA A 97  ? ALA A 101 ? ALA A 114 ALA A 118 
AA1 5 THR A 72  ? ASP A 77  ? THR A 89  ASP A 94  
AA1 6 THR A 38  ? VAL A 44  ? THR A 55  VAL A 61  
AA1 7 ASN A 153 ? ASP A 157 ? ASN A 170 ASP A 174 
AA1 8 PHE A 4   ? SER A 15  ? PHE A 21  SER A 32  
# 
loop_
_pdbx_struct_sheet_hbond.sheet_id 
_pdbx_struct_sheet_hbond.range_id_1 
_pdbx_struct_sheet_hbond.range_id_2 
_pdbx_struct_sheet_hbond.range_1_label_atom_id 
_pdbx_struct_sheet_hbond.range_1_label_comp_id 
_pdbx_struct_sheet_hbond.range_1_label_asym_id 
_pdbx_struct_sheet_hbond.range_1_label_seq_id 
_pdbx_struct_sheet_hbond.range_1_PDB_ins_code 
_pdbx_struct_sheet_hbond.range_1_auth_atom_id 
_pdbx_struct_sheet_hbond.range_1_auth_comp_id 
_pdbx_struct_sheet_hbond.range_1_auth_asym_id 
_pdbx_struct_sheet_hbond.range_1_auth_seq_id 
_pdbx_struct_sheet_hbond.range_2_label_atom_id 
_pdbx_struct_sheet_hbond.range_2_label_comp_id 
_pdbx_struct_sheet_hbond.range_2_label_asym_id 
_pdbx_struct_sheet_hbond.range_2_label_seq_id 
_pdbx_struct_sheet_hbond.range_2_PDB_ins_code 
_pdbx_struct_sheet_hbond.range_2_auth_atom_id 
_pdbx_struct_sheet_hbond.range_2_auth_comp_id 
_pdbx_struct_sheet_hbond.range_2_auth_asym_id 
_pdbx_struct_sheet_hbond.range_2_auth_seq_id 
AA1 1 2 N LEU A 11  ? N LEU A 28  O TYR A 23  ? O TYR A 40  
AA1 2 3 N GLY A 28  ? N GLY A 45  O SER A 131 ? O SER A 148 
AA1 3 4 O ALA A 132 ? O ALA A 149 N VAL A 100 ? N VAL A 117 
AA1 4 5 O LEU A 99  ? O LEU A 116 N ILE A 76  ? N ILE A 93  
AA1 5 6 O PHE A 73  ? O PHE A 90  N THR A 42  ? N THR A 59  
AA1 6 7 N LEU A 39  ? N LEU A 56  O LEU A 156 ? O LEU A 173 
AA1 7 8 O LYS A 155 ? O LYS A 172 N LYS A 12  ? N LYS A 29  
# 
loop_
_struct_site.id 
_struct_site.pdbx_evidence_code 
_struct_site.pdbx_auth_asym_id 
_struct_site.pdbx_auth_comp_id 
_struct_site.pdbx_auth_seq_id 
_struct_site.pdbx_auth_ins_code 
_struct_site.pdbx_num_residues 
_struct_site.details 
AC1 Software A IOD 201 ? 1 'binding site for residue IOD A 201' 
AC2 Software A IOD 202 ? 3 'binding site for residue IOD A 202' 
AC3 Software A IOD 203 ? 4 'binding site for residue IOD A 203' 
AC4 Software A IOD 204 ? 2 'binding site for residue IOD A 204' 
AC5 Software A IOD 205 ? 1 'binding site for residue IOD A 205' 
AC6 Software A IOD 206 ? 2 'binding site for residue IOD A 206' 
# 
loop_
_struct_site_gen.id 
_struct_site_gen.site_id 
_struct_site_gen.pdbx_num_res 
_struct_site_gen.label_comp_id 
_struct_site_gen.label_asym_id 
_struct_site_gen.label_seq_id 
_struct_site_gen.pdbx_auth_ins_code 
_struct_site_gen.auth_comp_id 
_struct_site_gen.auth_asym_id 
_struct_site_gen.auth_seq_id 
_struct_site_gen.label_atom_id 
_struct_site_gen.label_alt_id 
_struct_site_gen.symmetry 
_struct_site_gen.details 
1  AC1 1 LYS A 47  ? LYS A 64  . ? 1_555 ? 
2  AC2 3 ASN A 9   ? ASN A 26  . ? 1_555 ? 
3  AC2 3 PRO A 163 ? PRO A 180 . ? 1_555 ? 
4  AC2 3 HIS A 164 ? HIS A 181 . ? 1_555 ? 
5  AC3 4 GLU A 24  ? GLU A 41  . ? 1_555 ? 
6  AC3 4 THR A 135 ? THR A 152 . ? 1_555 ? 
7  AC3 4 HOH H .   ? HOH A 415 . ? 1_555 ? 
8  AC3 4 HOH H .   ? HOH A 422 . ? 1_555 ? 
9  AC4 2 GLN A 125 ? GLN A 142 . ? 1_656 ? 
10 AC4 2 HOH H .   ? HOH A 372 . ? 1_656 ? 
11 AC5 1 GLU A 160 ? GLU A 177 . ? 1_555 ? 
12 AC6 2 SER A 2   ? SER A 19  . ? 1_556 ? 
13 AC6 2 HOH H .   ? HOH A 344 . ? 1_555 ? 
# 
_pdbx_entry_details.entry_id                   4TJV 
_pdbx_entry_details.compound_details           ? 
_pdbx_entry_details.source_details             ? 
_pdbx_entry_details.nonpolymer_details         ? 
_pdbx_entry_details.sequence_details           ? 
_pdbx_entry_details.has_ligand_of_interest     ? 
_pdbx_entry_details.has_protein_modification   Y 
# 
loop_
_pdbx_validate_torsion.id 
_pdbx_validate_torsion.PDB_model_num 
_pdbx_validate_torsion.auth_comp_id 
_pdbx_validate_torsion.auth_asym_id 
_pdbx_validate_torsion.auth_seq_id 
_pdbx_validate_torsion.PDB_ins_code 
_pdbx_validate_torsion.label_alt_id 
_pdbx_validate_torsion.phi 
_pdbx_validate_torsion.psi 
1 1 SER A 32 ? A -174.41 143.40 
2 1 SER A 32 ? B -174.45 146.84 
3 1 PHE A 47 ? ? 170.28  162.85 
4 1 ASP A 97 ? ? 73.18   -20.78 
# 
loop_
_chem_comp_atom.comp_id 
_chem_comp_atom.atom_id 
_chem_comp_atom.type_symbol 
_chem_comp_atom.pdbx_aromatic_flag 
_chem_comp_atom.pdbx_stereo_config 
_chem_comp_atom.pdbx_ordinal 
ALA N    N N N 1   
ALA CA   C N S 2   
ALA C    C N N 3   
ALA O    O N N 4   
ALA CB   C N N 5   
ALA OXT  O N N 6   
ALA H    H N N 7   
ALA H2   H N N 8   
ALA HA   H N N 9   
ALA HB1  H N N 10  
ALA HB2  H N N 11  
ALA HB3  H N N 12  
ALA HXT  H N N 13  
ARG N    N N N 14  
ARG CA   C N S 15  
ARG C    C N N 16  
ARG O    O N N 17  
ARG CB   C N N 18  
ARG CG   C N N 19  
ARG CD   C N N 20  
ARG NE   N N N 21  
ARG CZ   C N N 22  
ARG NH1  N N N 23  
ARG NH2  N N N 24  
ARG OXT  O N N 25  
ARG H    H N N 26  
ARG H2   H N N 27  
ARG HA   H N N 28  
ARG HB2  H N N 29  
ARG HB3  H N N 30  
ARG HG2  H N N 31  
ARG HG3  H N N 32  
ARG HD2  H N N 33  
ARG HD3  H N N 34  
ARG HE   H N N 35  
ARG HH11 H N N 36  
ARG HH12 H N N 37  
ARG HH21 H N N 38  
ARG HH22 H N N 39  
ARG HXT  H N N 40  
ASN N    N N N 41  
ASN CA   C N S 42  
ASN C    C N N 43  
ASN O    O N N 44  
ASN CB   C N N 45  
ASN CG   C N N 46  
ASN OD1  O N N 47  
ASN ND2  N N N 48  
ASN OXT  O N N 49  
ASN H    H N N 50  
ASN H2   H N N 51  
ASN HA   H N N 52  
ASN HB2  H N N 53  
ASN HB3  H N N 54  
ASN HD21 H N N 55  
ASN HD22 H N N 56  
ASN HXT  H N N 57  
ASP N    N N N 58  
ASP CA   C N S 59  
ASP C    C N N 60  
ASP O    O N N 61  
ASP CB   C N N 62  
ASP CG   C N N 63  
ASP OD1  O N N 64  
ASP OD2  O N N 65  
ASP OXT  O N N 66  
ASP H    H N N 67  
ASP H2   H N N 68  
ASP HA   H N N 69  
ASP HB2  H N N 70  
ASP HB3  H N N 71  
ASP HD2  H N N 72  
ASP HXT  H N N 73  
CYS N    N N N 74  
CYS CA   C N R 75  
CYS C    C N N 76  
CYS O    O N N 77  
CYS CB   C N N 78  
CYS SG   S N N 79  
CYS OXT  O N N 80  
CYS H    H N N 81  
CYS H2   H N N 82  
CYS HA   H N N 83  
CYS HB2  H N N 84  
CYS HB3  H N N 85  
CYS HG   H N N 86  
CYS HXT  H N N 87  
GLN N    N N N 88  
GLN CA   C N S 89  
GLN C    C N N 90  
GLN O    O N N 91  
GLN CB   C N N 92  
GLN CG   C N N 93  
GLN CD   C N N 94  
GLN OE1  O N N 95  
GLN NE2  N N N 96  
GLN OXT  O N N 97  
GLN H    H N N 98  
GLN H2   H N N 99  
GLN HA   H N N 100 
GLN HB2  H N N 101 
GLN HB3  H N N 102 
GLN HG2  H N N 103 
GLN HG3  H N N 104 
GLN HE21 H N N 105 
GLN HE22 H N N 106 
GLN HXT  H N N 107 
GLU N    N N N 108 
GLU CA   C N S 109 
GLU C    C N N 110 
GLU O    O N N 111 
GLU CB   C N N 112 
GLU CG   C N N 113 
GLU CD   C N N 114 
GLU OE1  O N N 115 
GLU OE2  O N N 116 
GLU OXT  O N N 117 
GLU H    H N N 118 
GLU H2   H N N 119 
GLU HA   H N N 120 
GLU HB2  H N N 121 
GLU HB3  H N N 122 
GLU HG2  H N N 123 
GLU HG3  H N N 124 
GLU HE2  H N N 125 
GLU HXT  H N N 126 
GLY N    N N N 127 
GLY CA   C N N 128 
GLY C    C N N 129 
GLY O    O N N 130 
GLY OXT  O N N 131 
GLY H    H N N 132 
GLY H2   H N N 133 
GLY HA2  H N N 134 
GLY HA3  H N N 135 
GLY HXT  H N N 136 
HIS N    N N N 137 
HIS CA   C N S 138 
HIS C    C N N 139 
HIS O    O N N 140 
HIS CB   C N N 141 
HIS CG   C Y N 142 
HIS ND1  N Y N 143 
HIS CD2  C Y N 144 
HIS CE1  C Y N 145 
HIS NE2  N Y N 146 
HIS OXT  O N N 147 
HIS H    H N N 148 
HIS H2   H N N 149 
HIS HA   H N N 150 
HIS HB2  H N N 151 
HIS HB3  H N N 152 
HIS HD1  H N N 153 
HIS HD2  H N N 154 
HIS HE1  H N N 155 
HIS HE2  H N N 156 
HIS HXT  H N N 157 
HOH O    O N N 158 
HOH H1   H N N 159 
HOH H2   H N N 160 
ILE N    N N N 161 
ILE CA   C N S 162 
ILE C    C N N 163 
ILE O    O N N 164 
ILE CB   C N S 165 
ILE CG1  C N N 166 
ILE CG2  C N N 167 
ILE CD1  C N N 168 
ILE OXT  O N N 169 
ILE H    H N N 170 
ILE H2   H N N 171 
ILE HA   H N N 172 
ILE HB   H N N 173 
ILE HG12 H N N 174 
ILE HG13 H N N 175 
ILE HG21 H N N 176 
ILE HG22 H N N 177 
ILE HG23 H N N 178 
ILE HD11 H N N 179 
ILE HD12 H N N 180 
ILE HD13 H N N 181 
ILE HXT  H N N 182 
IOD I    I N N 183 
LEU N    N N N 184 
LEU CA   C N S 185 
LEU C    C N N 186 
LEU O    O N N 187 
LEU CB   C N N 188 
LEU CG   C N N 189 
LEU CD1  C N N 190 
LEU CD2  C N N 191 
LEU OXT  O N N 192 
LEU H    H N N 193 
LEU H2   H N N 194 
LEU HA   H N N 195 
LEU HB2  H N N 196 
LEU HB3  H N N 197 
LEU HG   H N N 198 
LEU HD11 H N N 199 
LEU HD12 H N N 200 
LEU HD13 H N N 201 
LEU HD21 H N N 202 
LEU HD22 H N N 203 
LEU HD23 H N N 204 
LEU HXT  H N N 205 
LYS N    N N N 206 
LYS CA   C N S 207 
LYS C    C N N 208 
LYS O    O N N 209 
LYS CB   C N N 210 
LYS CG   C N N 211 
LYS CD   C N N 212 
LYS CE   C N N 213 
LYS NZ   N N N 214 
LYS OXT  O N N 215 
LYS H    H N N 216 
LYS H2   H N N 217 
LYS HA   H N N 218 
LYS HB2  H N N 219 
LYS HB3  H N N 220 
LYS HG2  H N N 221 
LYS HG3  H N N 222 
LYS HD2  H N N 223 
LYS HD3  H N N 224 
LYS HE2  H N N 225 
LYS HE3  H N N 226 
LYS HZ1  H N N 227 
LYS HZ2  H N N 228 
LYS HZ3  H N N 229 
LYS HXT  H N N 230 
MET N    N N N 231 
MET CA   C N S 232 
MET C    C N N 233 
MET O    O N N 234 
MET CB   C N N 235 
MET CG   C N N 236 
MET SD   S N N 237 
MET CE   C N N 238 
MET OXT  O N N 239 
MET H    H N N 240 
MET H2   H N N 241 
MET HA   H N N 242 
MET HB2  H N N 243 
MET HB3  H N N 244 
MET HG2  H N N 245 
MET HG3  H N N 246 
MET HE1  H N N 247 
MET HE2  H N N 248 
MET HE3  H N N 249 
MET HXT  H N N 250 
PHE N    N N N 251 
PHE CA   C N S 252 
PHE C    C N N 253 
PHE O    O N N 254 
PHE CB   C N N 255 
PHE CG   C Y N 256 
PHE CD1  C Y N 257 
PHE CD2  C Y N 258 
PHE CE1  C Y N 259 
PHE CE2  C Y N 260 
PHE CZ   C Y N 261 
PHE OXT  O N N 262 
PHE H    H N N 263 
PHE H2   H N N 264 
PHE HA   H N N 265 
PHE HB2  H N N 266 
PHE HB3  H N N 267 
PHE HD1  H N N 268 
PHE HD2  H N N 269 
PHE HE1  H N N 270 
PHE HE2  H N N 271 
PHE HZ   H N N 272 
PHE HXT  H N N 273 
PRO N    N N N 274 
PRO CA   C N S 275 
PRO C    C N N 276 
PRO O    O N N 277 
PRO CB   C N N 278 
PRO CG   C N N 279 
PRO CD   C N N 280 
PRO OXT  O N N 281 
PRO H    H N N 282 
PRO HA   H N N 283 
PRO HB2  H N N 284 
PRO HB3  H N N 285 
PRO HG2  H N N 286 
PRO HG3  H N N 287 
PRO HD2  H N N 288 
PRO HD3  H N N 289 
PRO HXT  H N N 290 
SER N    N N N 291 
SER CA   C N S 292 
SER C    C N N 293 
SER O    O N N 294 
SER CB   C N N 295 
SER OG   O N N 296 
SER OXT  O N N 297 
SER H    H N N 298 
SER H2   H N N 299 
SER HA   H N N 300 
SER HB2  H N N 301 
SER HB3  H N N 302 
SER HG   H N N 303 
SER HXT  H N N 304 
THR N    N N N 305 
THR CA   C N S 306 
THR C    C N N 307 
THR O    O N N 308 
THR CB   C N R 309 
THR OG1  O N N 310 
THR CG2  C N N 311 
THR OXT  O N N 312 
THR H    H N N 313 
THR H2   H N N 314 
THR HA   H N N 315 
THR HB   H N N 316 
THR HG1  H N N 317 
THR HG21 H N N 318 
THR HG22 H N N 319 
THR HG23 H N N 320 
THR HXT  H N N 321 
TRP N    N N N 322 
TRP CA   C N S 323 
TRP C    C N N 324 
TRP O    O N N 325 
TRP CB   C N N 326 
TRP CG   C Y N 327 
TRP CD1  C Y N 328 
TRP CD2  C Y N 329 
TRP NE1  N Y N 330 
TRP CE2  C Y N 331 
TRP CE3  C Y N 332 
TRP CZ2  C Y N 333 
TRP CZ3  C Y N 334 
TRP CH2  C Y N 335 
TRP OXT  O N N 336 
TRP H    H N N 337 
TRP H2   H N N 338 
TRP HA   H N N 339 
TRP HB2  H N N 340 
TRP HB3  H N N 341 
TRP HD1  H N N 342 
TRP HE1  H N N 343 
TRP HE3  H N N 344 
TRP HZ2  H N N 345 
TRP HZ3  H N N 346 
TRP HH2  H N N 347 
TRP HXT  H N N 348 
TYR N    N N N 349 
TYR CA   C N S 350 
TYR C    C N N 351 
TYR O    O N N 352 
TYR CB   C N N 353 
TYR CG   C Y N 354 
TYR CD1  C Y N 355 
TYR CD2  C Y N 356 
TYR CE1  C Y N 357 
TYR CE2  C Y N 358 
TYR CZ   C Y N 359 
TYR OH   O N N 360 
TYR OXT  O N N 361 
TYR H    H N N 362 
TYR H2   H N N 363 
TYR HA   H N N 364 
TYR HB2  H N N 365 
TYR HB3  H N N 366 
TYR HD1  H N N 367 
TYR HD2  H N N 368 
TYR HE1  H N N 369 
TYR HE2  H N N 370 
TYR HH   H N N 371 
TYR HXT  H N N 372 
VAL N    N N N 373 
VAL CA   C N S 374 
VAL C    C N N 375 
VAL O    O N N 376 
VAL CB   C N N 377 
VAL CG1  C N N 378 
VAL CG2  C N N 379 
VAL OXT  O N N 380 
VAL H    H N N 381 
VAL H2   H N N 382 
VAL HA   H N N 383 
VAL HB   H N N 384 
VAL HG11 H N N 385 
VAL HG12 H N N 386 
VAL HG13 H N N 387 
VAL HG21 H N N 388 
VAL HG22 H N N 389 
VAL HG23 H N N 390 
VAL HXT  H N N 391 
# 
loop_
_chem_comp_bond.comp_id 
_chem_comp_bond.atom_id_1 
_chem_comp_bond.atom_id_2 
_chem_comp_bond.value_order 
_chem_comp_bond.pdbx_aromatic_flag 
_chem_comp_bond.pdbx_stereo_config 
_chem_comp_bond.pdbx_ordinal 
ALA N   CA   sing N N 1   
ALA N   H    sing N N 2   
ALA N   H2   sing N N 3   
ALA CA  C    sing N N 4   
ALA CA  CB   sing N N 5   
ALA CA  HA   sing N N 6   
ALA C   O    doub N N 7   
ALA C   OXT  sing N N 8   
ALA CB  HB1  sing N N 9   
ALA CB  HB2  sing N N 10  
ALA CB  HB3  sing N N 11  
ALA OXT HXT  sing N N 12  
ARG N   CA   sing N N 13  
ARG N   H    sing N N 14  
ARG N   H2   sing N N 15  
ARG CA  C    sing N N 16  
ARG CA  CB   sing N N 17  
ARG CA  HA   sing N N 18  
ARG C   O    doub N N 19  
ARG C   OXT  sing N N 20  
ARG CB  CG   sing N N 21  
ARG CB  HB2  sing N N 22  
ARG CB  HB3  sing N N 23  
ARG CG  CD   sing N N 24  
ARG CG  HG2  sing N N 25  
ARG CG  HG3  sing N N 26  
ARG CD  NE   sing N N 27  
ARG CD  HD2  sing N N 28  
ARG CD  HD3  sing N N 29  
ARG NE  CZ   sing N N 30  
ARG NE  HE   sing N N 31  
ARG CZ  NH1  sing N N 32  
ARG CZ  NH2  doub N N 33  
ARG NH1 HH11 sing N N 34  
ARG NH1 HH12 sing N N 35  
ARG NH2 HH21 sing N N 36  
ARG NH2 HH22 sing N N 37  
ARG OXT HXT  sing N N 38  
ASN N   CA   sing N N 39  
ASN N   H    sing N N 40  
ASN N   H2   sing N N 41  
ASN CA  C    sing N N 42  
ASN CA  CB   sing N N 43  
ASN CA  HA   sing N N 44  
ASN C   O    doub N N 45  
ASN C   OXT  sing N N 46  
ASN CB  CG   sing N N 47  
ASN CB  HB2  sing N N 48  
ASN CB  HB3  sing N N 49  
ASN CG  OD1  doub N N 50  
ASN CG  ND2  sing N N 51  
ASN ND2 HD21 sing N N 52  
ASN ND2 HD22 sing N N 53  
ASN OXT HXT  sing N N 54  
ASP N   CA   sing N N 55  
ASP N   H    sing N N 56  
ASP N   H2   sing N N 57  
ASP CA  C    sing N N 58  
ASP CA  CB   sing N N 59  
ASP CA  HA   sing N N 60  
ASP C   O    doub N N 61  
ASP C   OXT  sing N N 62  
ASP CB  CG   sing N N 63  
ASP CB  HB2  sing N N 64  
ASP CB  HB3  sing N N 65  
ASP CG  OD1  doub N N 66  
ASP CG  OD2  sing N N 67  
ASP OD2 HD2  sing N N 68  
ASP OXT HXT  sing N N 69  
CYS N   CA   sing N N 70  
CYS N   H    sing N N 71  
CYS N   H2   sing N N 72  
CYS CA  C    sing N N 73  
CYS CA  CB   sing N N 74  
CYS CA  HA   sing N N 75  
CYS C   O    doub N N 76  
CYS C   OXT  sing N N 77  
CYS CB  SG   sing N N 78  
CYS CB  HB2  sing N N 79  
CYS CB  HB3  sing N N 80  
CYS SG  HG   sing N N 81  
CYS OXT HXT  sing N N 82  
GLN N   CA   sing N N 83  
GLN N   H    sing N N 84  
GLN N   H2   sing N N 85  
GLN CA  C    sing N N 86  
GLN CA  CB   sing N N 87  
GLN CA  HA   sing N N 88  
GLN C   O    doub N N 89  
GLN C   OXT  sing N N 90  
GLN CB  CG   sing N N 91  
GLN CB  HB2  sing N N 92  
GLN CB  HB3  sing N N 93  
GLN CG  CD   sing N N 94  
GLN CG  HG2  sing N N 95  
GLN CG  HG3  sing N N 96  
GLN CD  OE1  doub N N 97  
GLN CD  NE2  sing N N 98  
GLN NE2 HE21 sing N N 99  
GLN NE2 HE22 sing N N 100 
GLN OXT HXT  sing N N 101 
GLU N   CA   sing N N 102 
GLU N   H    sing N N 103 
GLU N   H2   sing N N 104 
GLU CA  C    sing N N 105 
GLU CA  CB   sing N N 106 
GLU CA  HA   sing N N 107 
GLU C   O    doub N N 108 
GLU C   OXT  sing N N 109 
GLU CB  CG   sing N N 110 
GLU CB  HB2  sing N N 111 
GLU CB  HB3  sing N N 112 
GLU CG  CD   sing N N 113 
GLU CG  HG2  sing N N 114 
GLU CG  HG3  sing N N 115 
GLU CD  OE1  doub N N 116 
GLU CD  OE2  sing N N 117 
GLU OE2 HE2  sing N N 118 
GLU OXT HXT  sing N N 119 
GLY N   CA   sing N N 120 
GLY N   H    sing N N 121 
GLY N   H2   sing N N 122 
GLY CA  C    sing N N 123 
GLY CA  HA2  sing N N 124 
GLY CA  HA3  sing N N 125 
GLY C   O    doub N N 126 
GLY C   OXT  sing N N 127 
GLY OXT HXT  sing N N 128 
HIS N   CA   sing N N 129 
HIS N   H    sing N N 130 
HIS N   H2   sing N N 131 
HIS CA  C    sing N N 132 
HIS CA  CB   sing N N 133 
HIS CA  HA   sing N N 134 
HIS C   O    doub N N 135 
HIS C   OXT  sing N N 136 
HIS CB  CG   sing N N 137 
HIS CB  HB2  sing N N 138 
HIS CB  HB3  sing N N 139 
HIS CG  ND1  sing Y N 140 
HIS CG  CD2  doub Y N 141 
HIS ND1 CE1  doub Y N 142 
HIS ND1 HD1  sing N N 143 
HIS CD2 NE2  sing Y N 144 
HIS CD2 HD2  sing N N 145 
HIS CE1 NE2  sing Y N 146 
HIS CE1 HE1  sing N N 147 
HIS NE2 HE2  sing N N 148 
HIS OXT HXT  sing N N 149 
HOH O   H1   sing N N 150 
HOH O   H2   sing N N 151 
ILE N   CA   sing N N 152 
ILE N   H    sing N N 153 
ILE N   H2   sing N N 154 
ILE CA  C    sing N N 155 
ILE CA  CB   sing N N 156 
ILE CA  HA   sing N N 157 
ILE C   O    doub N N 158 
ILE C   OXT  sing N N 159 
ILE CB  CG1  sing N N 160 
ILE CB  CG2  sing N N 161 
ILE CB  HB   sing N N 162 
ILE CG1 CD1  sing N N 163 
ILE CG1 HG12 sing N N 164 
ILE CG1 HG13 sing N N 165 
ILE CG2 HG21 sing N N 166 
ILE CG2 HG22 sing N N 167 
ILE CG2 HG23 sing N N 168 
ILE CD1 HD11 sing N N 169 
ILE CD1 HD12 sing N N 170 
ILE CD1 HD13 sing N N 171 
ILE OXT HXT  sing N N 172 
LEU N   CA   sing N N 173 
LEU N   H    sing N N 174 
LEU N   H2   sing N N 175 
LEU CA  C    sing N N 176 
LEU CA  CB   sing N N 177 
LEU CA  HA   sing N N 178 
LEU C   O    doub N N 179 
LEU C   OXT  sing N N 180 
LEU CB  CG   sing N N 181 
LEU CB  HB2  sing N N 182 
LEU CB  HB3  sing N N 183 
LEU CG  CD1  sing N N 184 
LEU CG  CD2  sing N N 185 
LEU CG  HG   sing N N 186 
LEU CD1 HD11 sing N N 187 
LEU CD1 HD12 sing N N 188 
LEU CD1 HD13 sing N N 189 
LEU CD2 HD21 sing N N 190 
LEU CD2 HD22 sing N N 191 
LEU CD2 HD23 sing N N 192 
LEU OXT HXT  sing N N 193 
LYS N   CA   sing N N 194 
LYS N   H    sing N N 195 
LYS N   H2   sing N N 196 
LYS CA  C    sing N N 197 
LYS CA  CB   sing N N 198 
LYS CA  HA   sing N N 199 
LYS C   O    doub N N 200 
LYS C   OXT  sing N N 201 
LYS CB  CG   sing N N 202 
LYS CB  HB2  sing N N 203 
LYS CB  HB3  sing N N 204 
LYS CG  CD   sing N N 205 
LYS CG  HG2  sing N N 206 
LYS CG  HG3  sing N N 207 
LYS CD  CE   sing N N 208 
LYS CD  HD2  sing N N 209 
LYS CD  HD3  sing N N 210 
LYS CE  NZ   sing N N 211 
LYS CE  HE2  sing N N 212 
LYS CE  HE3  sing N N 213 
LYS NZ  HZ1  sing N N 214 
LYS NZ  HZ2  sing N N 215 
LYS NZ  HZ3  sing N N 216 
LYS OXT HXT  sing N N 217 
MET N   CA   sing N N 218 
MET N   H    sing N N 219 
MET N   H2   sing N N 220 
MET CA  C    sing N N 221 
MET CA  CB   sing N N 222 
MET CA  HA   sing N N 223 
MET C   O    doub N N 224 
MET C   OXT  sing N N 225 
MET CB  CG   sing N N 226 
MET CB  HB2  sing N N 227 
MET CB  HB3  sing N N 228 
MET CG  SD   sing N N 229 
MET CG  HG2  sing N N 230 
MET CG  HG3  sing N N 231 
MET SD  CE   sing N N 232 
MET CE  HE1  sing N N 233 
MET CE  HE2  sing N N 234 
MET CE  HE3  sing N N 235 
MET OXT HXT  sing N N 236 
PHE N   CA   sing N N 237 
PHE N   H    sing N N 238 
PHE N   H2   sing N N 239 
PHE CA  C    sing N N 240 
PHE CA  CB   sing N N 241 
PHE CA  HA   sing N N 242 
PHE C   O    doub N N 243 
PHE C   OXT  sing N N 244 
PHE CB  CG   sing N N 245 
PHE CB  HB2  sing N N 246 
PHE CB  HB3  sing N N 247 
PHE CG  CD1  doub Y N 248 
PHE CG  CD2  sing Y N 249 
PHE CD1 CE1  sing Y N 250 
PHE CD1 HD1  sing N N 251 
PHE CD2 CE2  doub Y N 252 
PHE CD2 HD2  sing N N 253 
PHE CE1 CZ   doub Y N 254 
PHE CE1 HE1  sing N N 255 
PHE CE2 CZ   sing Y N 256 
PHE CE2 HE2  sing N N 257 
PHE CZ  HZ   sing N N 258 
PHE OXT HXT  sing N N 259 
PRO N   CA   sing N N 260 
PRO N   CD   sing N N 261 
PRO N   H    sing N N 262 
PRO CA  C    sing N N 263 
PRO CA  CB   sing N N 264 
PRO CA  HA   sing N N 265 
PRO C   O    doub N N 266 
PRO C   OXT  sing N N 267 
PRO CB  CG   sing N N 268 
PRO CB  HB2  sing N N 269 
PRO CB  HB3  sing N N 270 
PRO CG  CD   sing N N 271 
PRO CG  HG2  sing N N 272 
PRO CG  HG3  sing N N 273 
PRO CD  HD2  sing N N 274 
PRO CD  HD3  sing N N 275 
PRO OXT HXT  sing N N 276 
SER N   CA   sing N N 277 
SER N   H    sing N N 278 
SER N   H2   sing N N 279 
SER CA  C    sing N N 280 
SER CA  CB   sing N N 281 
SER CA  HA   sing N N 282 
SER C   O    doub N N 283 
SER C   OXT  sing N N 284 
SER CB  OG   sing N N 285 
SER CB  HB2  sing N N 286 
SER CB  HB3  sing N N 287 
SER OG  HG   sing N N 288 
SER OXT HXT  sing N N 289 
THR N   CA   sing N N 290 
THR N   H    sing N N 291 
THR N   H2   sing N N 292 
THR CA  C    sing N N 293 
THR CA  CB   sing N N 294 
THR CA  HA   sing N N 295 
THR C   O    doub N N 296 
THR C   OXT  sing N N 297 
THR CB  OG1  sing N N 298 
THR CB  CG2  sing N N 299 
THR CB  HB   sing N N 300 
THR OG1 HG1  sing N N 301 
THR CG2 HG21 sing N N 302 
THR CG2 HG22 sing N N 303 
THR CG2 HG23 sing N N 304 
THR OXT HXT  sing N N 305 
TRP N   CA   sing N N 306 
TRP N   H    sing N N 307 
TRP N   H2   sing N N 308 
TRP CA  C    sing N N 309 
TRP CA  CB   sing N N 310 
TRP CA  HA   sing N N 311 
TRP C   O    doub N N 312 
TRP C   OXT  sing N N 313 
TRP CB  CG   sing N N 314 
TRP CB  HB2  sing N N 315 
TRP CB  HB3  sing N N 316 
TRP CG  CD1  doub Y N 317 
TRP CG  CD2  sing Y N 318 
TRP CD1 NE1  sing Y N 319 
TRP CD1 HD1  sing N N 320 
TRP CD2 CE2  doub Y N 321 
TRP CD2 CE3  sing Y N 322 
TRP NE1 CE2  sing Y N 323 
TRP NE1 HE1  sing N N 324 
TRP CE2 CZ2  sing Y N 325 
TRP CE3 CZ3  doub Y N 326 
TRP CE3 HE3  sing N N 327 
TRP CZ2 CH2  doub Y N 328 
TRP CZ2 HZ2  sing N N 329 
TRP CZ3 CH2  sing Y N 330 
TRP CZ3 HZ3  sing N N 331 
TRP CH2 HH2  sing N N 332 
TRP OXT HXT  sing N N 333 
TYR N   CA   sing N N 334 
TYR N   H    sing N N 335 
TYR N   H2   sing N N 336 
TYR CA  C    sing N N 337 
TYR CA  CB   sing N N 338 
TYR CA  HA   sing N N 339 
TYR C   O    doub N N 340 
TYR C   OXT  sing N N 341 
TYR CB  CG   sing N N 342 
TYR CB  HB2  sing N N 343 
TYR CB  HB3  sing N N 344 
TYR CG  CD1  doub Y N 345 
TYR CG  CD2  sing Y N 346 
TYR CD1 CE1  sing Y N 347 
TYR CD1 HD1  sing N N 348 
TYR CD2 CE2  doub Y N 349 
TYR CD2 HD2  sing N N 350 
TYR CE1 CZ   doub Y N 351 
TYR CE1 HE1  sing N N 352 
TYR CE2 CZ   sing Y N 353 
TYR CE2 HE2  sing N N 354 
TYR CZ  OH   sing N N 355 
TYR OH  HH   sing N N 356 
TYR OXT HXT  sing N N 357 
VAL N   CA   sing N N 358 
VAL N   H    sing N N 359 
VAL N   H2   sing N N 360 
VAL CA  C    sing N N 361 
VAL CA  CB   sing N N 362 
VAL CA  HA   sing N N 363 
VAL C   O    doub N N 364 
VAL C   OXT  sing N N 365 
VAL CB  CG1  sing N N 366 
VAL CB  CG2  sing N N 367 
VAL CB  HB   sing N N 368 
VAL CG1 HG11 sing N N 369 
VAL CG1 HG12 sing N N 370 
VAL CG1 HG13 sing N N 371 
VAL CG2 HG21 sing N N 372 
VAL CG2 HG22 sing N N 373 
VAL CG2 HG23 sing N N 374 
VAL OXT HXT  sing N N 375 
# 
_pdbx_audit_support.funding_organization   'General Research Fund from the Research  Grants Council of Hong Kong SAR' 
_pdbx_audit_support.country                'Hong Kong' 
_pdbx_audit_support.grant_number           476212 
_pdbx_audit_support.ordinal                1 
# 
_atom_sites.entry_id                    4TJV 
_atom_sites.fract_transf_matrix[1][1]   0.02547981 
_atom_sites.fract_transf_matrix[1][2]   0.01700248 
_atom_sites.fract_transf_matrix[1][3]   0.01091806 
_atom_sites.fract_transf_matrix[2][1]   0.00769364 
_atom_sites.fract_transf_matrix[2][2]   -0.01359954 
_atom_sites.fract_transf_matrix[2][3]   0.00322342 
_atom_sites.fract_transf_matrix[3][1]   0.01864246 
_atom_sites.fract_transf_matrix[3][2]   0.00523907 
_atom_sites.fract_transf_matrix[3][3]   -0.02239214 
_atom_sites.fract_transf_vector[1]      0.237008 
_atom_sites.fract_transf_vector[2]      0.071493 
_atom_sites.fract_transf_vector[3]      0.665991 
# 
loop_
_atom_type.symbol 
C 
I 
N 
O 
S 
# 
loop_
_atom_site.group_PDB 
_atom_site.id 
_atom_site.type_symbol 
_atom_site.label_atom_id 
_atom_site.label_alt_id 
_atom_site.label_comp_id 
_atom_site.label_asym_id 
_atom_site.label_entity_id 
_atom_site.label_seq_id 
_atom_site.pdbx_PDB_ins_code 
_atom_site.Cartn_x 
_atom_site.Cartn_y 
_atom_site.Cartn_z 
_atom_site.occupancy 
_atom_site.B_iso_or_equiv 
_atom_site.pdbx_formal_charge 
_atom_site.auth_seq_id 
_atom_site.auth_comp_id 
_atom_site.auth_asym_id 
_atom_site.auth_atom_id 
_atom_site.pdbx_PDB_model_num 
ATOM   1    N N   . GLY A 1 1   ? -13.146 6.050   11.917  1.00 26.71 ? 18  GLY A N   1 
ATOM   2    C CA  . GLY A 1 1   ? -12.922 4.783   12.599  1.00 29.65 ? 18  GLY A CA  1 
ATOM   3    C C   . GLY A 1 1   ? -11.445 4.529   12.780  1.00 28.84 ? 18  GLY A C   1 
ATOM   4    O O   . GLY A 1 1   ? -10.637 5.400   12.454  1.00 33.55 ? 18  GLY A O   1 
ATOM   5    N N   . SER A 1 2   ? -11.070 3.396   13.369  1.00 26.01 ? 19  SER A N   1 
ATOM   6    C CA  . SER A 1 2   ? -9.736  2.907   13.088  1.00 25.16 ? 19  SER A CA  1 
ATOM   7    C C   . SER A 1 2   ? -9.858  1.513   12.514  1.00 29.40 ? 19  SER A C   1 
ATOM   8    O O   . SER A 1 2   ? -9.946  0.516   13.233  1.00 32.80 ? 19  SER A O   1 
ATOM   9    C CB  . SER A 1 2   ? -8.884  2.911   14.355  1.00 33.54 ? 19  SER A CB  1 
ATOM   10   O OG  . SER A 1 2   ? -9.588  2.328   15.437  1.00 37.62 ? 19  SER A OG  1 
ATOM   11   N N   . ARG A 1 3   ? -9.761  1.468   11.198  1.00 17.53 ? 20  ARG A N   1 
ATOM   12   C CA  . ARG A 1 3   ? -9.872  0.248   10.434  1.00 16.43 ? 20  ARG A CA  1 
ATOM   13   C C   . ARG A 1 3   ? -8.516  -0.249  9.990   1.00 18.68 ? 20  ARG A C   1 
ATOM   14   O O   . ARG A 1 3   ? -8.415  -1.254  9.303   1.00 22.78 ? 20  ARG A O   1 
ATOM   15   C CB  . ARG A 1 3   ? -10.804 0.481   9.256   1.00 14.64 ? 20  ARG A CB  1 
ATOM   16   C CG  . ARG A 1 3   ? -12.187 0.856   9.739   1.00 17.97 ? 20  ARG A CG  1 
ATOM   17   C CD  . ARG A 1 3   ? -13.174 1.018   8.609   1.00 18.55 ? 20  ARG A CD  1 
ATOM   18   N NE  . ARG A 1 3   ? -14.513 1.254   9.132   1.00 17.02 ? 20  ARG A NE  1 
ATOM   19   C CZ  . ARG A 1 3   ? -14.965 2.441   9.527   1.00 18.07 ? 20  ARG A CZ  1 
ATOM   20   N NH1 . ARG A 1 3   ? -14.181 3.510   9.457   1.00 17.99 ? 20  ARG A NH1 1 
ATOM   21   N NH2 . ARG A 1 3   ? -16.204 2.559   9.993   1.00 19.89 ? 20  ARG A NH2 1 
ATOM   22   N N   . PHE A 1 4   ? -7.483  0.507   10.337  1.00 18.73 ? 21  PHE A N   1 
ATOM   23   C CA  . PHE A 1 4   ? -6.132  0.183   9.920   1.00 17.16 ? 21  PHE A CA  1 
ATOM   24   C C   . PHE A 1 4   ? -5.347  -0.198  11.151  1.00 22.60 ? 21  PHE A C   1 
ATOM   25   O O   . PHE A 1 4   ? -5.071  0.641   12.000  1.00 25.71 ? 21  PHE A O   1 
ATOM   26   C CB  . PHE A 1 4   ? -5.494  1.365   9.176   1.00 17.44 ? 21  PHE A CB  1 
ATOM   27   C CG  . PHE A 1 4   ? -6.163  1.678   7.868   1.00 16.91 ? 21  PHE A CG  1 
ATOM   28   C CD1 . PHE A 1 4   ? -7.277  2.504   7.824   1.00 15.96 ? 21  PHE A CD1 1 
ATOM   29   C CD2 . PHE A 1 4   ? -5.697  1.128   6.681   1.00 15.06 ? 21  PHE A CD2 1 
ATOM   30   C CE1 . PHE A 1 4   ? -7.910  2.785   6.616   1.00 17.07 ? 21  PHE A CE1 1 
ATOM   31   C CE2 . PHE A 1 4   ? -6.312  1.402   5.480   1.00 17.06 ? 21  PHE A CE2 1 
ATOM   32   C CZ  . PHE A 1 4   ? -7.426  2.239   5.440   1.00 13.73 ? 21  PHE A CZ  1 
ATOM   33   N N   . VAL A 1 5   ? -5.010  -1.482  11.237  1.00 21.40 ? 22  VAL A N   1 
ATOM   34   C CA  . VAL A 1 5   ? -4.414  -2.063  12.431  1.00 20.48 ? 22  VAL A CA  1 
ATOM   35   C C   . VAL A 1 5   ? -2.897  -2.061  12.357  1.00 13.54 ? 22  VAL A C   1 
ATOM   36   O O   . VAL A 1 5   ? -2.306  -2.682  11.467  1.00 16.45 ? 22  VAL A O   1 
ATOM   37   C CB  . VAL A 1 5   ? -4.894  -3.516  12.643  1.00 27.12 ? 22  VAL A CB  1 
ATOM   38   C CG1 . VAL A 1 5   ? -4.383  -4.047  13.971  1.00 28.86 ? 22  VAL A CG1 1 
ATOM   39   C CG2 . VAL A 1 5   ? -6.411  -3.587  12.569  1.00 30.51 ? 22  VAL A CG2 1 
ATOM   40   N N   . VAL A 1 6   ? -2.266  -1.367  13.294  1.00 15.92 ? 23  VAL A N   1 
ATOM   41   C CA  . VAL A 1 6   ? -0.816  -1.265  13.290  1.00 13.69 ? 23  VAL A CA  1 
ATOM   42   C C   . VAL A 1 6   ? -0.195  -2.594  13.683  1.00 20.07 ? 23  VAL A C   1 
ATOM   43   O O   . VAL A 1 6   ? -0.496  -3.142  14.749  1.00 22.37 ? 23  VAL A O   1 
ATOM   44   C CB  . VAL A 1 6   ? -0.330  -0.155  14.236  1.00 18.83 ? 23  VAL A CB  1 
ATOM   45   C CG1 . VAL A 1 6   ? 1.186   -0.119  14.265  1.00 24.90 ? 23  VAL A CG1 1 
ATOM   46   C CG2 . VAL A 1 6   ? -0.895  1.189   13.775  1.00 17.67 ? 23  VAL A CG2 1 
ATOM   47   N N   . GLU A 1 7   ? 0.668   -3.096  12.806  1.00 15.24 ? 24  GLU A N   1 
ATOM   48   C CA  . GLU A 1 7   ? 1.409   -4.341  13.019  1.00 20.12 ? 24  GLU A CA  1 
ATOM   49   C C   . GLU A 1 7   ? 2.893   -4.132  12.741  1.00 18.86 ? 24  GLU A C   1 
ATOM   50   O O   . GLU A 1 7   ? 3.245   -3.464  11.780  1.00 18.98 ? 24  GLU A O   1 
ATOM   51   C CB  . GLU A 1 7   ? 0.878   -5.442  12.103  1.00 24.85 ? 24  GLU A CB  1 
ATOM   52   C CG  . GLU A 1 7   ? -0.589  -5.749  12.271  1.00 29.79 ? 24  GLU A CG  1 
ATOM   53   C CD  . GLU A 1 7   ? -0.855  -6.712  13.404  1.00 38.96 ? 24  GLU A CD  1 
ATOM   54   O OE1 . GLU A 1 7   ? 0.036   -6.889  14.264  1.00 39.18 ? 24  GLU A OE1 1 
ATOM   55   O OE2 . GLU A 1 7   ? -1.958  -7.300  13.425  1.00 48.61 ? 24  GLU A OE2 1 
ATOM   56   N N   . LYS A 1 8   ? 3.760   -4.706  13.572  1.00 20.98 ? 25  LYS A N   1 
ATOM   57   C CA  . LYS A 1 8   ? 5.206   -4.568  13.390  1.00 21.91 ? 25  LYS A CA  1 
ATOM   58   C C   . LYS A 1 8   ? 5.831   -5.535  12.376  1.00 18.28 ? 25  LYS A C   1 
ATOM   59   O O   . LYS A 1 8   ? 6.878   -5.249  11.805  1.00 22.61 ? 25  LYS A O   1 
ATOM   60   C CB  . LYS A 1 8   ? 5.912   -4.728  14.744  1.00 26.22 ? 25  LYS A CB  1 
ATOM   61   C CG  . LYS A 1 8   ? 5.552   -3.645  15.760  1.00 34.87 ? 25  LYS A CG  1 
ATOM   62   C CD  . LYS A 1 8   ? 6.128   -3.946  17.145  1.00 44.13 ? 25  LYS A CD  1 
ATOM   63   C CE  . LYS A 1 8   ? 7.651   -3.849  17.162  1.00 56.96 ? 25  LYS A CE  1 
ATOM   64   N NZ  . LYS A 1 8   ? 8.242   -4.256  18.481  1.00 59.73 ? 25  LYS A NZ  1 
ATOM   65   N N   . ASN A 1 9   ? 5.239   -6.720  12.264  1.00 20.11 ? 26  ASN A N   1 
ATOM   66   C CA  . ASN A 1 9   ? 5.772   -7.849  11.488  1.00 24.56 ? 26  ASN A CA  1 
ATOM   67   C C   . ASN A 1 9   ? 5.213   -8.171  10.090  1.00 24.29 ? 26  ASN A C   1 
ATOM   68   O O   . ASN A 1 9   ? 5.512   -9.240  9.550   1.00 28.75 ? 26  ASN A O   1 
ATOM   69   C CB  . ASN A 1 9   ? 5.655   -9.103  12.345  1.00 26.02 ? 26  ASN A CB  1 
ATOM   70   C CG  . ASN A 1 9   ? 4.236   -9.343  12.838  1.00 39.78 ? 26  ASN A CG  1 
ATOM   71   O OD1 . ASN A 1 9   ? 3.454   -8.399  13.016  1.00 36.12 ? 26  ASN A OD1 1 
ATOM   72   N ND2 . ASN A 1 9   ? 3.900   -10.611 13.074  1.00 37.42 ? 26  ASN A ND2 1 
ATOM   73   N N   . ASN A 1 10  ? 4.309   -7.349  9.568   1.00 19.13 ? 27  ASN A N   1 
ATOM   74   C CA  . ASN A 1 10  ? 3.500   -7.740  8.411   1.00 20.25 ? 27  ASN A CA  1 
ATOM   75   C C   . ASN A 1 10  ? 4.004   -7.282  7.040   1.00 21.61 ? 27  ASN A C   1 
ATOM   76   O O   . ASN A 1 10  ? 3.402   -7.622  6.013   1.00 25.82 ? 27  ASN A O   1 
ATOM   77   C CB  . ASN A 1 10  ? 2.068   -7.223  8.592   1.00 24.67 ? 27  ASN A CB  1 
ATOM   78   C CG  . ASN A 1 10  ? 1.286   -8.016  9.622   1.00 27.86 ? 27  ASN A CG  1 
ATOM   79   O OD1 . ASN A 1 10  ? 1.856   -8.754  10.409  1.00 26.66 ? 27  ASN A OD1 1 
ATOM   80   N ND2 . ASN A 1 10  ? -0.028  -7.853  9.620   1.00 39.84 ? 27  ASN A ND2 1 
ATOM   81   N N   . LEU A 1 11  ? 5.083   -6.510  7.018   1.00 14.86 ? 28  LEU A N   1 
ATOM   82   C CA  . LEU A 1 11  ? 5.566   -5.934  5.762   1.00 12.80 ? 28  LEU A CA  1 
ATOM   83   C C   . LEU A 1 11  ? 7.078   -6.094  5.635   1.00 15.69 ? 28  LEU A C   1 
ATOM   84   O O   . LEU A 1 11  ? 7.843   -5.623  6.476   1.00 17.91 ? 28  LEU A O   1 
ATOM   85   C CB  . LEU A 1 11  ? 5.167   -4.448  5.664   1.00 14.31 ? 28  LEU A CB  1 
ATOM   86   C CG  . LEU A 1 11  ? 5.468   -3.751  4.342   1.00 13.88 ? 28  LEU A CG  1 
ATOM   87   C CD1 . LEU A 1 11  ? 4.866   -4.573  3.249   1.00 25.41 ? 28  LEU A CD1 1 
ATOM   88   C CD2 . LEU A 1 11  ? 4.880   -2.337  4.297   1.00 14.77 ? 28  LEU A CD2 1 
ATOM   89   N N   . LYS A 1 12  ? 7.512   -6.771  4.579   1.00 13.68 ? 29  LYS A N   1 
ATOM   90   C CA  . LYS A 1 12  ? 8.927   -7.038  4.385   1.00 14.44 ? 29  LYS A CA  1 
ATOM   91   C C   . LYS A 1 12  ? 9.361   -6.542  3.015   1.00 20.97 ? 29  LYS A C   1 
ATOM   92   O O   . LYS A 1 12  ? 8.795   -6.949  2.005   1.00 22.80 ? 29  LYS A O   1 
ATOM   93   C CB  . LYS A 1 12  ? 9.196   -8.547  4.528   1.00 19.69 ? 29  LYS A CB  1 
ATOM   94   C CG  . LYS A 1 12  ? 10.650  -8.929  4.656   1.00 23.80 ? 29  LYS A CG  1 
ATOM   95   C CD  . LYS A 1 12  ? 10.826  -10.445 4.661   1.00 19.50 ? 29  LYS A CD  1 
ATOM   96   C CE  . LYS A 1 12  ? 10.459  -11.075 5.992   1.00 22.39 ? 29  LYS A CE  1 
ATOM   97   N NZ  . LYS A 1 12  ? 11.164  -12.399 6.147   1.00 24.04 ? 29  LYS A NZ  1 
ATOM   98   N N   . VAL A 1 13  ? 10.334  -5.636  2.975   1.00 12.76 ? 30  VAL A N   1 
ATOM   99   C CA  . VAL A 1 13  ? 10.977  -5.283  1.714   1.00 13.38 ? 30  VAL A CA  1 
ATOM   100  C C   . VAL A 1 13  ? 12.061  -6.309  1.426   1.00 16.87 ? 30  VAL A C   1 
ATOM   101  O O   . VAL A 1 13  ? 12.935  -6.520  2.265   1.00 15.69 ? 30  VAL A O   1 
ATOM   102  C CB  . VAL A 1 13  ? 11.605  -3.893  1.749   1.00 13.59 ? 30  VAL A CB  1 
ATOM   103  C CG1 . VAL A 1 13  ? 12.345  -3.635  0.440   1.00 15.35 ? 30  VAL A CG1 1 
ATOM   104  C CG2 . VAL A 1 13  ? 10.529  -2.831  1.975   1.00 15.84 ? 30  VAL A CG2 1 
ATOM   105  N N   . THR A 1 14  ? 11.962  -6.998  0.292   1.00 15.23 ? 31  THR A N   1 
ATOM   106  C CA  . THR A 1 14  ? 12.937  -8.048  -0.017  1.00 16.84 ? 31  THR A CA  1 
ATOM   107  C C   . THR A 1 14  ? 14.067  -7.641  -0.963  1.00 17.74 ? 31  THR A C   1 
ATOM   108  O O   . THR A 1 14  ? 15.034  -8.390  -1.138  1.00 19.50 ? 31  THR A O   1 
ATOM   109  C CB  . THR A 1 14  ? 12.230  -9.263  -0.627  1.00 17.97 ? 31  THR A CB  1 
ATOM   110  O OG1 . THR A 1 14  ? 11.579  -8.867  -1.840  1.00 18.59 ? 31  THR A OG1 1 
ATOM   111  C CG2 . THR A 1 14  ? 11.200  -9.811  0.353   1.00 20.98 ? 31  THR A CG2 1 
ATOM   112  N N   A SER A 1 15  ? 13.978  -6.437  -1.517  0.60 15.54 ? 32  SER A N   1 
ATOM   113  N N   B SER A 1 15  ? 13.974  -6.437  -1.515  0.40 15.57 ? 32  SER A N   1 
ATOM   114  C CA  A SER A 1 15  ? 14.939  -5.967  -2.511  0.60 16.15 ? 32  SER A CA  1 
ATOM   115  C CA  B SER A 1 15  ? 14.956  -5.945  -2.474  0.40 16.18 ? 32  SER A CA  1 
ATOM   116  C C   A SER A 1 15  ? 14.624  -4.503  -2.828  0.60 17.54 ? 32  SER A C   1 
ATOM   117  C C   B SER A 1 15  ? 14.628  -4.493  -2.797  0.40 17.56 ? 32  SER A C   1 
ATOM   118  O O   A SER A 1 15  ? 13.461  -4.114  -2.828  0.60 18.69 ? 32  SER A O   1 
ATOM   119  O O   B SER A 1 15  ? 13.463  -4.104  -2.781  0.40 18.66 ? 32  SER A O   1 
ATOM   120  C CB  A SER A 1 15  ? 14.879  -6.837  -3.777  0.60 20.98 ? 32  SER A CB  1 
ATOM   121  C CB  B SER A 1 15  ? 14.965  -6.793  -3.755  0.40 20.93 ? 32  SER A CB  1 
ATOM   122  O OG  A SER A 1 15  ? 15.895  -6.495  -4.702  0.60 17.81 ? 32  SER A OG  1 
ATOM   123  O OG  B SER A 1 15  ? 13.877  -6.470  -4.605  0.40 18.76 ? 32  SER A OG  1 
ATOM   124  N N   . PRO A 1 16  ? 15.656  -3.673  -3.058  1.00 14.74 ? 33  PRO A N   1 
ATOM   125  C CA  . PRO A 1 16  ? 17.084  -4.018  -3.059  1.00 15.75 ? 33  PRO A CA  1 
ATOM   126  C C   . PRO A 1 16  ? 17.670  -4.132  -1.659  1.00 15.54 ? 33  PRO A C   1 
ATOM   127  O O   . PRO A 1 16  ? 16.998  -3.826  -0.680  1.00 15.45 ? 33  PRO A O   1 
ATOM   128  C CB  . PRO A 1 16  ? 17.715  -2.836  -3.799  1.00 16.39 ? 33  PRO A CB  1 
ATOM   129  C CG  . PRO A 1 16  ? 16.842  -1.677  -3.403  1.00 19.85 ? 33  PRO A CG  1 
ATOM   130  C CD  . PRO A 1 16  ? 15.444  -2.253  -3.397  1.00 15.14 ? 33  PRO A CD  1 
ATOM   131  N N   . ASP A 1 17  ? 18.944  -4.520  -1.572  1.00 17.19 ? 34  ASP A N   1 
ATOM   132  C CA  . ASP A 1 17  ? 19.598  -4.712  -0.281  1.00 22.89 ? 34  ASP A CA  1 
ATOM   133  C C   . ASP A 1 17  ? 19.598  -3.484  0.608   1.00 14.21 ? 34  ASP A C   1 
ATOM   134  O O   . ASP A 1 17  ? 19.485  -3.601  1.828   1.00 17.12 ? 34  ASP A O   1 
ATOM   135  C CB  . ASP A 1 17  ? 21.046  -5.146  -0.487  1.00 18.58 ? 34  ASP A CB  1 
ATOM   136  C CG  . ASP A 1 17  ? 21.155  -6.569  -0.961  1.00 25.95 ? 34  ASP A CG  1 
ATOM   137  O OD1 . ASP A 1 17  ? 20.152  -7.312  -0.865  1.00 29.02 ? 34  ASP A OD1 1 
ATOM   138  O OD2 . ASP A 1 17  ? 22.249  -6.940  -1.426  1.00 28.09 ? 34  ASP A OD2 1 
ATOM   139  N N   . SER A 1 18  ? 19.743  -2.325  -0.020  1.00 21.28 ? 35  SER A N   1 
ATOM   140  C CA  . SER A 1 18  ? 19.869  -1.072  0.702   1.00 21.25 ? 35  SER A CA  1 
ATOM   141  C C   . SER A 1 18  ? 18.710  -0.858  1.671   1.00 24.83 ? 35  SER A C   1 
ATOM   142  O O   . SER A 1 18  ? 18.910  -0.374  2.787   1.00 24.90 ? 35  SER A O   1 
ATOM   143  C CB  . SER A 1 18  ? 19.965  0.097   -0.285  1.00 20.44 ? 35  SER A CB  1 
ATOM   144  O OG  . SER A 1 18  ? 18.885  0.124   -1.202  1.00 25.14 ? 35  SER A OG  1 
ATOM   145  N N   . ILE A 1 19  ? 17.490  -1.095  1.203   1.00 22.09 ? 36  ILE A N   1 
ATOM   146  C CA  . ILE A 1 19  ? 16.310  -0.976  2.065   1.00 21.81 ? 36  ILE A CA  1 
ATOM   147  C C   . ILE A 1 19  ? 15.681  -2.281  2.581   1.00 19.75 ? 36  ILE A C   1 
ATOM   148  O O   . ILE A 1 19  ? 14.613  -2.256  3.200   1.00 17.76 ? 36  ILE A O   1 
ATOM   149  C CB  . ILE A 1 19  ? 15.261  -0.106  1.378   1.00 18.31 ? 36  ILE A CB  1 
ATOM   150  C CG1 . ILE A 1 19  ? 14.820  -0.694  0.044   1.00 20.71 ? 36  ILE A CG1 1 
ATOM   151  C CG2 . ILE A 1 19  ? 15.850  1.289   1.151   1.00 22.82 ? 36  ILE A CG2 1 
ATOM   152  C CD1 . ILE A 1 19  ? 13.630  0.056   -0.548  1.00 20.23 ? 36  ILE A CD1 1 
ATOM   153  N N   . LYS A 1 20  ? 16.284  -3.423  2.267   1.00 16.98 ? 37  LYS A N   1 
ATOM   154  C CA  . LYS A 1 20  ? 15.749  -4.700  2.711   1.00 18.23 ? 37  LYS A CA  1 
ATOM   155  C C   . LYS A 1 20  ? 15.527  -4.713  4.227   1.00 18.88 ? 37  LYS A C   1 
ATOM   156  O O   . LYS A 1 20  ? 16.372  -4.232  4.995   1.00 21.21 ? 37  LYS A O   1 
ATOM   157  C CB  . LYS A 1 20  ? 16.701  -5.827  2.277   1.00 20.24 ? 37  LYS A CB  1 
ATOM   158  C CG  . LYS A 1 20  ? 16.440  -7.162  2.903   1.00 26.44 ? 37  LYS A CG  1 
ATOM   159  C CD  . LYS A 1 20  ? 17.475  -8.157  2.398   1.00 25.63 ? 37  LYS A CD  1 
ATOM   160  C CE  . LYS A 1 20  ? 17.500  -9.414  3.235   1.00 34.08 ? 37  LYS A CE  1 
ATOM   161  N NZ  . LYS A 1 20  ? 18.635  -10.287 2.818   1.00 22.50 ? 37  LYS A NZ  1 
ATOM   162  N N   . GLY A 1 21  ? 14.374  -5.221  4.654   1.00 16.93 ? 38  GLY A N   1 
ATOM   163  C CA  . GLY A 1 21  ? 14.053  -5.302  6.064   1.00 17.99 ? 38  GLY A CA  1 
ATOM   164  C C   . GLY A 1 21  ? 12.570  -5.471  6.353   1.00 16.88 ? 38  GLY A C   1 
ATOM   165  O O   . GLY A 1 21  ? 11.750  -5.546  5.434   1.00 16.30 ? 38  GLY A O   1 
ATOM   166  N N   . ILE A 1 22  ? 12.239  -5.523  7.641   1.00 16.61 ? 39  ILE A N   1 
ATOM   167  C CA  . ILE A 1 22  ? 10.859  -5.633  8.099   1.00 17.20 ? 39  ILE A CA  1 
ATOM   168  C C   . ILE A 1 22  ? 10.383  -4.291  8.641   1.00 16.28 ? 39  ILE A C   1 
ATOM   169  O O   . ILE A 1 22  ? 11.081  -3.648  9.436   1.00 17.72 ? 39  ILE A O   1 
ATOM   170  C CB  . ILE A 1 22  ? 10.714  -6.717  9.187   1.00 17.69 ? 39  ILE A CB  1 
ATOM   171  C CG1 . ILE A 1 22  ? 11.137  -8.079  8.631   1.00 22.72 ? 39  ILE A CG1 1 
ATOM   172  C CG2 . ILE A 1 22  ? 9.281   -6.763  9.716   1.00 20.26 ? 39  ILE A CG2 1 
ATOM   173  C CD1 . ILE A 1 22  ? 11.359  -9.122  9.701   1.00 27.85 ? 39  ILE A CD1 1 
ATOM   174  N N   . TYR A 1 23  ? 9.197   -3.866  8.214   1.00 13.28 ? 40  TYR A N   1 
ATOM   175  C CA  . TYR A 1 23  ? 8.688   -2.553  8.598   1.00 13.85 ? 40  TYR A CA  1 
ATOM   176  C C   . TYR A 1 23  ? 7.280   -2.592  9.170   1.00 12.62 ? 40  TYR A C   1 
ATOM   177  O O   . TYR A 1 23  ? 6.469   -3.453  8.822   1.00 15.82 ? 40  TYR A O   1 
ATOM   178  C CB  . TYR A 1 23  ? 8.702   -1.604  7.399   1.00 14.15 ? 40  TYR A CB  1 
ATOM   179  C CG  . TYR A 1 23  ? 10.064  -1.389  6.799   1.00 14.19 ? 40  TYR A CG  1 
ATOM   180  C CD1 . TYR A 1 23  ? 10.570  -2.259  5.846   1.00 13.77 ? 40  TYR A CD1 1 
ATOM   181  C CD2 . TYR A 1 23  ? 10.839  -0.305  7.176   1.00 16.58 ? 40  TYR A CD2 1 
ATOM   182  C CE1 . TYR A 1 23  ? 11.816  -2.057  5.284   1.00 12.08 ? 40  TYR A CE1 1 
ATOM   183  C CE2 . TYR A 1 23  ? 12.074  -0.095  6.627   1.00 18.93 ? 40  TYR A CE2 1 
ATOM   184  C CZ  . TYR A 1 23  ? 12.561  -0.976  5.685   1.00 16.82 ? 40  TYR A CZ  1 
ATOM   185  O OH  . TYR A 1 23  ? 13.803  -0.759  5.134   1.00 18.16 ? 40  TYR A OH  1 
ATOM   186  N N   . GLU A 1 24  ? 6.990   -1.638  10.043  1.00 13.94 ? 41  GLU A N   1 
ATOM   187  C CA  . GLU A 1 24  ? 5.651   -1.483  10.577  1.00 14.38 ? 41  GLU A CA  1 
ATOM   188  C C   . GLU A 1 24  ? 4.713   -1.006  9.472   1.00 12.82 ? 41  GLU A C   1 
ATOM   189  O O   . GLU A 1 24  ? 5.137   -0.350  8.528   1.00 15.54 ? 41  GLU A O   1 
ATOM   190  C CB  . GLU A 1 24  ? 5.650   -0.493  11.746  1.00 18.24 ? 41  GLU A CB  1 
ATOM   191  C CG  . GLU A 1 24  ? 6.151   0.895   11.376  1.00 25.49 ? 41  GLU A CG  1 
ATOM   192  C CD  . GLU A 1 24  ? 6.085   1.872   12.542  1.00 39.30 ? 41  GLU A CD  1 
ATOM   193  O OE1 . GLU A 1 24  ? 6.920   2.801   12.590  1.00 39.29 ? 41  GLU A OE1 1 
ATOM   194  O OE2 . GLU A 1 24  ? 5.195   1.710   13.408  1.00 34.06 ? 41  GLU A OE2 1 
ATOM   195  N N   . CYS A 1 25  ? 3.442   -1.358  9.587   1.00 13.90 ? 42  CYS A N   1 
ATOM   196  C CA  . CYS A 1 25  ? 2.427   -0.845  8.676   1.00 13.21 ? 42  CYS A CA  1 
ATOM   197  C C   . CYS A 1 25  ? 1.080   -0.976  9.360   1.00 15.24 ? 42  CYS A C   1 
ATOM   198  O O   . CYS A 1 25  ? 0.957   -1.668  10.371  1.00 16.14 ? 42  CYS A O   1 
ATOM   199  C CB  . CYS A 1 25  ? 2.440   -1.576  7.329   1.00 11.39 ? 42  CYS A CB  1 
ATOM   200  S SG  . CYS A 1 25  ? 1.806   -3.276  7.348   1.00 15.79 ? 42  CYS A SG  1 
ATOM   201  N N   . ALA A 1 26  ? 0.080   -0.275  8.847   1.00 14.00 ? 43  ALA A N   1 
ATOM   202  C CA  . ALA A 1 26  ? -1.273  -0.446  9.355   1.00 15.45 ? 43  ALA A CA  1 
ATOM   203  C C   . ALA A 1 26  ? -2.140  -1.026  8.261   1.00 13.97 ? 43  ALA A C   1 
ATOM   204  O O   . ALA A 1 26  ? -2.462  -0.336  7.286   1.00 14.05 ? 43  ALA A O   1 
ATOM   205  C CB  . ALA A 1 26  ? -1.836  0.879   9.848   1.00 13.74 ? 43  ALA A CB  1 
ATOM   206  N N   . ILE A 1 27  ? -2.533  -2.286  8.420   1.00 15.43 ? 44  ILE A N   1 
ATOM   207  C CA  . ILE A 1 27  ? -3.248  -2.994  7.364   1.00 16.78 ? 44  ILE A CA  1 
ATOM   208  C C   . ILE A 1 27  ? -4.745  -2.795  7.527   1.00 18.16 ? 44  ILE A C   1 
ATOM   209  O O   . ILE A 1 27  ? -5.282  -2.947  8.621   1.00 16.17 ? 44  ILE A O   1 
ATOM   210  C CB  . ILE A 1 27  ? -2.943  -4.515  7.356   1.00 21.82 ? 44  ILE A CB  1 
ATOM   211  C CG1 . ILE A 1 27  ? -1.441  -4.769  7.313   1.00 27.55 ? 44  ILE A CG1 1 
ATOM   212  C CG2 . ILE A 1 27  ? -3.633  -5.180  6.192   1.00 19.86 ? 44  ILE A CG2 1 
ATOM   213  C CD1 . ILE A 1 27  ? -0.840  -4.949  8.692   1.00 32.42 ? 44  ILE A CD1 1 
ATOM   214  N N   . GLY A 1 28  ? -5.432  -2.440  6.450   1.00 14.95 ? 45  GLY A N   1 
ATOM   215  C CA  . GLY A 1 28  ? -6.860  -2.195  6.576   1.00 18.89 ? 45  GLY A CA  1 
ATOM   216  C C   . GLY A 1 28  ? -7.581  -3.507  6.829   1.00 20.22 ? 45  GLY A C   1 
ATOM   217  O O   . GLY A 1 28  ? -7.196  -4.536  6.262   1.00 19.03 ? 45  GLY A O   1 
ATOM   218  N N   . ASN A 1 29  ? -8.635  -3.517  7.643   1.00 15.72 ? 46  ASN A N   1 
ATOM   219  C CA  . ASN A 1 29  ? -9.336  -4.776  7.668   1.00 22.14 ? 46  ASN A CA  1 
ATOM   220  C C   . ASN A 1 29  ? -10.517 -4.613  6.730   1.00 23.29 ? 46  ASN A C   1 
ATOM   221  O O   . ASN A 1 29  ? -11.625 -4.221  7.097   1.00 33.70 ? 46  ASN A O   1 
ATOM   222  C CB  . ASN A 1 29  ? -9.785  -5.121  9.088   1.00 32.69 ? 46  ASN A CB  1 
ATOM   223  C CG  . ASN A 1 29  ? -10.228 -3.902  9.874   1.00 42.55 ? 46  ASN A CG  1 
ATOM   224  O OD1 . ASN A 1 29  ? -10.799 -2.961  9.318   1.00 44.02 ? 46  ASN A OD1 1 
ATOM   225  N ND2 . ASN A 1 29  ? -9.960  -3.909  11.178  1.00 47.52 ? 46  ASN A ND2 1 
ATOM   226  N N   . PHE A 1 30  ? -10.224 -5.061  5.521   1.00 25.67 ? 47  PHE A N   1 
ATOM   227  C CA  . PHE A 1 30  ? -11.079 -5.080  4.340   1.00 23.10 ? 47  PHE A CA  1 
ATOM   228  C C   . PHE A 1 30  ? -10.058 -5.474  3.277   1.00 24.83 ? 47  PHE A C   1 
ATOM   229  O O   . PHE A 1 30  ? -8.855  -5.315  3.507   1.00 27.03 ? 47  PHE A O   1 
ATOM   230  C CB  . PHE A 1 30  ? -11.770 -3.723  4.061   1.00 24.51 ? 47  PHE A CB  1 
ATOM   231  C CG  . PHE A 1 30  ? -10.830 -2.541  3.994   1.00 18.68 ? 47  PHE A CG  1 
ATOM   232  C CD1 . PHE A 1 30  ? -10.143 -2.247  2.824   1.00 18.59 ? 47  PHE A CD1 1 
ATOM   233  C CD2 . PHE A 1 30  ? -10.630 -1.725  5.106   1.00 20.74 ? 47  PHE A CD2 1 
ATOM   234  C CE1 . PHE A 1 30  ? -9.267  -1.175  2.758   1.00 20.27 ? 47  PHE A CE1 1 
ATOM   235  C CE2 . PHE A 1 30  ? -9.765  -0.638  5.042   1.00 15.83 ? 47  PHE A CE2 1 
ATOM   236  C CZ  . PHE A 1 30  ? -9.083  -0.365  3.871   1.00 18.95 ? 47  PHE A CZ  1 
ATOM   237  N N   . GLY A 1 31  ? -10.483 -5.935  2.110   1.00 21.97 ? 48  GLY A N   1 
ATOM   238  C CA  . GLY A 1 31  ? -9.528  -6.172  1.039   1.00 18.82 ? 48  GLY A CA  1 
ATOM   239  C C   . GLY A 1 31  ? -8.680  -7.433  1.140   1.00 28.21 ? 48  GLY A C   1 
ATOM   240  O O   . GLY A 1 31  ? -7.998  -7.797  0.182   1.00 29.00 ? 48  GLY A O   1 
ATOM   241  N N   . VAL A 1 32  ? -8.700  -8.093  2.294   1.00 29.34 ? 49  VAL A N   1 
ATOM   242  C CA  . VAL A 1 32  ? -8.015  -9.377  2.446   1.00 27.09 ? 49  VAL A CA  1 
ATOM   243  C C   . VAL A 1 32  ? -9.043  -10.439 2.813   1.00 31.77 ? 49  VAL A C   1 
ATOM   244  O O   . VAL A 1 32  ? -10.097 -10.115 3.358   1.00 28.26 ? 49  VAL A O   1 
ATOM   245  C CB  . VAL A 1 32  ? -6.903  -9.336  3.536   1.00 25.86 ? 49  VAL A CB  1 
ATOM   246  C CG1 . VAL A 1 32  ? -5.729  -8.459  3.089   1.00 26.98 ? 49  VAL A CG1 1 
ATOM   247  C CG2 . VAL A 1 32  ? -7.467  -8.861  4.862   1.00 27.30 ? 49  VAL A CG2 1 
ATOM   248  N N   . PRO A 1 33  ? -8.748  -11.713 2.509   1.00 28.02 ? 50  PRO A N   1 
ATOM   249  C CA  . PRO A 1 33  ? -9.615  -12.795 2.991   1.00 32.97 ? 50  PRO A CA  1 
ATOM   250  C C   . PRO A 1 33  ? -9.570  -12.900 4.516   1.00 36.99 ? 50  PRO A C   1 
ATOM   251  O O   . PRO A 1 33  ? -8.660  -12.350 5.135   1.00 32.15 ? 50  PRO A O   1 
ATOM   252  C CB  . PRO A 1 33  ? -9.022  -14.045 2.330   1.00 35.87 ? 50  PRO A CB  1 
ATOM   253  C CG  . PRO A 1 33  ? -7.600  -13.686 2.051   1.00 38.50 ? 50  PRO A CG  1 
ATOM   254  C CD  . PRO A 1 33  ? -7.631  -12.224 1.696   1.00 38.95 ? 50  PRO A CD  1 
ATOM   255  N N   . GLN A 1 34  ? -10.526 -13.612 5.110   1.00 34.89 ? 51  GLN A N   1 
ATOM   256  C CA  . GLN A 1 34  ? -10.603 -13.724 6.568   1.00 43.34 ? 51  GLN A CA  1 
ATOM   257  C C   . GLN A 1 34  ? -9.665  -14.805 7.096   1.00 44.32 ? 51  GLN A C   1 
ATOM   258  O O   . GLN A 1 34  ? -9.647  -15.096 8.293   1.00 57.57 ? 51  GLN A O   1 
ATOM   259  C CB  . GLN A 1 34  ? -12.035 -14.009 7.021   1.00 46.22 ? 51  GLN A CB  1 
ATOM   260  C CG  . GLN A 1 34  ? -12.764 -12.770 7.501   1.00 46.00 ? 51  GLN A CG  1 
ATOM   261  C CD  . GLN A 1 34  ? -12.799 -11.688 6.449   1.00 46.04 ? 51  GLN A CD  1 
ATOM   262  O OE1 . GLN A 1 34  ? -13.035 -11.962 5.272   1.00 52.28 ? 51  GLN A OE1 1 
ATOM   263  N NE2 . GLN A 1 34  ? -12.551 -10.449 6.860   1.00 51.05 ? 51  GLN A NE2 1 
ATOM   264  N N   . TYR A 1 35  ? -8.898  -15.401 6.189   1.00 34.10 ? 52  TYR A N   1 
ATOM   265  C CA  . TYR A 1 35  ? -7.901  -16.409 6.547   1.00 36.44 ? 52  TYR A CA  1 
ATOM   266  C C   . TYR A 1 35  ? -6.508  -15.936 6.126   1.00 31.09 ? 52  TYR A C   1 
ATOM   267  O O   . TYR A 1 35  ? -6.369  -15.012 5.319   1.00 35.64 ? 52  TYR A O   1 
ATOM   268  C CB  . TYR A 1 35  ? -8.237  -17.761 5.906   1.00 29.91 ? 52  TYR A CB  1 
ATOM   269  C CG  . TYR A 1 35  ? -8.608  -17.683 4.445   1.00 33.93 ? 52  TYR A CG  1 
ATOM   270  C CD1 . TYR A 1 35  ? -7.636  -17.521 3.470   1.00 30.76 ? 52  TYR A CD1 1 
ATOM   271  C CD2 . TYR A 1 35  ? -9.937  -17.781 4.039   1.00 33.70 ? 52  TYR A CD2 1 
ATOM   272  C CE1 . TYR A 1 35  ? -7.972  -17.442 2.132   1.00 32.76 ? 52  TYR A CE1 1 
ATOM   273  C CE2 . TYR A 1 35  ? -10.282 -17.710 2.701   1.00 38.77 ? 52  TYR A CE2 1 
ATOM   274  C CZ  . TYR A 1 35  ? -9.296  -17.543 1.751   1.00 34.05 ? 52  TYR A CZ  1 
ATOM   275  O OH  . TYR A 1 35  ? -9.623  -17.465 0.417   1.00 43.68 ? 52  TYR A OH  1 
ATOM   276  N N   . GLY A 1 36  ? -5.480  -16.550 6.700   1.00 27.58 ? 53  GLY A N   1 
ATOM   277  C CA  . GLY A 1 36  ? -4.110  -16.131 6.470   1.00 22.08 ? 53  GLY A CA  1 
ATOM   278  C C   . GLY A 1 36  ? -3.627  -16.207 5.031   1.00 29.08 ? 53  GLY A C   1 
ATOM   279  O O   . GLY A 1 36  ? -4.135  -16.968 4.207   1.00 24.66 ? 53  GLY A O   1 
ATOM   280  N N   . GLY A 1 37  ? -2.617  -15.411 4.723   1.00 21.67 ? 54  GLY A N   1 
ATOM   281  C CA  . GLY A 1 37  ? -2.072  -15.414 3.387   1.00 23.00 ? 54  GLY A CA  1 
ATOM   282  C C   . GLY A 1 37  ? -0.963  -14.405 3.272   1.00 20.64 ? 54  GLY A C   1 
ATOM   283  O O   . GLY A 1 37  ? -0.662  -13.667 4.215   1.00 21.11 ? 54  GLY A O   1 
ATOM   284  N N   . THR A 1 38  ? -0.328  -14.410 2.113   1.00 20.70 ? 55  THR A N   1 
ATOM   285  C CA  . THR A 1 38  ? 0.742   -13.482 1.818   1.00 17.55 ? 55  THR A CA  1 
ATOM   286  C C   . THR A 1 38  ? 0.601   -13.048 0.390   1.00 20.80 ? 55  THR A C   1 
ATOM   287  O O   . THR A 1 38  ? 0.036   -13.761 -0.449  1.00 22.70 ? 55  THR A O   1 
ATOM   288  C CB  . THR A 1 38  ? 2.144   -14.105 2.009   1.00 21.52 ? 55  THR A CB  1 
ATOM   289  O OG1 . THR A 1 38  ? 2.408   -15.020 0.940   1.00 34.74 ? 55  THR A OG1 1 
ATOM   290  C CG2 . THR A 1 38  ? 2.222   -14.826 3.329   1.00 21.09 ? 55  THR A CG2 1 
ATOM   291  N N   . LEU A 1 39  ? 1.110   -11.863 0.115   1.00 15.53 ? 56  LEU A N   1 
ATOM   292  C CA  . LEU A 1 39  ? 1.155   -11.371 -1.237  1.00 15.66 ? 56  LEU A CA  1 
ATOM   293  C C   . LEU A 1 39  ? 2.543   -10.833 -1.499  1.00 17.21 ? 56  LEU A C   1 
ATOM   294  O O   . LEU A 1 39  ? 3.058   -10.002 -0.741  1.00 15.88 ? 56  LEU A O   1 
ATOM   295  C CB  . LEU A 1 39  ? 0.099   -10.290 -1.460  1.00 18.93 ? 56  LEU A CB  1 
ATOM   296  C CG  . LEU A 1 39  ? 0.090   -9.711  -2.872  1.00 17.73 ? 56  LEU A CG  1 
ATOM   297  C CD1 . LEU A 1 39  ? -0.202  -10.796 -3.908  1.00 20.76 ? 56  LEU A CD1 1 
ATOM   298  C CD2 . LEU A 1 39  ? -0.933  -8.569  -2.949  1.00 17.78 ? 56  LEU A CD2 1 
ATOM   299  N N   . VAL A 1 40  ? 3.157   -11.345 -2.555  1.00 14.48 ? 57  VAL A N   1 
ATOM   300  C CA  . VAL A 1 40  ? 4.482   -10.917 -2.964  1.00 13.64 ? 57  VAL A CA  1 
ATOM   301  C C   . VAL A 1 40  ? 4.342   -10.070 -4.228  1.00 18.98 ? 57  VAL A C   1 
ATOM   302  O O   . VAL A 1 40  ? 3.631   -10.445 -5.162  1.00 19.87 ? 57  VAL A O   1 
ATOM   303  C CB  . VAL A 1 40  ? 5.404   -12.136 -3.198  1.00 19.63 ? 57  VAL A CB  1 
ATOM   304  C CG1 . VAL A 1 40  ? 6.717   -11.713 -3.805  1.00 22.39 ? 57  VAL A CG1 1 
ATOM   305  C CG2 . VAL A 1 40  ? 5.633   -12.866 -1.883  1.00 24.42 ? 57  VAL A CG2 1 
ATOM   306  N N   . GLY A 1 41  ? 4.989   -8.912  -4.253  1.00 15.61 ? 58  GLY A N   1 
ATOM   307  C CA  . GLY A 1 41  ? 4.819   -8.007  -5.380  1.00 15.91 ? 58  GLY A CA  1 
ATOM   308  C C   . GLY A 1 41  ? 5.984   -7.058  -5.569  1.00 17.20 ? 58  GLY A C   1 
ATOM   309  O O   . GLY A 1 41  ? 6.991   -7.159  -4.872  1.00 16.64 ? 58  GLY A O   1 
ATOM   310  N N   . THR A 1 42  ? 5.849   -6.144  -6.524  1.00 13.20 ? 59  THR A N   1 
ATOM   311  C CA  . THR A 1 42  ? 6.876   -5.143  -6.778  1.00 14.60 ? 59  THR A CA  1 
ATOM   312  C C   . THR A 1 42  ? 6.215   -3.764  -6.761  1.00 13.02 ? 59  THR A C   1 
ATOM   313  O O   . THR A 1 42  ? 5.067   -3.620  -7.189  1.00 14.78 ? 59  THR A O   1 
ATOM   314  C CB  . THR A 1 42  ? 7.605   -5.397  -8.123  1.00 16.79 ? 59  THR A CB  1 
ATOM   315  O OG1 . THR A 1 42  ? 8.813   -4.626  -8.180  1.00 17.89 ? 59  THR A OG1 1 
ATOM   316  C CG2 . THR A 1 42  ? 6.713   -5.057  -9.322  1.00 18.55 ? 59  THR A CG2 1 
ATOM   317  N N   . VAL A 1 43  ? 6.927   -2.760  -6.260  1.00 13.65 ? 60  VAL A N   1 
ATOM   318  C CA  . VAL A 1 43  ? 6.319   -1.441  -6.034  1.00 13.04 ? 60  VAL A CA  1 
ATOM   319  C C   . VAL A 1 43  ? 6.474   -0.502  -7.224  1.00 13.87 ? 60  VAL A C   1 
ATOM   320  O O   . VAL A 1 43  ? 7.550   -0.400  -7.809  1.00 16.78 ? 60  VAL A O   1 
ATOM   321  C CB  . VAL A 1 43  ? 6.917   -0.751  -4.786  1.00 13.61 ? 60  VAL A CB  1 
ATOM   322  C CG1 . VAL A 1 43  ? 6.201   0.581   -4.529  1.00 13.59 ? 60  VAL A CG1 1 
ATOM   323  C CG2 . VAL A 1 43  ? 6.807   -1.647  -3.586  1.00 12.11 ? 60  VAL A CG2 1 
ATOM   324  N N   . VAL A 1 44  ? 5.384   0.188   -7.559  1.00 11.93 ? 61  VAL A N   1 
ATOM   325  C CA  . VAL A 1 44  ? 5.382   1.259   -8.546  1.00 12.60 ? 61  VAL A CA  1 
ATOM   326  C C   . VAL A 1 44  ? 4.910   2.552   -7.870  1.00 14.39 ? 61  VAL A C   1 
ATOM   327  O O   . VAL A 1 44  ? 3.907   2.557   -7.169  1.00 14.07 ? 61  VAL A O   1 
ATOM   328  C CB  . VAL A 1 44  ? 4.472   0.927   -9.733  1.00 12.94 ? 61  VAL A CB  1 
ATOM   329  C CG1 . VAL A 1 44  ? 4.300   2.146   -10.657 1.00 19.20 ? 61  VAL A CG1 1 
ATOM   330  C CG2 . VAL A 1 44  ? 5.036   -0.273  -10.508 1.00 17.81 ? 61  VAL A CG2 1 
ATOM   331  N N   . TYR A 1 45  ? 5.654   3.629   -8.073  1.00 12.28 ? 62  TYR A N   1 
ATOM   332  C CA  . TYR A 1 45  ? 5.229   4.962   -7.666  1.00 12.88 ? 62  TYR A CA  1 
ATOM   333  C C   . TYR A 1 45  ? 4.836   5.676   -8.941  1.00 13.37 ? 62  TYR A C   1 
ATOM   334  O O   . TYR A 1 45  ? 5.685   5.916   -9.788  1.00 15.83 ? 62  TYR A O   1 
ATOM   335  C CB  . TYR A 1 45  ? 6.359   5.697   -6.947  1.00 12.48 ? 62  TYR A CB  1 
ATOM   336  C CG  . TYR A 1 45  ? 5.994   7.053   -6.399  1.00 12.99 ? 62  TYR A CG  1 
ATOM   337  C CD1 . TYR A 1 45  ? 4.861   7.227   -5.614  1.00 11.47 ? 62  TYR A CD1 1 
ATOM   338  C CD2 . TYR A 1 45  ? 6.803   8.155   -6.635  1.00 16.14 ? 62  TYR A CD2 1 
ATOM   339  C CE1 . TYR A 1 45  ? 4.538   8.478   -5.080  1.00 12.25 ? 62  TYR A CE1 1 
ATOM   340  C CE2 . TYR A 1 45  ? 6.493   9.396   -6.114  1.00 21.58 ? 62  TYR A CE2 1 
ATOM   341  C CZ  . TYR A 1 45  ? 5.357   9.555   -5.342  1.00 17.19 ? 62  TYR A CZ  1 
ATOM   342  O OH  . TYR A 1 45  ? 5.080   10.797  -4.820  1.00 14.94 ? 62  TYR A OH  1 
ATOM   343  N N   . PRO A 1 46  ? 3.541   5.967   -9.110  1.00 13.02 ? 63  PRO A N   1 
ATOM   344  C CA  . PRO A 1 46  ? 3.071   6.495   -10.398 1.00 13.95 ? 63  PRO A CA  1 
ATOM   345  C C   . PRO A 1 46  ? 3.704   7.848   -10.746 1.00 11.58 ? 63  PRO A C   1 
ATOM   346  O O   . PRO A 1 46  ? 4.072   8.591   -9.853  1.00 12.58 ? 63  PRO A O   1 
ATOM   347  C CB  . PRO A 1 46  ? 1.554   6.642   -10.199 1.00 13.75 ? 63  PRO A CB  1 
ATOM   348  C CG  . PRO A 1 46  ? 1.221   5.843   -8.968  1.00 20.02 ? 63  PRO A CG  1 
ATOM   349  C CD  . PRO A 1 46  ? 2.457   5.804   -8.123  1.00 12.94 ? 63  PRO A CD  1 
ATOM   350  N N   . LYS A 1 47  ? 3.800   8.148   -12.041 1.00 15.49 ? 64  LYS A N   1 
ATOM   351  C CA  . LYS A 1 47  ? 4.363   9.400   -12.522 1.00 16.70 ? 64  LYS A CA  1 
ATOM   352  C C   . LYS A 1 47  ? 3.443   10.590  -12.277 1.00 14.23 ? 64  LYS A C   1 
ATOM   353  O O   . LYS A 1 47  ? 3.926   11.712  -12.124 1.00 17.36 ? 64  LYS A O   1 
ATOM   354  C CB  . LYS A 1 47  ? 4.683   9.301   -14.019 1.00 18.82 ? 64  LYS A CB  1 
ATOM   355  C CG  . LYS A 1 47  ? 5.860   8.377   -14.341 1.00 25.25 ? 64  LYS A CG  1 
ATOM   356  C CD  . LYS A 1 47  ? 6.187   8.406   -15.838 1.00 24.56 ? 64  LYS A CD  1 
ATOM   357  C CE  . LYS A 1 47  ? 7.560   7.806   -16.124 1.00 31.11 ? 64  LYS A CE  1 
ATOM   358  N NZ  . LYS A 1 47  ? 7.965   7.950   -17.560 1.00 27.71 ? 64  LYS A NZ  1 
ATOM   359  N N   . SER A 1 48  ? 2.133   10.336  -12.261 1.00 12.61 ? 65  SER A N   1 
ATOM   360  C CA  . SER A 1 48  ? 1.113   11.353  -11.980 1.00 12.71 ? 65  SER A CA  1 
ATOM   361  C C   . SER A 1 48  ? 0.019   10.761  -11.112 1.00 13.00 ? 65  SER A C   1 
ATOM   362  O O   . SER A 1 48  ? -0.023  9.543   -10.923 1.00 11.85 ? 65  SER A O   1 
ATOM   363  C CB  . SER A 1 48  ? 0.507   11.904  -13.271 1.00 18.11 ? 65  SER A CB  1 
ATOM   364  O OG  . SER A 1 48  ? 1.520   12.386  -14.129 1.00 22.75 ? 65  SER A OG  1 
ATOM   365  N N   . ASN A 1 49  ? -0.848  11.620  -10.573 1.00 14.83 ? 66  ASN A N   1 
ATOM   366  C CA  . ASN A 1 49  ? -1.999  11.171  -9.786  1.00 11.09 ? 66  ASN A CA  1 
ATOM   367  C C   . ASN A 1 49  ? -1.504  10.394  -8.571  1.00 12.17 ? 66  ASN A C   1 
ATOM   368  O O   . ASN A 1 49  ? -2.070  9.371   -8.207  1.00 11.56 ? 66  ASN A O   1 
ATOM   369  C CB  . ASN A 1 49  ? -2.954  10.317  -10.645 1.00 12.49 ? 66  ASN A CB  1 
ATOM   370  C CG  . ASN A 1 49  ? -4.339  10.111  -9.989  1.00 12.01 ? 66  ASN A CG  1 
ATOM   371  O OD1 . ASN A 1 49  ? -4.848  10.990  -9.292  1.00 14.65 ? 66  ASN A OD1 1 
ATOM   372  N ND2 . ASN A 1 49  ? -4.929  8.932   -10.193 1.00 10.87 ? 66  ASN A ND2 1 
ATOM   373  N N   . GLN A 1 50  ? -0.430  10.877  -7.964  1.00 10.42 ? 67  GLN A N   1 
ATOM   374  C CA  . GLN A 1 50  ? 0.223   10.115  -6.901  1.00 11.65 ? 67  GLN A CA  1 
ATOM   375  C C   . GLN A 1 50  ? -0.618  9.983   -5.632  1.00 9.37  ? 67  GLN A C   1 
ATOM   376  O O   . GLN A 1 50  ? -0.346  9.105   -4.817  1.00 11.43 ? 67  GLN A O   1 
ATOM   377  C CB  . GLN A 1 50  ? 1.580   10.742  -6.577  1.00 13.54 ? 67  GLN A CB  1 
ATOM   378  C CG  . GLN A 1 50  ? 2.577   10.505  -7.710  1.00 14.71 ? 67  GLN A CG  1 
ATOM   379  C CD  . GLN A 1 50  ? 3.734   11.479  -7.734  1.00 22.72 ? 67  GLN A CD  1 
ATOM   380  O OE1 . GLN A 1 50  ? 3.715   12.521  -7.073  1.00 23.88 ? 67  GLN A OE1 1 
ATOM   381  N NE2 . GLN A 1 50  ? 4.763   11.141  -8.504  1.00 21.58 ? 67  GLN A NE2 1 
ATOM   382  N N   . LYS A 1 51  ? -1.628  10.838  -5.449  1.00 9.54  ? 68  LYS A N   1 
ATOM   383  C CA  . LYS A 1 51  ? -2.516  10.692  -4.284  1.00 10.03 ? 68  LYS A CA  1 
ATOM   384  C C   . LYS A 1 51  ? -3.736  9.805   -4.554  1.00 10.22 ? 68  LYS A C   1 
ATOM   385  O O   . LYS A 1 51  ? -4.534  9.550   -3.648  1.00 9.93  ? 68  LYS A O   1 
ATOM   386  C CB  . LYS A 1 51  ? -2.974  12.072  -3.789  1.00 11.39 ? 68  LYS A CB  1 
ATOM   387  C CG  . LYS A 1 51  ? -1.830  12.843  -3.116  1.00 11.09 ? 68  LYS A CG  1 
ATOM   388  C CD  . LYS A 1 51  ? -2.296  14.247  -2.733  1.00 12.82 ? 68  LYS A CD  1 
ATOM   389  C CE  . LYS A 1 51  ? -1.114  15.139  -2.346  1.00 22.91 ? 68  LYS A CE  1 
ATOM   390  N NZ  . LYS A 1 51  ? -0.316  14.553  -1.249  1.00 39.15 ? 68  LYS A NZ  1 
ATOM   391  N N   . ALA A 1 52  ? -3.873  9.341   -5.801  1.00 11.14 ? 69  ALA A N   1 
ATOM   392  C CA  . ALA A 1 52  ? -4.952  8.435   -6.212  1.00 10.25 ? 69  ALA A CA  1 
ATOM   393  C C   . ALA A 1 52  ? -6.349  8.972   -5.864  1.00 11.32 ? 69  ALA A C   1 
ATOM   394  O O   . ALA A 1 52  ? -7.208  8.218   -5.424  1.00 10.22 ? 69  ALA A O   1 
ATOM   395  C CB  . ALA A 1 52  ? -4.747  7.037   -5.586  1.00 10.42 ? 69  ALA A CB  1 
ATOM   396  N N   . CYS A 1 53  ? -6.545  10.279  -6.012  1.00 11.52 ? 70  CYS A N   1 
ATOM   397  C CA  . CYS A 1 53  ? -7.876  10.871  -5.802  1.00 9.84  ? 70  CYS A CA  1 
ATOM   398  C C   . CYS A 1 53  ? -8.640  11.141  -7.097  1.00 14.02 ? 70  CYS A C   1 
ATOM   399  O O   . CYS A 1 53  ? -9.794  11.554  -7.053  1.00 14.07 ? 70  CYS A O   1 
ATOM   400  C CB  . CYS A 1 53  ? -7.766  12.165  -4.995  1.00 13.34 ? 70  CYS A CB  1 
ATOM   401  S SG  . CYS A 1 53  ? -7.063  11.929  -3.329  1.00 17.89 ? 70  CYS A SG  1 
ATOM   402  N N   . LYS A 1 54  ? -7.997  10.897  -8.235  1.00 12.55 ? 71  LYS A N   1 
ATOM   403  C CA  . LYS A 1 54  ? -8.643  10.975  -9.545  1.00 14.62 ? 71  LYS A CA  1 
ATOM   404  C C   . LYS A 1 54  ? -8.485  9.646   -10.260 1.00 11.80 ? 71  LYS A C   1 
ATOM   405  O O   . LYS A 1 54  ? -7.664  8.830   -9.864  1.00 12.00 ? 71  LYS A O   1 
ATOM   406  C CB  . LYS A 1 54  ? -8.040  12.087  -10.404 1.00 13.70 ? 71  LYS A CB  1 
ATOM   407  C CG  . LYS A 1 54  ? -8.427  13.505  -9.971  1.00 22.66 ? 71  LYS A CG  1 
ATOM   408  C CD  . LYS A 1 54  ? -7.845  14.556  -10.926 1.00 34.86 ? 71  LYS A CD  1 
ATOM   409  C CE  . LYS A 1 54  ? -8.342  14.353  -12.362 1.00 47.57 ? 71  LYS A CE  1 
ATOM   410  N NZ  . LYS A 1 54  ? -7.722  15.289  -13.359 1.00 44.31 ? 71  LYS A NZ  1 
ATOM   411  N N   . SER A 1 55  ? -9.279  9.418   -11.306 1.00 11.65 ? 72  SER A N   1 
ATOM   412  C CA  . SER A 1 55  ? -9.117  8.199   -12.093 1.00 11.17 ? 72  SER A CA  1 
ATOM   413  C C   . SER A 1 55  ? -7.760  8.120   -12.786 1.00 13.04 ? 72  SER A C   1 
ATOM   414  O O   . SER A 1 55  ? -7.307  9.091   -13.406 1.00 13.49 ? 72  SER A O   1 
ATOM   415  C CB  . SER A 1 55  ? -10.209 8.086   -13.152 1.00 15.12 ? 72  SER A CB  1 
ATOM   416  O OG  . SER A 1 55  ? -9.993  6.924   -13.938 1.00 15.39 ? 72  SER A OG  1 
ATOM   417  N N   . TYR A 1 56  ? -7.119  6.959   -12.695 1.00 9.65  ? 73  TYR A N   1 
ATOM   418  C CA  . TYR A 1 56  ? -5.838  6.776   -13.367 1.00 13.44 ? 73  TYR A CA  1 
ATOM   419  C C   . TYR A 1 56  ? -6.027  6.740   -14.872 1.00 12.73 ? 73  TYR A C   1 
ATOM   420  O O   . TYR A 1 56  ? -5.082  6.993   -15.614 1.00 15.50 ? 73  TYR A O   1 
ATOM   421  C CB  . TYR A 1 56  ? -5.122  5.499   -12.885 1.00 12.23 ? 73  TYR A CB  1 
ATOM   422  C CG  . TYR A 1 56  ? -4.375  5.746   -11.604 1.00 11.20 ? 73  TYR A CG  1 
ATOM   423  C CD1 . TYR A 1 56  ? -3.166  6.438   -11.609 1.00 12.32 ? 73  TYR A CD1 1 
ATOM   424  C CD2 . TYR A 1 56  ? -4.891  5.328   -10.386 1.00 11.25 ? 73  TYR A CD2 1 
ATOM   425  C CE1 . TYR A 1 56  ? -2.480  6.693   -10.442 1.00 12.25 ? 73  TYR A CE1 1 
ATOM   426  C CE2 . TYR A 1 56  ? -4.210  5.588   -9.202  1.00 11.57 ? 73  TYR A CE2 1 
ATOM   427  C CZ  . TYR A 1 56  ? -3.011  6.265   -9.244  1.00 11.37 ? 73  TYR A CZ  1 
ATOM   428  O OH  . TYR A 1 56  ? -2.347  6.518   -8.082  1.00 14.61 ? 73  TYR A OH  1 
ATOM   429  N N   . SER A 1 57  ? -7.248  6.455   -15.321 1.00 15.40 ? 74  SER A N   1 
ATOM   430  C CA  . SER A 1 57  ? -7.511  6.425   -16.758 1.00 19.36 ? 74  SER A CA  1 
ATOM   431  C C   . SER A 1 57  ? -7.387  7.832   -17.355 1.00 21.68 ? 74  SER A C   1 
ATOM   432  O O   . SER A 1 57  ? -7.033  7.972   -18.527 1.00 19.96 ? 74  SER A O   1 
ATOM   433  C CB  . SER A 1 57  ? -8.889  5.815   -17.051 1.00 18.83 ? 74  SER A CB  1 
ATOM   434  O OG  . SER A 1 57  ? -9.933  6.599   -16.512 1.00 26.03 ? 74  SER A OG  1 
ATOM   435  N N   . ASP A 1 58  ? -7.631  8.871   -16.553 1.00 18.42 ? 75  ASP A N   1 
ATOM   436  C CA  . ASP A 1 58  ? -7.417  10.247  -17.020 1.00 19.52 ? 75  ASP A CA  1 
ATOM   437  C C   . ASP A 1 58  ? -5.959  10.487  -17.419 1.00 18.13 ? 75  ASP A C   1 
ATOM   438  O O   . ASP A 1 58  ? -5.653  11.422  -18.157 1.00 21.31 ? 75  ASP A O   1 
ATOM   439  C CB  . ASP A 1 58  ? -7.790  11.278  -15.941 1.00 20.85 ? 75  ASP A CB  1 
ATOM   440  C CG  . ASP A 1 58  ? -9.286  11.394  -15.706 1.00 20.58 ? 75  ASP A CG  1 
ATOM   441  O OD1 . ASP A 1 58  ? -10.071 10.754  -16.431 1.00 30.71 ? 75  ASP A OD1 1 
ATOM   442  O OD2 . ASP A 1 58  ? -9.666  12.173  -14.805 1.00 28.99 ? 75  ASP A OD2 1 
ATOM   443  N N   . PHE A 1 59  ? -5.058  9.733   -16.797 1.00 14.53 ? 76  PHE A N   1 
ATOM   444  C CA  . PHE A 1 59  ? -3.624  9.840   -17.015 1.00 12.50 ? 76  PHE A CA  1 
ATOM   445  C C   . PHE A 1 59  ? -3.017  8.773   -17.922 1.00 11.39 ? 76  PHE A C   1 
ATOM   446  O O   . PHE A 1 59  ? -1.804  8.736   -18.086 1.00 13.80 ? 76  PHE A O   1 
ATOM   447  C CB  . PHE A 1 59  ? -2.932  9.858   -15.648 1.00 11.59 ? 76  PHE A CB  1 
ATOM   448  C CG  . PHE A 1 59  ? -3.373  11.017  -14.799 1.00 12.15 ? 76  PHE A CG  1 
ATOM   449  C CD1 . PHE A 1 59  ? -2.732  12.248  -14.903 1.00 17.91 ? 76  PHE A CD1 1 
ATOM   450  C CD2 . PHE A 1 59  ? -4.481  10.907  -13.970 1.00 15.46 ? 76  PHE A CD2 1 
ATOM   451  C CE1 . PHE A 1 59  ? -3.161  13.334  -14.157 1.00 18.19 ? 76  PHE A CE1 1 
ATOM   452  C CE2 . PHE A 1 59  ? -4.918  12.003  -13.227 1.00 13.02 ? 76  PHE A CE2 1 
ATOM   453  C CZ  . PHE A 1 59  ? -4.252  13.207  -13.323 1.00 16.53 ? 76  PHE A CZ  1 
ATOM   454  N N   . ASP A 1 60  ? -3.862  7.880   -18.444 1.00 14.24 ? 77  ASP A N   1 
ATOM   455  C CA  . ASP A 1 60  ? -3.415  6.708   -19.195 1.00 14.51 ? 77  ASP A CA  1 
ATOM   456  C C   . ASP A 1 60  ? -2.431  5.883   -18.378 1.00 16.64 ? 77  ASP A C   1 
ATOM   457  O O   . ASP A 1 60  ? -1.398  5.451   -18.882 1.00 18.57 ? 77  ASP A O   1 
ATOM   458  C CB  . ASP A 1 60  ? -2.791  7.130   -20.531 1.00 17.12 ? 77  ASP A CB  1 
ATOM   459  C CG  . ASP A 1 60  ? -2.522  5.949   -21.458 1.00 19.11 ? 77  ASP A CG  1 
ATOM   460  O OD1 . ASP A 1 60  ? -3.255  4.939   -21.388 1.00 19.47 ? 77  ASP A OD1 1 
ATOM   461  O OD2 . ASP A 1 60  ? -1.552  6.027   -22.244 1.00 20.47 ? 77  ASP A OD2 1 
ATOM   462  N N   . ILE A 1 61  ? -2.741  5.673   -17.099 1.00 13.44 ? 78  ILE A N   1 
ATOM   463  C CA  . ILE A 1 61  ? -1.868  4.897   -16.219 1.00 12.61 ? 78  ILE A CA  1 
ATOM   464  C C   . ILE A 1 61  ? -2.575  3.600   -15.816 1.00 14.28 ? 78  ILE A C   1 
ATOM   465  O O   . ILE A 1 61  ? -3.743  3.623   -15.427 1.00 16.11 ? 78  ILE A O   1 
ATOM   466  C CB  . ILE A 1 61  ? -1.466  5.705   -14.952 1.00 14.84 ? 78  ILE A CB  1 
ATOM   467  C CG1 . ILE A 1 61  ? -0.469  6.813   -15.315 1.00 13.66 ? 78  ILE A CG1 1 
ATOM   468  C CG2 . ILE A 1 61  ? -0.808  4.801   -13.903 1.00 16.09 ? 78  ILE A CG2 1 
ATOM   469  C CD1 . ILE A 1 61  ? -0.182  7.787   -14.164 1.00 15.53 ? 78  ILE A CD1 1 
ATOM   470  N N   . SER A 1 62  ? -1.886  2.474   -15.983 1.00 15.17 ? 79  SER A N   1 
ATOM   471  C CA  . SER A 1 62  ? -2.401  1.161   -15.590 1.00 13.82 ? 79  SER A CA  1 
ATOM   472  C C   . SER A 1 62  ? -1.343  0.404   -14.803 1.00 16.01 ? 79  SER A C   1 
ATOM   473  O O   . SER A 1 62  ? -0.149  0.567   -15.051 1.00 17.99 ? 79  SER A O   1 
ATOM   474  C CB  . SER A 1 62  ? -2.816  0.344   -16.816 1.00 19.15 ? 79  SER A CB  1 
ATOM   475  O OG  . SER A 1 62  ? -3.094  -0.994  -16.450 1.00 22.25 ? 79  SER A OG  1 
ATOM   476  N N   . PHE A 1 63  ? -1.778  -0.308  -13.767 1.00 13.85 ? 80  PHE A N   1 
ATOM   477  C CA  . PHE A 1 63  ? -0.893  -1.106  -12.931 1.00 13.33 ? 80  PHE A CA  1 
ATOM   478  C C   . PHE A 1 63  ? -0.908  -2.611  -13.201 1.00 16.88 ? 80  PHE A C   1 
ATOM   479  O O   . PHE A 1 63  ? -0.262  -3.366  -12.488 1.00 18.77 ? 80  PHE A O   1 
ATOM   480  C CB  . PHE A 1 63  ? -1.200  -0.815  -11.467 1.00 11.26 ? 80  PHE A CB  1 
ATOM   481  C CG  . PHE A 1 63  ? -1.107  0.647   -11.136 1.00 13.26 ? 80  PHE A CG  1 
ATOM   482  C CD1 . PHE A 1 63  ? 0.098   1.314   -11.266 1.00 13.99 ? 80  PHE A CD1 1 
ATOM   483  C CD2 . PHE A 1 63  ? -2.226  1.358   -10.727 1.00 14.09 ? 80  PHE A CD2 1 
ATOM   484  C CE1 . PHE A 1 63  ? 0.193   2.663   -10.975 1.00 18.67 ? 80  PHE A CE1 1 
ATOM   485  C CE2 . PHE A 1 63  ? -2.141  2.703   -10.437 1.00 14.72 ? 80  PHE A CE2 1 
ATOM   486  C CZ  . PHE A 1 63  ? -0.939  3.358   -10.552 1.00 13.98 ? 80  PHE A CZ  1 
ATOM   487  N N   . LYS A 1 64  ? -1.686  -3.046  -14.186 1.00 17.38 ? 81  LYS A N   1 
ATOM   488  C CA  . LYS A 1 64  ? -1.791  -4.468  -14.493 1.00 19.44 ? 81  LYS A CA  1 
ATOM   489  C C   . LYS A 1 64  ? -0.416  -5.042  -14.779 1.00 22.53 ? 81  LYS A C   1 
ATOM   490  O O   . LYS A 1 64  ? 0.335   -4.487  -15.569 1.00 28.40 ? 81  LYS A O   1 
ATOM   491  C CB  . LYS A 1 64  ? -2.723  -4.687  -15.682 1.00 28.22 ? 81  LYS A CB  1 
ATOM   492  C CG  . LYS A 1 64  ? -4.171  -4.400  -15.354 1.00 32.01 ? 81  LYS A CG  1 
ATOM   493  C CD  . LYS A 1 64  ? -5.061  -4.492  -16.576 1.00 44.04 ? 81  LYS A CD  1 
ATOM   494  C CE  . LYS A 1 64  ? -6.513  -4.446  -16.155 1.00 39.05 ? 81  LYS A CE  1 
ATOM   495  N NZ  . LYS A 1 64  ? -6.971  -5.714  -15.492 1.00 32.55 ? 81  LYS A NZ  1 
ATOM   496  N N   . SER A 1 65  ? -0.079  -6.123  -14.083 1.00 22.20 ? 82  SER A N   1 
ATOM   497  C CA  . SER A 1 65  ? 1.183   -6.819  -14.295 1.00 30.12 ? 82  SER A CA  1 
ATOM   498  C C   . SER A 1 65  ? 1.046   -7.757  -15.480 1.00 36.86 ? 82  SER A C   1 
ATOM   499  O O   . SER A 1 65  ? 0.006   -8.394  -15.648 1.00 36.16 ? 82  SER A O   1 
ATOM   500  C CB  . SER A 1 65  ? 1.585   -7.620  -13.052 1.00 23.96 ? 82  SER A CB  1 
ATOM   501  O OG  . SER A 1 65  ? 1.936   -6.770  -11.977 1.00 34.01 ? 82  SER A OG  1 
ATOM   502  N N   . LYS A 1 66  ? 2.087   -7.835  -16.298 1.00 33.97 ? 83  LYS A N   1 
ATOM   503  C CA  . LYS A 1 66  ? 2.154   -8.847  -17.349 1.00 39.85 ? 83  LYS A CA  1 
ATOM   504  C C   . LYS A 1 66  ? 2.168   -10.243 -16.729 1.00 32.81 ? 83  LYS A C   1 
ATOM   505  O O   . LYS A 1 66  ? 2.710   -10.437 -15.637 1.00 28.73 ? 83  LYS A O   1 
ATOM   506  C CB  . LYS A 1 66  ? 3.394   -8.641  -18.224 1.00 37.45 ? 83  LYS A CB  1 
ATOM   507  N N   . PRO A 1 67  ? 1.565   -11.223 -17.422 1.00 37.74 ? 84  PRO A N   1 
ATOM   508  C CA  . PRO A 1 67  ? 1.586   -12.602 -16.925 1.00 31.60 ? 84  PRO A CA  1 
ATOM   509  C C   . PRO A 1 67  ? 3.013   -13.053 -16.612 1.00 27.15 ? 84  PRO A C   1 
ATOM   510  O O   . PRO A 1 67  ? 3.925   -12.764 -17.384 1.00 30.78 ? 84  PRO A O   1 
ATOM   511  C CB  . PRO A 1 67  ? 0.989   -13.408 -18.087 1.00 25.74 ? 84  PRO A CB  1 
ATOM   512  C CG  . PRO A 1 67  ? 0.163   -12.430 -18.844 1.00 31.66 ? 84  PRO A CG  1 
ATOM   513  C CD  . PRO A 1 67  ? 0.860   -11.104 -18.710 1.00 31.80 ? 84  PRO A CD  1 
ATOM   514  N N   . GLY A 1 68  ? 3.203   -13.711 -15.474 1.00 26.89 ? 85  GLY A N   1 
ATOM   515  C CA  . GLY A 1 68  ? 4.516   -14.195 -15.091 1.00 30.51 ? 85  GLY A CA  1 
ATOM   516  C C   . GLY A 1 68  ? 5.378   -13.193 -14.338 1.00 36.55 ? 85  GLY A C   1 
ATOM   517  O O   . GLY A 1 68  ? 6.410   -13.560 -13.775 1.00 33.64 ? 85  GLY A O   1 
ATOM   518  N N   . ARG A 1 69  ? 4.947   -11.935 -14.311 1.00 33.74 ? 86  ARG A N   1 
ATOM   519  C CA  . ARG A 1 69  ? 5.695   -10.853 -13.662 1.00 32.54 ? 86  ARG A CA  1 
ATOM   520  C C   . ARG A 1 69  ? 5.021   -10.496 -12.336 1.00 25.64 ? 86  ARG A C   1 
ATOM   521  O O   . ARG A 1 69  ? 3.832   -10.757 -12.168 1.00 31.06 ? 86  ARG A O   1 
ATOM   522  C CB  . ARG A 1 69  ? 5.797   -9.632  -14.576 1.00 33.05 ? 86  ARG A CB  1 
ATOM   523  N N   . LEU A 1 70  ? 5.794   -10.010 -11.360 1.00 24.87 ? 87  LEU A N   1 
ATOM   524  C CA  . LEU A 1 70  ? 5.251   -9.768  -10.027 1.00 17.75 ? 87  LEU A CA  1 
ATOM   525  C C   . LEU A 1 70  ? 4.040   -8.825  -10.048 1.00 15.23 ? 87  LEU A C   1 
ATOM   526  O O   . LEU A 1 70  ? 4.018   -7.849  -10.798 1.00 18.84 ? 87  LEU A O   1 
ATOM   527  C CB  . LEU A 1 70  ? 6.324   -9.196  -9.094  1.00 21.67 ? 87  LEU A CB  1 
ATOM   528  C CG  . LEU A 1 70  ? 7.442   -10.133 -8.635  1.00 18.58 ? 87  LEU A CG  1 
ATOM   529  C CD1 . LEU A 1 70  ? 8.447   -9.352  -7.812  1.00 20.77 ? 87  LEU A CD1 1 
ATOM   530  C CD2 . LEU A 1 70  ? 6.862   -11.271 -7.822  1.00 22.77 ? 87  LEU A CD2 1 
ATOM   531  N N   . PRO A 1 71  ? 3.030   -9.129  -9.217  1.00 15.86 ? 88  PRO A N   1 
ATOM   532  C CA  . PRO A 1 71  ? 1.880   -8.237  -9.018  1.00 14.02 ? 88  PRO A CA  1 
ATOM   533  C C   . PRO A 1 71  ? 2.336   -6.848  -8.567  1.00 15.76 ? 88  PRO A C   1 
ATOM   534  O O   . PRO A 1 71  ? 3.346   -6.724  -7.876  1.00 13.88 ? 88  PRO A O   1 
ATOM   535  C CB  . PRO A 1 71  ? 1.080   -8.936  -7.923  1.00 14.93 ? 88  PRO A CB  1 
ATOM   536  C CG  . PRO A 1 71  ? 1.439   -10.382 -8.058  1.00 19.37 ? 88  PRO A CG  1 
ATOM   537  C CD  . PRO A 1 71  ? 2.900   -10.367 -8.433  1.00 17.53 ? 88  PRO A CD  1 
ATOM   538  N N   . THR A 1 72  ? 1.589   -5.815  -8.946  1.00 15.92 ? 89  THR A N   1 
ATOM   539  C CA  . THR A 1 72  ? 2.015   -4.441  -8.683  1.00 13.14 ? 89  THR A CA  1 
ATOM   540  C C   . THR A 1 72  ? 1.449   -3.904  -7.370  1.00 13.28 ? 89  THR A C   1 
ATOM   541  O O   . THR A 1 72  ? 0.232   -3.863  -7.180  1.00 14.99 ? 89  THR A O   1 
ATOM   542  C CB  . THR A 1 72  ? 1.588   -3.501  -9.832  1.00 14.44 ? 89  THR A CB  1 
ATOM   543  O OG1 . THR A 1 72  ? 2.202   -3.930  -11.057 1.00 18.45 ? 89  THR A OG1 1 
ATOM   544  C CG2 . THR A 1 72  ? 2.003   -2.060  -9.540  1.00 17.58 ? 89  THR A CG2 1 
ATOM   545  N N   . PHE A 1 73  ? 2.330   -3.504  -6.461  1.00 11.81 ? 90  PHE A N   1 
ATOM   546  C CA  . PHE A 1 73  ? 1.913   -2.764  -5.269  1.00 15.65 ? 90  PHE A CA  1 
ATOM   547  C C   . PHE A 1 73  ? 2.045   -1.296  -5.624  1.00 14.06 ? 90  PHE A C   1 
ATOM   548  O O   . PHE A 1 73  ? 3.117   -0.864  -6.041  1.00 13.90 ? 90  PHE A O   1 
ATOM   549  C CB  . PHE A 1 73  ? 2.786   -3.075  -4.043  1.00 12.99 ? 90  PHE A CB  1 
ATOM   550  C CG  . PHE A 1 73  ? 2.665   -4.490  -3.529  1.00 17.75 ? 90  PHE A CG  1 
ATOM   551  C CD1 . PHE A 1 73  ? 1.968   -5.449  -4.241  1.00 19.87 ? 90  PHE A CD1 1 
ATOM   552  C CD2 . PHE A 1 73  ? 3.241   -4.850  -2.329  1.00 28.23 ? 90  PHE A CD2 1 
ATOM   553  C CE1 . PHE A 1 73  ? 1.865   -6.741  -3.765  1.00 23.23 ? 90  PHE A CE1 1 
ATOM   554  C CE2 . PHE A 1 73  ? 3.133   -6.150  -1.849  1.00 20.78 ? 90  PHE A CE2 1 
ATOM   555  C CZ  . PHE A 1 73  ? 2.453   -7.084  -2.569  1.00 18.13 ? 90  PHE A CZ  1 
ATOM   556  N N   . VAL A 1 74  ? 0.988   -0.505  -5.485  1.00 9.95  ? 91  VAL A N   1 
ATOM   557  C CA  A VAL A 1 74  ? 1.119   0.905   -5.814  0.55 10.17 ? 91  VAL A CA  1 
ATOM   558  C CA  B VAL A 1 74  ? 1.121   0.905   -5.815  0.45 10.18 ? 91  VAL A CA  1 
ATOM   559  C C   . VAL A 1 74  ? 1.386   1.728   -4.565  1.00 12.92 ? 91  VAL A C   1 
ATOM   560  O O   . VAL A 1 74  ? 0.669   1.615   -3.573  1.00 11.63 ? 91  VAL A O   1 
ATOM   561  C CB  A VAL A 1 74  ? -0.131  1.448   -6.527  0.55 11.59 ? 91  VAL A CB  1 
ATOM   562  C CB  B VAL A 1 74  ? -0.126  1.449   -6.551  0.45 11.59 ? 91  VAL A CB  1 
ATOM   563  C CG1 A VAL A 1 74  ? 0.139   2.839   -7.045  0.55 9.02  ? 91  VAL A CG1 1 
ATOM   564  C CG1 B VAL A 1 74  ? -0.253  0.785   -7.906  0.45 14.34 ? 91  VAL A CG1 1 
ATOM   565  C CG2 A VAL A 1 74  ? -0.500  0.550   -7.689  0.55 14.47 ? 91  VAL A CG2 1 
ATOM   566  C CG2 B VAL A 1 74  ? -1.386  1.227   -5.746  0.45 7.55  ? 91  VAL A CG2 1 
ATOM   567  N N   . LEU A 1 75  ? 2.437   2.541   -4.633  1.00 8.89  ? 92  LEU A N   1 
ATOM   568  C CA  . LEU A 1 75  ? 2.789   3.480   -3.578  1.00 9.88  ? 92  LEU A CA  1 
ATOM   569  C C   . LEU A 1 75  ? 2.052   4.789   -3.840  1.00 10.91 ? 92  LEU A C   1 
ATOM   570  O O   . LEU A 1 75  ? 2.208   5.389   -4.896  1.00 11.88 ? 92  LEU A O   1 
ATOM   571  C CB  . LEU A 1 75  ? 4.298   3.701   -3.549  1.00 12.14 ? 92  LEU A CB  1 
ATOM   572  C CG  . LEU A 1 75  ? 4.815   4.713   -2.518  1.00 9.10  ? 92  LEU A CG  1 
ATOM   573  C CD1 . LEU A 1 75  ? 4.481   4.256   -1.111  1.00 11.15 ? 92  LEU A CD1 1 
ATOM   574  C CD2 . LEU A 1 75  ? 6.325   4.875   -2.687  1.00 11.27 ? 92  LEU A CD2 1 
ATOM   575  N N   . ILE A 1 76  ? 1.261   5.207   -2.858  1.00 8.37  ? 93  ILE A N   1 
ATOM   576  C CA  . ILE A 1 76  ? 0.342   6.344   -2.974  1.00 8.77  ? 93  ILE A CA  1 
ATOM   577  C C   . ILE A 1 76  ? 0.609   7.306   -1.841  1.00 10.21 ? 93  ILE A C   1 
ATOM   578  O O   . ILE A 1 76  ? 0.862   6.884   -0.727  1.00 9.78  ? 93  ILE A O   1 
ATOM   579  C CB  . ILE A 1 76  ? -1.126  5.840   -2.920  1.00 9.43  ? 93  ILE A CB  1 
ATOM   580  C CG1 . ILE A 1 76  ? -1.409  4.976   -4.137  1.00 13.73 ? 93  ILE A CG1 1 
ATOM   581  C CG2 . ILE A 1 76  ? -2.123  6.993   -2.836  1.00 9.74  ? 93  ILE A CG2 1 
ATOM   582  C CD1 . ILE A 1 76  ? -1.170  5.704   -5.400  1.00 16.62 ? 93  ILE A CD1 1 
ATOM   583  N N   . ASP A 1 77  ? 0.559   8.600   -2.121  1.00 8.19  ? 94  ASP A N   1 
ATOM   584  C CA  . ASP A 1 77  ? 0.776   9.586   -1.074  1.00 9.82  ? 94  ASP A CA  1 
ATOM   585  C C   . ASP A 1 77  ? -0.512  9.892   -0.318  1.00 9.48  ? 94  ASP A C   1 
ATOM   586  O O   . ASP A 1 77  ? -1.606  9.965   -0.897  1.00 9.89  ? 94  ASP A O   1 
ATOM   587  C CB  . ASP A 1 77  ? 1.339   10.878  -1.670  1.00 9.66  ? 94  ASP A CB  1 
ATOM   588  C CG  . ASP A 1 77  ? 2.749   10.706  -2.199  1.00 12.76 ? 94  ASP A CG  1 
ATOM   589  O OD1 . ASP A 1 77  ? 3.611   10.182  -1.456  1.00 13.29 ? 94  ASP A OD1 1 
ATOM   590  O OD2 . ASP A 1 77  ? 2.987   11.104  -3.348  1.00 15.52 ? 94  ASP A OD2 1 
ATOM   591  N N   . ARG A 1 78  ? -0.368  10.108  0.982   1.00 9.99  ? 95  ARG A N   1 
ATOM   592  C CA  . ARG A 1 78  ? -1.451  10.641  1.782   1.00 9.91  ? 95  ARG A CA  1 
ATOM   593  C C   . ARG A 1 78  ? -1.913  11.986  1.224   1.00 11.12 ? 95  ARG A C   1 
ATOM   594  O O   . ARG A 1 78  ? -1.111  12.758  0.685   1.00 11.61 ? 95  ARG A O   1 
ATOM   595  C CB  . ARG A 1 78  ? -0.990  10.813  3.240   1.00 11.87 ? 95  ARG A CB  1 
ATOM   596  C CG  . ARG A 1 78  ? -2.106  11.127  4.230   1.00 12.06 ? 95  ARG A CG  1 
ATOM   597  C CD  . ARG A 1 78  ? -1.544  11.381  5.632   1.00 10.05 ? 95  ARG A CD  1 
ATOM   598  N NE  . ARG A 1 78  ? -2.633  11.719  6.547   1.00 10.94 ? 95  ARG A NE  1 
ATOM   599  C CZ  . ARG A 1 78  ? -2.481  12.062  7.825   1.00 13.84 ? 95  ARG A CZ  1 
ATOM   600  N NH1 . ARG A 1 78  ? -1.267  12.084  8.383   1.00 11.16 ? 95  ARG A NH1 1 
ATOM   601  N NH2 . ARG A 1 78  ? -3.562  12.364  8.544   1.00 11.56 ? 95  ARG A NH2 1 
ATOM   602  N N   . GLY A 1 79  ? -3.196  12.271  1.450   1.00 10.82 ? 96  GLY A N   1 
ATOM   603  C CA  . GLY A 1 79  ? -3.833  13.549  1.162   1.00 12.05 ? 96  GLY A CA  1 
ATOM   604  C C   . GLY A 1 79  ? -4.929  13.648  0.119   1.00 10.78 ? 96  GLY A C   1 
ATOM   605  O O   . GLY A 1 79  ? -5.157  12.747  -0.671  1.00 12.43 ? 96  GLY A O   1 
ATOM   606  N N   . ASP A 1 80  ? -5.727  14.700  0.315   1.00 11.99 ? 97  ASP A N   1 
ATOM   607  C CA  . ASP A 1 80  ? -6.816  15.177  -0.552  1.00 11.51 ? 97  ASP A CA  1 
ATOM   608  C C   . ASP A 1 80  ? -8.081  14.311  -0.535  1.00 19.58 ? 97  ASP A C   1 
ATOM   609  O O   . ASP A 1 80  ? -9.165  14.825  -0.787  1.00 24.35 ? 97  ASP A O   1 
ATOM   610  C CB  . ASP A 1 80  ? -6.365  15.280  -2.017  1.00 12.68 ? 97  ASP A CB  1 
ATOM   611  C CG  . ASP A 1 80  ? -5.405  16.430  -2.274  1.00 17.33 ? 97  ASP A CG  1 
ATOM   612  O OD1 . ASP A 1 80  ? -5.189  17.261  -1.374  1.00 20.82 ? 97  ASP A OD1 1 
ATOM   613  O OD2 . ASP A 1 80  ? -4.870  16.481  -3.400  1.00 24.26 ? 97  ASP A OD2 1 
ATOM   614  N N   . CYS A 1 81  ? -7.990  13.049  -0.127  1.00 11.81 ? 98  CYS A N   1 
ATOM   615  C CA  . CYS A 1 81  ? -9.174  12.189  -0.157  1.00 11.58 ? 98  CYS A CA  1 
ATOM   616  C C   . CYS A 1 81  ? -9.023  11.036  0.824   1.00 11.93 ? 98  CYS A C   1 
ATOM   617  O O   . CYS A 1 81  ? -7.947  10.816  1.358   1.00 12.39 ? 98  CYS A O   1 
ATOM   618  C CB  . CYS A 1 81  ? -9.469  11.662  -1.576  1.00 14.47 ? 98  CYS A CB  1 
ATOM   619  S SG  . CYS A 1 81  ? -8.219  10.579  -2.323  1.00 13.99 ? 98  CYS A SG  1 
ATOM   620  N N   . TYR A 1 82  ? -10.122 10.347  1.120   1.00 12.85 ? 99  TYR A N   1 
ATOM   621  C CA  . TYR A 1 82  ? -10.071 9.280   2.112   1.00 10.88 ? 99  TYR A CA  1 
ATOM   622  C C   . TYR A 1 82  ? -9.429  7.991   1.590   1.00 10.75 ? 99  TYR A C   1 
ATOM   623  O O   . TYR A 1 82  ? -9.319  7.753   0.372   1.00 11.06 ? 99  TYR A O   1 
ATOM   624  C CB  . TYR A 1 82  ? -11.472 9.009   2.681   1.00 16.41 ? 99  TYR A CB  1 
ATOM   625  C CG  . TYR A 1 82  ? -12.551 8.682   1.682   1.00 17.17 ? 99  TYR A CG  1 
ATOM   626  C CD1 . TYR A 1 82  ? -13.242 9.688   1.007   1.00 17.51 ? 99  TYR A CD1 1 
ATOM   627  C CD2 . TYR A 1 82  ? -12.919 7.365   1.446   1.00 14.19 ? 99  TYR A CD2 1 
ATOM   628  C CE1 . TYR A 1 82  ? -14.247 9.375   0.086   1.00 17.20 ? 99  TYR A CE1 1 
ATOM   629  C CE2 . TYR A 1 82  ? -13.919 7.045   0.538   1.00 17.76 ? 99  TYR A CE2 1 
ATOM   630  C CZ  . TYR A 1 82  ? -14.577 8.050   -0.133  1.00 21.54 ? 99  TYR A CZ  1 
ATOM   631  O OH  . TYR A 1 82  ? -15.566 7.707   -1.020  1.00 19.88 ? 99  TYR A OH  1 
ATOM   632  N N   . PHE A 1 83  ? -8.976  7.170   2.531   1.00 10.02 ? 100 PHE A N   1 
ATOM   633  C CA  . PHE A 1 83  ? -8.126  6.045   2.179   1.00 11.01 ? 100 PHE A CA  1 
ATOM   634  C C   . PHE A 1 83  ? -8.832  4.986   1.337   1.00 11.67 ? 100 PHE A C   1 
ATOM   635  O O   . PHE A 1 83  ? -8.206  4.414   0.454   1.00 10.19 ? 100 PHE A O   1 
ATOM   636  C CB  . PHE A 1 83  ? -7.549  5.408   3.445   1.00 9.67  ? 100 PHE A CB  1 
ATOM   637  C CG  . PHE A 1 83  ? -6.676  6.344   4.267   1.00 9.87  ? 100 PHE A CG  1 
ATOM   638  C CD1 . PHE A 1 83  ? -5.887  7.317   3.668   1.00 12.35 ? 100 PHE A CD1 1 
ATOM   639  C CD2 . PHE A 1 83  ? -6.641  6.221   5.642   1.00 11.91 ? 100 PHE A CD2 1 
ATOM   640  C CE1 . PHE A 1 83  ? -5.080  8.170   4.443   1.00 11.98 ? 100 PHE A CE1 1 
ATOM   641  C CE2 . PHE A 1 83  ? -5.842  7.061   6.422   1.00 12.56 ? 100 PHE A CE2 1 
ATOM   642  C CZ  . PHE A 1 83  ? -5.063  8.032   5.822   1.00 14.24 ? 100 PHE A CZ  1 
ATOM   643  N N   . THR A 1 84  ? -10.109 4.700   1.587   1.00 9.92  ? 101 THR A N   1 
ATOM   644  C CA  . THR A 1 84  ? -10.748 3.655   0.779   1.00 10.91 ? 101 THR A CA  1 
ATOM   645  C C   . THR A 1 84  ? -11.027 4.132   -0.653  1.00 9.92  ? 101 THR A C   1 
ATOM   646  O O   . THR A 1 84  ? -11.153 3.304   -1.564  1.00 10.03 ? 101 THR A O   1 
ATOM   647  C CB  . THR A 1 84  ? -12.062 3.149   1.396   1.00 11.00 ? 101 THR A CB  1 
ATOM   648  O OG1 . THR A 1 84  ? -12.930 4.259   1.629   1.00 12.19 ? 101 THR A OG1 1 
ATOM   649  C CG2 . THR A 1 84  ? -11.789 2.389   2.732   1.00 14.29 ? 101 THR A CG2 1 
ATOM   650  N N   . LEU A 1 85  ? -11.127 5.444   -0.868  1.00 9.63  ? 102 LEU A N   1 
ATOM   651  C CA  . LEU A 1 85  ? -11.257 5.930   -2.248  1.00 10.58 ? 102 LEU A CA  1 
ATOM   652  C C   . LEU A 1 85  ? -9.942  5.700   -3.003  1.00 11.01 ? 102 LEU A C   1 
ATOM   653  O O   . LEU A 1 85  ? -9.954  5.276   -4.159  1.00 9.81  ? 102 LEU A O   1 
ATOM   654  C CB  . LEU A 1 85  ? -11.657 7.415   -2.300  1.00 11.97 ? 102 LEU A CB  1 
ATOM   655  C CG  . LEU A 1 85  ? -11.803 7.985   -3.713  1.00 13.22 ? 102 LEU A CG  1 
ATOM   656  C CD1 . LEU A 1 85  ? -12.867 7.245   -4.516  1.00 15.21 ? 102 LEU A CD1 1 
ATOM   657  C CD2 . LEU A 1 85  ? -12.118 9.485   -3.672  1.00 16.16 ? 102 LEU A CD2 1 
ATOM   658  N N   . LYS A 1 86  ? -8.813  5.984   -2.348  1.00 9.80  ? 103 LYS A N   1 
ATOM   659  C CA  . LYS A 1 86  ? -7.506  5.683   -2.925  1.00 9.94  ? 103 LYS A CA  1 
ATOM   660  C C   . LYS A 1 86  ? -7.413  4.207   -3.300  1.00 8.76  ? 103 LYS A C   1 
ATOM   661  O O   . LYS A 1 86  ? -6.970  3.869   -4.400  1.00 9.48  ? 103 LYS A O   1 
ATOM   662  C CB  . LYS A 1 86  ? -6.371  6.038   -1.957  1.00 9.79  ? 103 LYS A CB  1 
ATOM   663  C CG  . LYS A 1 86  ? -6.307  7.535   -1.575  1.00 6.99  ? 103 LYS A CG  1 
ATOM   664  C CD  . LYS A 1 86  ? -5.207  7.761   -0.542  1.00 7.88  ? 103 LYS A CD  1 
ATOM   665  C CE  . LYS A 1 86  ? -5.155  9.220   -0.074  1.00 10.43 ? 103 LYS A CE  1 
ATOM   666  N NZ  . LYS A 1 86  ? -4.422  10.106  -1.021  1.00 11.43 ? 103 LYS A NZ  1 
ATOM   667  N N   . ALA A 1 87  ? -7.822  3.332   -2.379  1.00 8.54  ? 104 ALA A N   1 
ATOM   668  C CA  . ALA A 1 87  ? -7.736  1.889   -2.615  1.00 10.69 ? 104 ALA A CA  1 
ATOM   669  C C   . ALA A 1 87  ? -8.629  1.487   -3.788  1.00 10.55 ? 104 ALA A C   1 
ATOM   670  O O   . ALA A 1 87  ? -8.218  0.743   -4.696  1.00 9.56  ? 104 ALA A O   1 
ATOM   671  C CB  . ALA A 1 87  ? -8.115  1.115   -1.350  1.00 12.39 ? 104 ALA A CB  1 
ATOM   672  N N   . TRP A 1 88  ? -9.843  2.015   -3.796  1.00 8.68  ? 105 TRP A N   1 
ATOM   673  C CA  . TRP A 1 88  ? -10.780 1.715   -4.878  1.00 10.29 ? 105 TRP A CA  1 
ATOM   674  C C   . TRP A 1 88  ? -10.242 2.175   -6.240  1.00 11.53 ? 105 TRP A C   1 
ATOM   675  O O   . TRP A 1 88  ? -10.312 1.436   -7.232  1.00 9.95  ? 105 TRP A O   1 
ATOM   676  C CB  . TRP A 1 88  ? -12.137 2.363   -4.576  1.00 9.46  ? 105 TRP A CB  1 
ATOM   677  C CG  . TRP A 1 88  ? -13.129 2.261   -5.721  1.00 7.79  ? 105 TRP A CG  1 
ATOM   678  C CD1 . TRP A 1 88  ? -13.471 3.260   -6.591  1.00 10.91 ? 105 TRP A CD1 1 
ATOM   679  C CD2 . TRP A 1 88  ? -13.908 1.116   -6.095  1.00 10.77 ? 105 TRP A CD2 1 
ATOM   680  N NE1 . TRP A 1 88  ? -14.399 2.800   -7.497  1.00 11.66 ? 105 TRP A NE1 1 
ATOM   681  C CE2 . TRP A 1 88  ? -14.685 1.490   -7.210  1.00 10.88 ? 105 TRP A CE2 1 
ATOM   682  C CE3 . TRP A 1 88  ? -14.016 -0.190  -5.601  1.00 12.98 ? 105 TRP A CE3 1 
ATOM   683  C CZ2 . TRP A 1 88  ? -15.574 0.603   -7.834  1.00 10.82 ? 105 TRP A CZ2 1 
ATOM   684  C CZ3 . TRP A 1 88  ? -14.882 -1.068  -6.237  1.00 11.87 ? 105 TRP A CZ3 1 
ATOM   685  C CH2 . TRP A 1 88  ? -15.654 -0.664  -7.333  1.00 10.97 ? 105 TRP A CH2 1 
ATOM   686  N N   . ILE A 1 89  ? -9.703  3.393   -6.286  1.00 8.38  ? 106 ILE A N   1 
ATOM   687  C CA  . ILE A 1 89  ? -9.177  3.949   -7.531  1.00 10.15 ? 106 ILE A CA  1 
ATOM   688  C C   . ILE A 1 89  ? -7.948  3.151   -8.026  1.00 9.87  ? 106 ILE A C   1 
ATOM   689  O O   . ILE A 1 89  ? -7.848  2.820   -9.218  1.00 11.02 ? 106 ILE A O   1 
ATOM   690  C CB  . ILE A 1 89  ? -8.862  5.444   -7.343  1.00 9.43  ? 106 ILE A CB  1 
ATOM   691  C CG1 . ILE A 1 89  ? -10.165 6.251   -7.356  1.00 11.81 ? 106 ILE A CG1 1 
ATOM   692  C CG2 . ILE A 1 89  ? -7.943  5.965   -8.439  1.00 11.10 ? 106 ILE A CG2 1 
ATOM   693  C CD1 . ILE A 1 89  ? -9.950  7.752   -7.074  1.00 11.43 ? 106 ILE A CD1 1 
ATOM   694  N N   . ALA A 1 90  ? -7.051  2.782   -7.111  1.00 7.67  ? 107 ALA A N   1 
ATOM   695  C CA  . ALA A 1 90  ? -5.908  1.949   -7.475  1.00 9.24  ? 107 ALA A CA  1 
ATOM   696  C C   . ALA A 1 90  ? -6.373  0.576   -7.981  1.00 10.88 ? 107 ALA A C   1 
ATOM   697  O O   . ALA A 1 90  ? -5.831  0.040   -8.955  1.00 10.69 ? 107 ALA A O   1 
ATOM   698  C CB  . ALA A 1 90  ? -4.970  1.797   -6.292  1.00 11.24 ? 107 ALA A CB  1 
ATOM   699  N N   . GLN A 1 91  ? -7.386  0.019   -7.322  1.00 9.69  ? 108 GLN A N   1 
ATOM   700  C CA  . GLN A 1 91  ? -7.948  -1.273  -7.704  1.00 10.45 ? 108 GLN A CA  1 
ATOM   701  C C   . GLN A 1 91  ? -8.535  -1.228  -9.121  1.00 11.35 ? 108 GLN A C   1 
ATOM   702  O O   . GLN A 1 91  ? -8.343  -2.160  -9.911  1.00 11.66 ? 108 GLN A O   1 
ATOM   703  C CB  . GLN A 1 91  ? -8.994  -1.675  -6.663  1.00 10.94 ? 108 GLN A CB  1 
ATOM   704  C CG  . GLN A 1 91  ? -9.692  -3.001  -6.844  1.00 10.47 ? 108 GLN A CG  1 
ATOM   705  C CD  . GLN A 1 91  ? -10.535 -3.296  -5.626  1.00 12.99 ? 108 GLN A CD  1 
ATOM   706  O OE1 . GLN A 1 91  ? -10.005 -3.347  -4.513  1.00 10.86 ? 108 GLN A OE1 1 
ATOM   707  N NE2 . GLN A 1 91  ? -11.857 -3.419  -5.810  1.00 11.44 ? 108 GLN A NE2 1 
ATOM   708  N N   . GLN A 1 92  ? -9.220  -0.142  -9.462  1.00 11.38 ? 109 GLN A N   1 
ATOM   709  C CA  . GLN A 1 92  ? -9.801  -0.030  -10.801 1.00 10.68 ? 109 GLN A CA  1 
ATOM   710  C C   . GLN A 1 92  ? -8.701  0.003   -11.861 1.00 12.60 ? 109 GLN A C   1 
ATOM   711  O O   . GLN A 1 92  ? -8.897  -0.455  -12.994 1.00 13.94 ? 109 GLN A O   1 
ATOM   712  C CB  . GLN A 1 92  ? -10.686 1.219   -10.905 1.00 10.62 ? 109 GLN A CB  1 
ATOM   713  C CG  . GLN A 1 92  ? -11.899 1.200   -9.969  1.00 10.52 ? 109 GLN A CG  1 
ATOM   714  C CD  . GLN A 1 92  ? -12.547 -0.153  -9.889  1.00 10.49 ? 109 GLN A CD  1 
ATOM   715  O OE1 . GLN A 1 92  ? -13.038 -0.683  -10.894 1.00 12.23 ? 109 GLN A OE1 1 
ATOM   716  N NE2 . GLN A 1 92  ? -12.541 -0.742  -8.697  1.00 9.37  ? 109 GLN A NE2 1 
ATOM   717  N N   . ALA A 1 93  ? -7.545  0.546   -11.484 1.00 10.77 ? 110 ALA A N   1 
ATOM   718  C CA  . ALA A 1 93  ? -6.399  0.658   -12.387 1.00 11.04 ? 110 ALA A CA  1 
ATOM   719  C C   . ALA A 1 93  ? -5.511  -0.596  -12.417 1.00 12.47 ? 110 ALA A C   1 
ATOM   720  O O   . ALA A 1 93  ? -4.468  -0.610  -13.063 1.00 15.30 ? 110 ALA A O   1 
ATOM   721  C CB  . ALA A 1 93  ? -5.566  1.886   -12.026 1.00 13.18 ? 110 ALA A CB  1 
ATOM   722  N N   . GLY A 1 94  ? -5.907  -1.640  -11.706 1.00 12.57 ? 111 GLY A N   1 
ATOM   723  C CA  . GLY A 1 94  ? -5.209  -2.916  -11.819 1.00 15.74 ? 111 GLY A CA  1 
ATOM   724  C C   . GLY A 1 94  ? -4.168  -3.211  -10.752 1.00 13.66 ? 111 GLY A C   1 
ATOM   725  O O   . GLY A 1 94  ? -3.442  -4.215  -10.845 1.00 11.70 ? 111 GLY A O   1 
ATOM   726  N N   . ALA A 1 95  ? -4.096  -2.354  -9.735  1.00 11.29 ? 112 ALA A N   1 
ATOM   727  C CA  . ALA A 1 95  ? -3.204  -2.568  -8.586  1.00 11.82 ? 112 ALA A CA  1 
ATOM   728  C C   . ALA A 1 95  ? -3.519  -3.874  -7.864  1.00 12.18 ? 112 ALA A C   1 
ATOM   729  O O   . ALA A 1 95  ? -4.682  -4.242  -7.739  1.00 14.07 ? 112 ALA A O   1 
ATOM   730  C CB  . ALA A 1 95  ? -3.324  -1.389  -7.603  1.00 11.94 ? 112 ALA A CB  1 
ATOM   731  N N   . ALA A 1 96  ? -2.483  -4.606  -7.438  1.00 9.31  ? 113 ALA A N   1 
ATOM   732  C CA  . ALA A 1 96  ? -2.674  -5.766  -6.575  1.00 10.97 ? 113 ALA A CA  1 
ATOM   733  C C   . ALA A 1 96  ? -2.728  -5.453  -5.083  1.00 11.78 ? 113 ALA A C   1 
ATOM   734  O O   . ALA A 1 96  ? -3.213  -6.268  -4.305  1.00 11.99 ? 113 ALA A O   1 
ATOM   735  C CB  . ALA A 1 96  ? -1.574  -6.790  -6.845  1.00 12.29 ? 113 ALA A CB  1 
ATOM   736  N N   . ALA A 1 97  ? -2.164  -4.307  -4.703  1.00 12.58 ? 114 ALA A N   1 
ATOM   737  C CA  . ALA A 1 97  ? -2.174  -3.812  -3.322  1.00 8.72  ? 114 ALA A CA  1 
ATOM   738  C C   . ALA A 1 97  ? -1.872  -2.329  -3.364  1.00 9.40  ? 114 ALA A C   1 
ATOM   739  O O   . ALA A 1 97  ? -1.324  -1.851  -4.348  1.00 10.76 ? 114 ALA A O   1 
ATOM   740  C CB  . ALA A 1 97  ? -1.157  -4.541  -2.452  1.00 10.13 ? 114 ALA A CB  1 
ATOM   741  N N   . ILE A 1 98  ? -2.187  -1.622  -2.284  1.00 11.39 ? 115 ILE A N   1 
ATOM   742  C CA  . ILE A 1 98  ? -1.826  -0.217  -2.166  1.00 8.13  ? 115 ILE A CA  1 
ATOM   743  C C   . ILE A 1 98  ? -1.112  0.021   -0.854  1.00 9.83  ? 115 ILE A C   1 
ATOM   744  O O   . ILE A 1 98  ? -1.500  -0.526  0.193   1.00 11.88 ? 115 ILE A O   1 
ATOM   745  C CB  . ILE A 1 98  ? -3.083  0.703   -2.282  1.00 10.95 ? 115 ILE A CB  1 
ATOM   746  C CG1 . ILE A 1 98  ? -2.715  2.181   -2.202  1.00 15.88 ? 115 ILE A CG1 1 
ATOM   747  C CG2 . ILE A 1 98  ? -4.132  0.345   -1.218  1.00 16.94 ? 115 ILE A CG2 1 
ATOM   748  C CD1 . ILE A 1 98  ? -3.951  3.106   -2.346  1.00 18.93 ? 115 ILE A CD1 1 
ATOM   749  N N   . LEU A 1 99  ? -0.046  0.819   -0.922  1.00 9.67  ? 116 LEU A N   1 
ATOM   750  C CA  . LEU A 1 99  ? 0.637   1.332   0.267   1.00 11.29 ? 116 LEU A CA  1 
ATOM   751  C C   . LEU A 1 99  ? 0.431   2.839   0.306   1.00 9.46  ? 116 LEU A C   1 
ATOM   752  O O   . LEU A 1 99  ? 0.786   3.507   -0.657  1.00 10.98 ? 116 LEU A O   1 
ATOM   753  C CB  . LEU A 1 99  ? 2.134   1.038   0.220   1.00 11.17 ? 116 LEU A CB  1 
ATOM   754  C CG  . LEU A 1 99  ? 2.531   -0.414  -0.066  1.00 12.29 ? 116 LEU A CG  1 
ATOM   755  C CD1 . LEU A 1 99  ? 4.027   -0.459  -0.260  1.00 19.30 ? 116 LEU A CD1 1 
ATOM   756  C CD2 . LEU A 1 99  ? 2.089   -1.324  1.074   1.00 16.59 ? 116 LEU A CD2 1 
ATOM   757  N N   . VAL A 1 100 ? -0.144  3.368   1.383   1.00 8.58  ? 117 VAL A N   1 
ATOM   758  C CA  . VAL A 1 100 ? -0.366  4.812   1.468   1.00 8.41  ? 117 VAL A CA  1 
ATOM   759  C C   . VAL A 1 100 ? 0.652   5.405   2.434   1.00 8.13  ? 117 VAL A C   1 
ATOM   760  O O   . VAL A 1 100 ? 0.624   5.112   3.623   1.00 9.65  ? 117 VAL A O   1 
ATOM   761  C CB  . VAL A 1 100 ? -1.795  5.179   1.947   1.00 11.58 ? 117 VAL A CB  1 
ATOM   762  C CG1 . VAL A 1 100 ? -1.985  6.679   1.873   1.00 10.04 ? 117 VAL A CG1 1 
ATOM   763  C CG2 . VAL A 1 100 ? -2.846  4.510   1.064   1.00 11.68 ? 117 VAL A CG2 1 
ATOM   764  N N   . ALA A 1 101 ? 1.561   6.210   1.909   1.00 9.12  ? 118 ALA A N   1 
ATOM   765  C CA  . ALA A 1 101 ? 2.651   6.726   2.736   1.00 8.99  ? 118 ALA A CA  1 
ATOM   766  C C   . ALA A 1 101 ? 2.256   8.033   3.410   1.00 8.84  ? 118 ALA A C   1 
ATOM   767  O O   . ALA A 1 101 ? 1.751   8.966   2.769   1.00 10.27 ? 118 ALA A O   1 
ATOM   768  C CB  . ALA A 1 101 ? 3.903   6.909   1.907   1.00 11.66 ? 118 ALA A CB  1 
ATOM   769  N N   . ASP A 1 102 ? 2.463   8.090   4.719   1.00 9.78  ? 119 ASP A N   1 
ATOM   770  C CA  . ASP A 1 102 ? 2.175   9.316   5.474   1.00 9.58  ? 119 ASP A CA  1 
ATOM   771  C C   . ASP A 1 102 ? 2.957   10.494  4.901   1.00 10.07 ? 119 ASP A C   1 
ATOM   772  O O   . ASP A 1 102 ? 4.111   10.340  4.474   1.00 10.87 ? 119 ASP A O   1 
ATOM   773  C CB  . ASP A 1 102 ? 2.515   9.113   6.953   1.00 10.06 ? 119 ASP A CB  1 
ATOM   774  C CG  . ASP A 1 102 ? 1.731   10.040  7.875   1.00 10.46 ? 119 ASP A CG  1 
ATOM   775  O OD1 . ASP A 1 102 ? 1.235   11.089  7.412   1.00 10.62 ? 119 ASP A OD1 1 
ATOM   776  O OD2 . ASP A 1 102 ? 1.617   9.699   9.067   1.00 10.92 ? 119 ASP A OD2 1 
ATOM   777  N N   . SER A 1 103 ? 2.305   11.657  4.859   1.00 8.64  ? 120 SER A N   1 
ATOM   778  C CA  . SER A 1 103 ? 2.951   12.899  4.449   1.00 9.79  ? 120 SER A CA  1 
ATOM   779  C C   . SER A 1 103 ? 3.780   13.492  5.592   1.00 12.62 ? 120 SER A C   1 
ATOM   780  O O   . SER A 1 103 ? 4.592   14.394  5.383   1.00 15.59 ? 120 SER A O   1 
ATOM   781  C CB  . SER A 1 103 ? 1.896   13.912  3.999   1.00 11.21 ? 120 SER A CB  1 
ATOM   782  O OG  . SER A 1 103 ? 0.933   14.067  5.023   1.00 13.33 ? 120 SER A OG  1 
ATOM   783  N N   . LYS A 1 104 ? 3.533   13.000  6.798   1.00 9.40  ? 121 LYS A N   1 
ATOM   784  C CA  . LYS A 1 104 ? 4.233   13.476  7.991   1.00 11.98 ? 121 LYS A CA  1 
ATOM   785  C C   . LYS A 1 104 ? 5.048   12.349  8.591   1.00 11.02 ? 121 LYS A C   1 
ATOM   786  O O   . LYS A 1 104 ? 4.601   11.202  8.571   1.00 11.93 ? 121 LYS A O   1 
ATOM   787  C CB  . LYS A 1 104 ? 3.248   13.973  9.055   1.00 13.01 ? 121 LYS A CB  1 
ATOM   788  C CG  . LYS A 1 104 ? 2.058   14.733  8.519   1.00 19.24 ? 121 LYS A CG  1 
ATOM   789  C CD  . LYS A 1 104 ? 1.179   15.211  9.667   1.00 15.45 ? 121 LYS A CD  1 
ATOM   790  C CE  . LYS A 1 104 ? -0.166  15.697  9.155   1.00 16.14 ? 121 LYS A CE  1 
ATOM   791  N NZ  . LYS A 1 104 ? -1.037  16.194  10.246  1.00 16.86 ? 121 LYS A NZ  1 
ATOM   792  N N   . ALA A 1 105 ? 6.174   12.678  9.222   1.00 9.17  ? 122 ALA A N   1 
ATOM   793  C CA  . ALA A 1 105 ? 6.908   11.659  9.954   1.00 10.02 ? 122 ALA A CA  1 
ATOM   794  C C   . ALA A 1 105 ? 6.319   11.624  11.356  1.00 12.72 ? 122 ALA A C   1 
ATOM   795  O O   . ALA A 1 105 ? 6.426   12.580  12.111  1.00 11.69 ? 122 ALA A O   1 
ATOM   796  C CB  . ALA A 1 105 ? 8.390   11.982  10.001  1.00 12.77 ? 122 ALA A CB  1 
ATOM   797  N N   . GLU A 1 106 ? 5.658   10.522  11.682  1.00 11.62 ? 123 GLU A N   1 
ATOM   798  C CA  . GLU A 1 106 ? 4.906   10.433  12.928  1.00 9.33  ? 123 GLU A CA  1 
ATOM   799  C C   . GLU A 1 106 ? 4.513   8.975   13.161  1.00 10.87 ? 123 GLU A C   1 
ATOM   800  O O   . GLU A 1 106 ? 4.640   8.148   12.258  1.00 12.24 ? 123 GLU A O   1 
ATOM   801  C CB  . GLU A 1 106 ? 3.652   11.325  12.847  1.00 11.24 ? 123 GLU A CB  1 
ATOM   802  C CG  . GLU A 1 106 ? 2.616   10.772  11.826  1.00 10.46 ? 123 GLU A CG  1 
ATOM   803  C CD  . GLU A 1 106 ? 1.432   11.705  11.586  1.00 14.98 ? 123 GLU A CD  1 
ATOM   804  O OE1 . GLU A 1 106 ? 1.271   12.685  12.337  1.00 12.22 ? 123 GLU A OE1 1 
ATOM   805  O OE2 . GLU A 1 106 ? 0.655   11.465  10.622  1.00 11.37 ? 123 GLU A OE2 1 
ATOM   806  N N   . PRO A 1 107 ? 3.933   8.674   14.328  1.00 10.57 ? 124 PRO A N   1 
ATOM   807  C CA  . PRO A 1 107 ? 3.418   7.314   14.549  1.00 11.92 ? 124 PRO A CA  1 
ATOM   808  C C   . PRO A 1 107 ? 2.315   6.985   13.564  1.00 11.01 ? 124 PRO A C   1 
ATOM   809  O O   . PRO A 1 107 ? 1.521   7.860   13.246  1.00 11.90 ? 124 PRO A O   1 
ATOM   810  C CB  . PRO A 1 107 ? 2.870   7.381   15.969  1.00 12.20 ? 124 PRO A CB  1 
ATOM   811  C CG  . PRO A 1 107 ? 3.720   8.429   16.624  1.00 12.21 ? 124 PRO A CG  1 
ATOM   812  C CD  . PRO A 1 107 ? 3.922   9.467   15.571  1.00 11.45 ? 124 PRO A CD  1 
ATOM   813  N N   . LEU A 1 108 ? 2.253   5.739   13.109  1.00 12.43 ? 125 LEU A N   1 
ATOM   814  C CA  . LEU A 1 108 ? 1.208   5.342   12.168  1.00 11.60 ? 125 LEU A CA  1 
ATOM   815  C C   . LEU A 1 108 ? -0.208  5.536   12.689  1.00 13.65 ? 125 LEU A C   1 
ATOM   816  O O   . LEU A 1 108 ? -1.106  5.892   11.927  1.00 13.30 ? 125 LEU A O   1 
ATOM   817  C CB  . LEU A 1 108 ? 1.385   3.882   11.783  1.00 13.91 ? 125 LEU A CB  1 
ATOM   818  C CG  . LEU A 1 108 ? 2.426   3.587   10.719  1.00 18.78 ? 125 LEU A CG  1 
ATOM   819  C CD1 . LEU A 1 108 ? 2.624   2.089   10.680  1.00 16.79 ? 125 LEU A CD1 1 
ATOM   820  C CD2 . LEU A 1 108 ? 1.935   4.101   9.367   1.00 12.47 ? 125 LEU A CD2 1 
ATOM   821  N N   . ILE A 1 109 ? -0.424  5.278   13.977  1.00 12.29 ? 126 ILE A N   1 
ATOM   822  C CA  . ILE A 1 109 ? -1.769  5.374   14.521  1.00 13.73 ? 126 ILE A CA  1 
ATOM   823  C C   . ILE A 1 109 ? -2.353  6.782   14.327  1.00 15.53 ? 126 ILE A C   1 
ATOM   824  O O   . ILE A 1 109 ? -3.558  6.948   14.159  1.00 16.11 ? 126 ILE A O   1 
ATOM   825  C CB  . ILE A 1 109 ? -1.806  4.974   16.015  1.00 16.49 ? 126 ILE A CB  1 
ATOM   826  C CG1 . ILE A 1 109 ? -3.254  4.855   16.498  1.00 22.01 ? 126 ILE A CG1 1 
ATOM   827  C CG2 . ILE A 1 109 ? -1.015  5.969   16.873  1.00 17.34 ? 126 ILE A CG2 1 
ATOM   828  C CD1 . ILE A 1 109 ? -3.408  3.999   17.729  1.00 35.06 ? 126 ILE A CD1 1 
ATOM   829  N N   . THR A 1 110 ? -1.484  7.788   14.279  1.00 15.80 ? 127 THR A N   1 
ATOM   830  C CA  . THR A 1 110 ? -1.916  9.170   14.143  1.00 12.31 ? 127 THR A CA  1 
ATOM   831  C C   . THR A 1 110 ? -2.432  9.459   12.733  1.00 10.57 ? 127 THR A C   1 
ATOM   832  O O   . THR A 1 110 ? -3.258  10.347  12.526  1.00 12.66 ? 127 THR A O   1 
ATOM   833  C CB  . THR A 1 110 ? -0.755  10.104  14.524  1.00 11.42 ? 127 THR A CB  1 
ATOM   834  O OG1 . THR A 1 110 ? -0.351  9.778   15.858  1.00 13.97 ? 127 THR A OG1 1 
ATOM   835  C CG2 . THR A 1 110 ? -1.158  11.590  14.483  1.00 11.47 ? 127 THR A CG2 1 
ATOM   836  N N   . MET A 1 111 ? -1.967  8.667   11.774  1.00 11.88 ? 128 MET A N   1 
ATOM   837  C CA  . MET A 1 111 ? -2.426  8.801   10.396  1.00 12.36 ? 128 MET A CA  1 
ATOM   838  C C   . MET A 1 111 ? -3.856  8.289   10.207  1.00 14.05 ? 128 MET A C   1 
ATOM   839  O O   . MET A 1 111 ? -4.526  8.679   9.239   1.00 13.88 ? 128 MET A O   1 
ATOM   840  C CB  . MET A 1 111 ? -1.478  8.047   9.461   1.00 12.19 ? 128 MET A CB  1 
ATOM   841  C CG  . MET A 1 111 ? -1.800  8.203   7.975   1.00 12.06 ? 128 MET A CG  1 
ATOM   842  S SD  . MET A 1 111 ? -0.531  7.347   7.032   1.00 11.97 ? 128 MET A SD  1 
ATOM   843  C CE  . MET A 1 111 ? -1.295  7.324   5.403   1.00 12.97 ? 128 MET A CE  1 
ATOM   844  N N   . ASP A 1 112 ? -4.353  7.462   11.128  1.00 13.08 ? 129 ASP A N   1 
ATOM   845  C CA  . ASP A 1 112 ? -5.671  6.912   10.886  1.00 13.18 ? 129 ASP A CA  1 
ATOM   846  C C   . ASP A 1 112 ? -6.640  7.882   11.555  1.00 14.36 ? 129 ASP A C   1 
ATOM   847  O O   . ASP A 1 112 ? -7.032  7.710   12.716  1.00 18.51 ? 129 ASP A O   1 
ATOM   848  C CB  . ASP A 1 112 ? -5.716  5.509   11.528  1.00 14.41 ? 129 ASP A CB  1 
ATOM   849  C CG  . ASP A 1 112 ? -6.979  4.743   11.223  1.00 19.01 ? 129 ASP A CG  1 
ATOM   850  O OD1 . ASP A 1 112 ? -7.885  5.324   10.609  1.00 18.29 ? 129 ASP A OD1 1 
ATOM   851  O OD2 . ASP A 1 112 ? -7.056  3.554   11.616  1.00 19.70 ? 129 ASP A OD2 1 
ATOM   852  N N   . THR A 1 113 ? -7.115  8.821   10.734  1.00 11.38 ? 130 THR A N   1 
ATOM   853  C CA  . THR A 1 113 ? -8.019  9.908   11.144  1.00 12.98 ? 130 THR A CA  1 
ATOM   854  C C   . THR A 1 113 ? -9.480  9.607   10.837  1.00 14.87 ? 130 THR A C   1 
ATOM   855  O O   . THR A 1 113 ? -9.766  8.852   9.920   1.00 13.28 ? 130 THR A O   1 
ATOM   856  C CB  . THR A 1 113 ? -7.644  11.234  10.473  1.00 14.14 ? 130 THR A CB  1 
ATOM   857  O OG1 . THR A 1 113 ? -7.846  11.109  9.065   1.00 13.98 ? 130 THR A OG1 1 
ATOM   858  C CG2 . THR A 1 113 ? -6.194  11.597  10.737  1.00 13.13 ? 130 THR A CG2 1 
ATOM   859  N N   . PRO A 1 114 ? -10.413 10.255  11.545  1.00 15.12 ? 131 PRO A N   1 
ATOM   860  C CA  . PRO A 1 114 ? -11.820 10.073  11.159  1.00 16.37 ? 131 PRO A CA  1 
ATOM   861  C C   . PRO A 1 114 ? -12.114 10.640  9.771   1.00 17.55 ? 131 PRO A C   1 
ATOM   862  O O   . PRO A 1 114 ? -12.968 10.115  9.063   1.00 17.75 ? 131 PRO A O   1 
ATOM   863  C CB  . PRO A 1 114 ? -12.594 10.848  12.238  1.00 21.67 ? 131 PRO A CB  1 
ATOM   864  C CG  . PRO A 1 114 ? -11.655 10.974  13.383  1.00 26.37 ? 131 PRO A CG  1 
ATOM   865  C CD  . PRO A 1 114 ? -10.257 10.970  12.825  1.00 17.15 ? 131 PRO A CD  1 
ATOM   866  N N   . GLU A 1 115 ? -11.407 11.697  9.383   1.00 14.69 ? 132 GLU A N   1 
ATOM   867  C CA  . GLU A 1 115 ? -11.623 12.295  8.075   1.00 13.59 ? 132 GLU A CA  1 
ATOM   868  C C   . GLU A 1 115 ? -11.176 11.365  6.952   1.00 17.11 ? 132 GLU A C   1 
ATOM   869  O O   . GLU A 1 115 ? -11.797 11.324  5.891   1.00 20.10 ? 132 GLU A O   1 
ATOM   870  C CB  . GLU A 1 115 ? -10.885 13.630  7.960   1.00 19.77 ? 132 GLU A CB  1 
ATOM   871  C CG  . GLU A 1 115 ? -11.386 14.705  8.921   1.00 30.96 ? 132 GLU A CG  1 
ATOM   872  C CD  . GLU A 1 115 ? -10.786 14.603  10.320  1.00 28.13 ? 132 GLU A CD  1 
ATOM   873  O OE1 . GLU A 1 115 ? -9.847  13.803  10.536  1.00 22.33 ? 132 GLU A OE1 1 
ATOM   874  O OE2 . GLU A 1 115 ? -11.252 15.348  11.213  1.00 33.10 ? 132 GLU A OE2 1 
ATOM   875  N N   . GLU A 1 116 ? -10.059 10.672  7.152   1.00 12.35 ? 133 GLU A N   1 
ATOM   876  C CA  . GLU A 1 116 ? -9.564  9.778   6.106   1.00 11.78 ? 133 GLU A CA  1 
ATOM   877  C C   . GLU A 1 116 ? -9.953  8.311   6.220   1.00 12.90 ? 133 GLU A C   1 
ATOM   878  O O   . GLU A 1 116 ? -9.788  7.554   5.263   1.00 13.13 ? 133 GLU A O   1 
ATOM   879  C CB  . GLU A 1 116 ? -8.043  9.886   6.056   1.00 11.62 ? 133 GLU A CB  1 
ATOM   880  C CG  . GLU A 1 116 ? -7.577  11.247  5.601   1.00 12.33 ? 133 GLU A CG  1 
ATOM   881  C CD  . GLU A 1 116 ? -6.214  11.595  6.138   1.00 13.76 ? 133 GLU A CD  1 
ATOM   882  O OE1 . GLU A 1 116 ? -6.086  11.742  7.374   1.00 17.16 ? 133 GLU A OE1 1 
ATOM   883  O OE2 . GLU A 1 116 ? -5.272  11.728  5.330   1.00 13.35 ? 133 GLU A OE2 1 
ATOM   884  N N   . ASP A 1 117 ? -10.478 7.909   7.376   1.00 12.11 ? 134 ASP A N   1 
ATOM   885  C CA  . ASP A 1 117 ? -10.917 6.537   7.543   1.00 12.87 ? 134 ASP A CA  1 
ATOM   886  C C   . ASP A 1 117 ? -12.413 6.618   7.725   1.00 17.77 ? 134 ASP A C   1 
ATOM   887  O O   . ASP A 1 117 ? -12.908 6.815   8.840   1.00 19.88 ? 134 ASP A O   1 
ATOM   888  C CB  . ASP A 1 117 ? -10.200 5.927   8.760   1.00 14.73 ? 134 ASP A CB  1 
ATOM   889  C CG  . ASP A 1 117 ? -10.555 4.467   9.031   1.00 19.78 ? 134 ASP A CG  1 
ATOM   890  O OD1 . ASP A 1 117 ? -11.489 3.909   8.422   1.00 17.32 ? 134 ASP A OD1 1 
ATOM   891  O OD2 . ASP A 1 117 ? -9.889  3.880   9.910   1.00 17.31 ? 134 ASP A OD2 1 
ATOM   892  N N   . LYS A 1 118 ? -13.121 6.307   6.649   1.00 17.40 ? 135 LYS A N   1 
ATOM   893  C CA  . LYS A 1 118 ? -14.540 6.602   6.532   1.00 19.45 ? 135 LYS A CA  1 
ATOM   894  C C   . LYS A 1 118 ? -15.332 5.316   6.547   1.00 14.13 ? 135 LYS A C   1 
ATOM   895  O O   . LYS A 1 118 ? -14.843 4.278   6.111   1.00 17.21 ? 135 LYS A O   1 
ATOM   896  C CB  . LYS A 1 118 ? -14.837 7.379   5.244   1.00 24.28 ? 135 LYS A CB  1 
ATOM   897  C CG  . LYS A 1 118 ? -14.410 8.832   5.298   1.00 28.15 ? 135 LYS A CG  1 
ATOM   898  C CD  . LYS A 1 118 ? -14.933 9.497   6.560   1.00 36.08 ? 135 LYS A CD  1 
ATOM   899  C CE  . LYS A 1 118 ? -15.730 10.751  6.239   1.00 41.67 ? 135 LYS A CE  1 
ATOM   900  N NZ  . LYS A 1 118 ? -16.920 10.441  5.391   1.00 53.46 ? 135 LYS A NZ  1 
ATOM   901  N N   . SER A 1 119 ? -16.566 5.393   7.038   1.00 18.50 ? 136 SER A N   1 
ATOM   902  C CA  . SER A 1 119 ? -17.388 4.209   7.239   1.00 16.70 ? 136 SER A CA  1 
ATOM   903  C C   . SER A 1 119 ? -18.157 3.686   6.016   1.00 18.71 ? 136 SER A C   1 
ATOM   904  O O   . SER A 1 119 ? -18.810 2.651   6.131   1.00 25.80 ? 136 SER A O   1 
ATOM   905  C CB  . SER A 1 119 ? -18.403 4.479   8.363   1.00 19.93 ? 136 SER A CB  1 
ATOM   906  O OG  . SER A 1 119 ? -19.358 5.447   7.959   1.00 22.52 ? 136 SER A OG  1 
ATOM   907  N N   . ASP A 1 120 ? -18.076 4.356   4.865   1.00 17.68 ? 137 ASP A N   1 
ATOM   908  C CA  . ASP A 1 120 ? -18.951 4.005   3.734   1.00 17.04 ? 137 ASP A CA  1 
ATOM   909  C C   . ASP A 1 120 ? -18.771 2.541   3.350   1.00 17.95 ? 137 ASP A C   1 
ATOM   910  O O   . ASP A 1 120 ? -17.704 2.131   2.893   1.00 16.63 ? 137 ASP A O   1 
ATOM   911  C CB  . ASP A 1 120 ? -18.633 4.922   2.544   1.00 16.61 ? 137 ASP A CB  1 
ATOM   912  C CG  . ASP A 1 120 ? -19.568 4.709   1.338   1.00 21.03 ? 137 ASP A CG  1 
ATOM   913  O OD1 . ASP A 1 120 ? -20.227 3.658   1.222   1.00 20.77 ? 137 ASP A OD1 1 
ATOM   914  O OD2 . ASP A 1 120 ? -19.628 5.618   0.486   1.00 20.29 ? 137 ASP A OD2 1 
ATOM   915  N N   . ALA A 1 121 ? -19.859 1.782   3.429   1.00 15.33 ? 138 ALA A N   1 
ATOM   916  C CA  . ALA A 1 121 ? -19.777 0.332   3.270   1.00 18.24 ? 138 ALA A CA  1 
ATOM   917  C C   . ALA A 1 121 ? -19.615 -0.052  1.805   1.00 13.46 ? 138 ALA A C   1 
ATOM   918  O O   . ALA A 1 121 ? -19.102 -1.130  1.499   1.00 15.00 ? 138 ALA A O   1 
ATOM   919  C CB  . ALA A 1 121 ? -21.006 -0.346  3.856   1.00 22.19 ? 138 ALA A CB  1 
ATOM   920  N N   . ASP A 1 122 ? -20.045 0.827   0.906   1.00 11.36 ? 139 ASP A N   1 
ATOM   921  C CA  . ASP A 1 122 ? -19.901 0.544   -0.521  1.00 12.68 ? 139 ASP A CA  1 
ATOM   922  C C   . ASP A 1 122 ? -18.426 0.483   -0.881  1.00 13.69 ? 139 ASP A C   1 
ATOM   923  O O   . ASP A 1 122 ? -18.029 -0.293  -1.735  1.00 13.58 ? 139 ASP A O   1 
ATOM   924  C CB  . ASP A 1 122 ? -20.588 1.598   -1.382  1.00 13.83 ? 139 ASP A CB  1 
ATOM   925  C CG  . ASP A 1 122 ? -22.090 1.436   -1.417  1.00 19.07 ? 139 ASP A CG  1 
ATOM   926  O OD1 . ASP A 1 122 ? -22.584 0.300   -1.240  1.00 22.05 ? 139 ASP A OD1 1 
ATOM   927  O OD2 . ASP A 1 122 ? -22.769 2.452   -1.639  1.00 18.74 ? 139 ASP A OD2 1 
ATOM   928  N N   . TYR A 1 123 ? -17.614 1.332   -0.260  1.00 11.97 ? 140 TYR A N   1 
ATOM   929  C CA  . TYR A 1 123 ? -16.180 1.248   -0.513  1.00 11.62 ? 140 TYR A CA  1 
ATOM   930  C C   . TYR A 1 123 ? -15.525 0.121   0.279   1.00 15.89 ? 140 TYR A C   1 
ATOM   931  O O   . TYR A 1 123 ? -14.857 -0.731  -0.297  1.00 15.30 ? 140 TYR A O   1 
ATOM   932  C CB  . TYR A 1 123 ? -15.512 2.605   -0.234  1.00 14.45 ? 140 TYR A CB  1 
ATOM   933  C CG  . TYR A 1 123 ? -15.755 3.581   -1.355  1.00 13.45 ? 140 TYR A CG  1 
ATOM   934  C CD1 . TYR A 1 123 ? -16.913 4.353   -1.402  1.00 16.79 ? 140 TYR A CD1 1 
ATOM   935  C CD2 . TYR A 1 123 ? -14.845 3.706   -2.397  1.00 13.06 ? 140 TYR A CD2 1 
ATOM   936  C CE1 . TYR A 1 123 ? -17.145 5.223   -2.448  1.00 16.28 ? 140 TYR A CE1 1 
ATOM   937  C CE2 . TYR A 1 123 ? -15.073 4.575   -3.453  1.00 12.37 ? 140 TYR A CE2 1 
ATOM   938  C CZ  . TYR A 1 123 ? -16.217 5.333   -3.469  1.00 19.99 ? 140 TYR A CZ  1 
ATOM   939  O OH  . TYR A 1 123 ? -16.426 6.188   -4.524  1.00 20.68 ? 140 TYR A OH  1 
ATOM   940  N N   . LEU A 1 124 ? -15.796 0.052   1.581   1.00 12.22 ? 141 LEU A N   1 
ATOM   941  C CA  . LEU A 1 124 ? -15.134 -0.927  2.434   1.00 14.00 ? 141 LEU A CA  1 
ATOM   942  C C   . LEU A 1 124 ? -15.321 -2.358  1.956   1.00 14.22 ? 141 LEU A C   1 
ATOM   943  O O   . LEU A 1 124 ? -14.363 -3.132  1.858   1.00 16.74 ? 141 LEU A O   1 
ATOM   944  C CB  . LEU A 1 124 ? -15.642 -0.802  3.869   1.00 14.83 ? 141 LEU A CB  1 
ATOM   945  C CG  . LEU A 1 124 ? -15.091 0.410   4.611   1.00 17.00 ? 141 LEU A CG  1 
ATOM   946  C CD1 . LEU A 1 124 ? -15.964 0.729   5.809   1.00 22.67 ? 141 LEU A CD1 1 
ATOM   947  C CD2 . LEU A 1 124 ? -13.654 0.113   5.039   1.00 18.13 ? 141 LEU A CD2 1 
ATOM   948  N N   . GLN A 1 125 ? -16.555 -2.712  1.627   1.00 13.09 ? 142 GLN A N   1 
ATOM   949  C CA  . GLN A 1 125 ? -16.833 -4.107  1.347   1.00 15.06 ? 142 GLN A CA  1 
ATOM   950  C C   . GLN A 1 125 ? -16.514 -4.483  -0.099  1.00 13.11 ? 142 GLN A C   1 
ATOM   951  O O   . GLN A 1 125 ? -16.525 -5.658  -0.447  1.00 15.54 ? 142 GLN A O   1 
ATOM   952  C CB  . GLN A 1 125 ? -18.284 -4.413  1.709   1.00 18.43 ? 142 GLN A CB  1 
ATOM   953  C CG  . GLN A 1 125 ? -18.563 -4.065  3.180   1.00 21.53 ? 142 GLN A CG  1 
ATOM   954  C CD  . GLN A 1 125 ? -19.854 -4.637  3.708   1.00 26.68 ? 142 GLN A CD  1 
ATOM   955  O OE1 . GLN A 1 125 ? -20.371 -5.607  3.169   1.00 26.55 ? 142 GLN A OE1 1 
ATOM   956  N NE2 . GLN A 1 125 ? -20.381 -4.042  4.777   1.00 29.12 ? 142 GLN A NE2 1 
ATOM   957  N N   . ASN A 1 126 ? -16.263 -3.488  -0.946  1.00 11.39 ? 143 ASN A N   1 
ATOM   958  C CA  . ASN A 1 126 ? -15.857 -3.771  -2.322  1.00 12.73 ? 143 ASN A CA  1 
ATOM   959  C C   . ASN A 1 126 ? -14.365 -3.661  -2.655  1.00 11.60 ? 143 ASN A C   1 
ATOM   960  O O   . ASN A 1 126 ? -14.000 -3.837  -3.819  1.00 11.81 ? 143 ASN A O   1 
ATOM   961  C CB  . ASN A 1 126 ? -16.676 -2.906  -3.276  1.00 12.34 ? 143 ASN A CB  1 
ATOM   962  C CG  . ASN A 1 126 ? -18.101 -3.408  -3.394  1.00 12.69 ? 143 ASN A CG  1 
ATOM   963  O OD1 . ASN A 1 126 ? -18.322 -4.575  -3.725  1.00 12.83 ? 143 ASN A OD1 1 
ATOM   964  N ND2 . ASN A 1 126 ? -19.066 -2.563  -3.060  1.00 11.67 ? 143 ASN A ND2 1 
ATOM   965  N N   . ILE A 1 127 ? -13.525 -3.355  -1.659  1.00 10.88 ? 144 ILE A N   1 
ATOM   966  C CA  . ILE A 1 127 ? -12.071 -3.409  -1.839  1.00 11.51 ? 144 ILE A CA  1 
ATOM   967  C C   . ILE A 1 127 ? -11.620 -4.859  -1.800  1.00 12.68 ? 144 ILE A C   1 
ATOM   968  O O   . ILE A 1 127 ? -12.006 -5.612  -0.899  1.00 13.01 ? 144 ILE A O   1 
ATOM   969  C CB  . ILE A 1 127 ? -11.326 -2.596  -0.751  1.00 11.11 ? 144 ILE A CB  1 
ATOM   970  C CG1 . ILE A 1 127 ? -11.772 -1.134  -0.774  1.00 15.14 ? 144 ILE A CG1 1 
ATOM   971  C CG2 . ILE A 1 127 ? -9.825  -2.718  -0.945  1.00 10.36 ? 144 ILE A CG2 1 
ATOM   972  C CD1 . ILE A 1 127 ? -11.704 -0.486  -2.119  1.00 19.50 ? 144 ILE A CD1 1 
ATOM   973  N N   . THR A 1 128 ? -10.963 -5.299  -2.863  1.00 11.54 ? 145 THR A N   1 
ATOM   974  C CA  . THR A 1 128 ? -10.426 -6.657  -2.944  1.00 12.82 ? 145 THR A CA  1 
ATOM   975  C C   . THR A 1 128 ? -8.912  -6.810  -2.768  1.00 15.65 ? 145 THR A C   1 
ATOM   976  O O   . THR A 1 128 ? -8.388  -7.922  -2.900  1.00 18.01 ? 145 THR A O   1 
ATOM   977  C CB  . THR A 1 128 ? -10.817 -7.291  -4.258  1.00 13.73 ? 145 THR A CB  1 
ATOM   978  O OG1 . THR A 1 128 ? -10.184 -6.572  -5.316  1.00 16.63 ? 145 THR A OG1 1 
ATOM   979  C CG2 . THR A 1 128 ? -12.355 -7.249  -4.411  1.00 15.17 ? 145 THR A CG2 1 
ATOM   980  N N   . ILE A 1 129 ? -8.208  -5.701  -2.573  1.00 11.44 ? 146 ILE A N   1 
ATOM   981  C CA  . ILE A 1 129 ? -6.745  -5.735  -2.517  1.00 13.13 ? 146 ILE A CA  1 
ATOM   982  C C   . ILE A 1 129 ? -6.240  -5.320  -1.145  1.00 12.62 ? 146 ILE A C   1 
ATOM   983  O O   . ILE A 1 129 ? -6.859  -4.499  -0.469  1.00 11.22 ? 146 ILE A O   1 
ATOM   984  C CB  . ILE A 1 129 ? -6.092  -4.811  -3.581  1.00 12.85 ? 146 ILE A CB  1 
ATOM   985  C CG1 . ILE A 1 129 ? -6.520  -3.350  -3.401  1.00 13.05 ? 146 ILE A CG1 1 
ATOM   986  C CG2 . ILE A 1 129 ? -6.405  -5.289  -4.995  1.00 13.94 ? 146 ILE A CG2 1 
ATOM   987  C CD1 . ILE A 1 129 ? -5.814  -2.395  -4.375  1.00 14.60 ? 146 ILE A CD1 1 
ATOM   988  N N   . PRO A 1 130 ? -5.114  -5.911  -0.717  1.00 11.77 ? 147 PRO A N   1 
ATOM   989  C CA  . PRO A 1 130 ? -4.538  -5.479  0.555   1.00 12.76 ? 147 PRO A CA  1 
ATOM   990  C C   . PRO A 1 130 ? -4.206  -3.989  0.526   1.00 12.30 ? 147 PRO A C   1 
ATOM   991  O O   . PRO A 1 130 ? -3.657  -3.486  -0.463  1.00 11.90 ? 147 PRO A O   1 
ATOM   992  C CB  . PRO A 1 130 ? -3.270  -6.325  0.680   1.00 17.22 ? 147 PRO A CB  1 
ATOM   993  C CG  . PRO A 1 130 ? -3.548  -7.556  -0.148  1.00 14.94 ? 147 PRO A CG  1 
ATOM   994  C CD  . PRO A 1 130 ? -4.387  -7.053  -1.302  1.00 13.40 ? 147 PRO A CD  1 
ATOM   995  N N   . SER A 1 131 ? -4.553  -3.300  1.603   1.00 11.79 ? 148 SER A N   1 
ATOM   996  C CA  . SER A 1 131 ? -4.341  -1.867  1.696   1.00 10.44 ? 148 SER A CA  1 
ATOM   997  C C   . SER A 1 131 ? -3.667  -1.550  3.020   1.00 18.07 ? 148 SER A C   1 
ATOM   998  O O   . SER A 1 131 ? -4.166  -1.923  4.081   1.00 21.49 ? 148 SER A O   1 
ATOM   999  C CB  . SER A 1 131 ? -5.677  -1.117  1.566   1.00 14.23 ? 148 SER A CB  1 
ATOM   1000 O OG  . SER A 1 131 ? -6.397  -1.565  0.410   1.00 16.79 ? 148 SER A OG  1 
ATOM   1001 N N   . ALA A 1 132 ? -2.530  -0.865  2.966   1.00 11.21 ? 149 ALA A N   1 
ATOM   1002 C CA  . ALA A 1 132 ? -1.764  -0.618  4.181   1.00 10.12 ? 149 ALA A CA  1 
ATOM   1003 C C   . ALA A 1 132 ? -1.251  0.808   4.230   1.00 11.72 ? 149 ALA A C   1 
ATOM   1004 O O   . ALA A 1 132 ? -0.811  1.336   3.215   1.00 14.93 ? 149 ALA A O   1 
ATOM   1005 C CB  . ALA A 1 132 ? -0.600  -1.587  4.267   1.00 12.11 ? 149 ALA A CB  1 
ATOM   1006 N N   . LEU A 1 133 ? -1.306  1.415   5.417   1.00 10.93 ? 150 LEU A N   1 
ATOM   1007 C CA  . LEU A 1 133 ? -0.650  2.695   5.674   1.00 12.21 ? 150 LEU A CA  1 
ATOM   1008 C C   . LEU A 1 133 ? 0.810   2.436   6.030   1.00 9.53  ? 150 LEU A C   1 
ATOM   1009 O O   . LEU A 1 133 ? 1.106   1.498   6.774   1.00 10.79 ? 150 LEU A O   1 
ATOM   1010 C CB  . LEU A 1 133 ? -1.332  3.453   6.826   1.00 10.20 ? 150 LEU A CB  1 
ATOM   1011 C CG  . LEU A 1 133 ? -2.861  3.494   6.825   1.00 10.82 ? 150 LEU A CG  1 
ATOM   1012 C CD1 . LEU A 1 133 ? -3.372  4.401   7.941   1.00 11.64 ? 150 LEU A CD1 1 
ATOM   1013 C CD2 . LEU A 1 133 ? -3.357  3.974   5.469   1.00 12.14 ? 150 LEU A CD2 1 
ATOM   1014 N N   . ILE A 1 134 ? 1.718   3.239   5.485   1.00 10.37 ? 151 ILE A N   1 
ATOM   1015 C CA  . ILE A 1 134 ? 3.133   3.119   5.849   1.00 10.85 ? 151 ILE A CA  1 
ATOM   1016 C C   . ILE A 1 134 ? 3.683   4.481   6.234   1.00 10.68 ? 151 ILE A C   1 
ATOM   1017 O O   . ILE A 1 134 ? 3.060   5.512   5.974   1.00 10.64 ? 151 ILE A O   1 
ATOM   1018 C CB  . ILE A 1 134 ? 3.988   2.509   4.721   1.00 10.53 ? 151 ILE A CB  1 
ATOM   1019 C CG1 . ILE A 1 134 ? 3.989   3.405   3.478   1.00 10.68 ? 151 ILE A CG1 1 
ATOM   1020 C CG2 . ILE A 1 134 ? 3.490   1.084   4.383   1.00 12.18 ? 151 ILE A CG2 1 
ATOM   1021 C CD1 . ILE A 1 134 ? 4.973   2.913   2.390   1.00 10.93 ? 151 ILE A CD1 1 
ATOM   1022 N N   . THR A 1 135 ? 4.836   4.488   6.899   1.00 10.93 ? 152 THR A N   1 
ATOM   1023 C CA  . THR A 1 135 ? 5.421   5.748   7.360   1.00 10.79 ? 152 THR A CA  1 
ATOM   1024 C C   . THR A 1 135 ? 6.029   6.554   6.233   1.00 11.52 ? 152 THR A C   1 
ATOM   1025 O O   . THR A 1 135 ? 6.331   6.021   5.160   1.00 12.46 ? 152 THR A O   1 
ATOM   1026 C CB  . THR A 1 135 ? 6.521   5.514   8.390   1.00 11.75 ? 152 THR A CB  1 
ATOM   1027 O OG1 . THR A 1 135 ? 7.593   4.817   7.747   1.00 13.00 ? 152 THR A OG1 1 
ATOM   1028 C CG2 . THR A 1 135 ? 5.990   4.701   9.573   1.00 14.22 ? 152 THR A CG2 1 
ATOM   1029 N N   . LYS A 1 136 ? 6.198   7.852   6.481   1.00 10.35 ? 153 LYS A N   1 
ATOM   1030 C CA  . LYS A 1 136 ? 6.930   8.717   5.575   1.00 10.55 ? 153 LYS A CA  1 
ATOM   1031 C C   . LYS A 1 136 ? 8.347   8.183   5.354   1.00 13.73 ? 153 LYS A C   1 
ATOM   1032 O O   . LYS A 1 136 ? 8.843   8.216   4.233   1.00 14.47 ? 153 LYS A O   1 
ATOM   1033 C CB  . LYS A 1 136 ? 6.978   10.150  6.124   1.00 13.10 ? 153 LYS A CB  1 
ATOM   1034 C CG  . LYS A 1 136 ? 7.738   11.141  5.238   1.00 16.21 ? 153 LYS A CG  1 
ATOM   1035 C CD  . LYS A 1 136 ? 7.715   12.530  5.880   1.00 16.32 ? 153 LYS A CD  1 
ATOM   1036 C CE  . LYS A 1 136 ? 8.344   13.565  4.966   1.00 24.85 ? 153 LYS A CE  1 
ATOM   1037 N NZ  . LYS A 1 136 ? 9.724   13.193  4.556   1.00 27.01 ? 153 LYS A NZ  1 
ATOM   1038 N N   . THR A 1 137 ? 8.990   7.690   6.413   1.00 11.29 ? 154 THR A N   1 
ATOM   1039 C CA  . THR A 1 137 ? 10.365  7.205   6.294   1.00 14.89 ? 154 THR A CA  1 
ATOM   1040 C C   . THR A 1 137 ? 10.465  6.047   5.301   1.00 14.16 ? 154 THR A C   1 
ATOM   1041 O O   . THR A 1 137 ? 11.349  6.030   4.441   1.00 13.59 ? 154 THR A O   1 
ATOM   1042 C CB  . THR A 1 137 ? 10.928  6.752   7.658   1.00 16.55 ? 154 THR A CB  1 
ATOM   1043 O OG1 . THR A 1 137 ? 10.797  7.826   8.601   1.00 24.48 ? 154 THR A OG1 1 
ATOM   1044 C CG2 . THR A 1 137 ? 12.394  6.399   7.517   1.00 23.35 ? 154 THR A CG2 1 
ATOM   1045 N N   . LEU A 1 138 ? 9.547   5.091   5.406   1.00 12.90 ? 155 LEU A N   1 
ATOM   1046 C CA  . LEU A 1 138 ? 9.545   3.975   4.460   1.00 12.07 ? 155 LEU A CA  1 
ATOM   1047 C C   . LEU A 1 138 ? 9.175   4.443   3.059   1.00 13.34 ? 155 LEU A C   1 
ATOM   1048 O O   . LEU A 1 138 ? 9.801   4.046   2.084   1.00 12.91 ? 155 LEU A O   1 
ATOM   1049 C CB  . LEU A 1 138 ? 8.594   2.870   4.920   1.00 12.68 ? 155 LEU A CB  1 
ATOM   1050 C CG  . LEU A 1 138 ? 8.573   1.671   3.964   1.00 13.42 ? 155 LEU A CG  1 
ATOM   1051 C CD1 . LEU A 1 138 ? 9.989   1.083   3.773   1.00 14.48 ? 155 LEU A CD1 1 
ATOM   1052 C CD2 . LEU A 1 138 ? 7.588   0.594   4.436   1.00 14.03 ? 155 LEU A CD2 1 
ATOM   1053 N N   . GLY A 1 139 ? 8.150   5.290   2.953   1.00 10.65 ? 156 GLY A N   1 
ATOM   1054 C CA  . GLY A 1 139 ? 7.758   5.841   1.663   1.00 11.66 ? 156 GLY A CA  1 
ATOM   1055 C C   . GLY A 1 139 ? 8.918   6.511   0.941   1.00 11.48 ? 156 GLY A C   1 
ATOM   1056 O O   . GLY A 1 139 ? 9.150   6.258   -0.242  1.00 12.11 ? 156 GLY A O   1 
ATOM   1057 N N   . ASP A 1 140 ? 9.659   7.343   1.668   1.00 10.79 ? 157 ASP A N   1 
ATOM   1058 C CA  . ASP A 1 140 ? 10.794  8.055   1.096   1.00 13.49 ? 157 ASP A CA  1 
ATOM   1059 C C   . ASP A 1 140 ? 11.914  7.090   0.703   1.00 12.81 ? 157 ASP A C   1 
ATOM   1060 O O   . ASP A 1 140 ? 12.542  7.259   -0.341  1.00 12.92 ? 157 ASP A O   1 
ATOM   1061 C CB  . ASP A 1 140 ? 11.323  9.099   2.084   1.00 13.27 ? 157 ASP A CB  1 
ATOM   1062 C CG  . ASP A 1 140 ? 10.366  10.280  2.259   1.00 16.65 ? 157 ASP A CG  1 
ATOM   1063 O OD1 . ASP A 1 140 ? 9.411   10.407  1.477   1.00 17.56 ? 157 ASP A OD1 1 
ATOM   1064 O OD2 . ASP A 1 140 ? 10.581  11.086  3.184   1.00 21.82 ? 157 ASP A OD2 1 
ATOM   1065 N N   . SER A 1 141 ? 12.152  6.083   1.539   1.00 14.09 ? 158 SER A N   1 
ATOM   1066 C CA  . SER A 1 141 ? 13.167  5.070   1.230   1.00 14.89 ? 158 SER A CA  1 
ATOM   1067 C C   . SER A 1 141 ? 12.819  4.305   -0.051  1.00 14.43 ? 158 SER A C   1 
ATOM   1068 O O   . SER A 1 141 ? 13.679  4.057   -0.907  1.00 13.71 ? 158 SER A O   1 
ATOM   1069 C CB  . SER A 1 141 ? 13.334  4.098   2.402   1.00 15.32 ? 158 SER A CB  1 
ATOM   1070 O OG  . SER A 1 141 ? 13.999  4.722   3.490   1.00 21.27 ? 158 SER A OG  1 
ATOM   1071 N N   . ILE A 1 142 ? 11.555  3.939   -0.192  1.00 12.47 ? 159 ILE A N   1 
ATOM   1072 C CA  . ILE A 1 142 ? 11.121  3.262   -1.400  1.00 10.76 ? 159 ILE A CA  1 
ATOM   1073 C C   . ILE A 1 142 ? 11.275  4.161   -2.634  1.00 12.03 ? 159 ILE A C   1 
ATOM   1074 O O   . ILE A 1 142 ? 11.780  3.727   -3.674  1.00 13.64 ? 159 ILE A O   1 
ATOM   1075 C CB  . ILE A 1 142 ? 9.661   2.772   -1.264  1.00 11.50 ? 159 ILE A CB  1 
ATOM   1076 C CG1 . ILE A 1 142 ? 9.590   1.687   -0.174  1.00 13.25 ? 159 ILE A CG1 1 
ATOM   1077 C CG2 . ILE A 1 142 ? 9.138   2.257   -2.619  1.00 12.09 ? 159 ILE A CG2 1 
ATOM   1078 C CD1 . ILE A 1 142 ? 8.186   1.270   0.219   1.00 14.92 ? 159 ILE A CD1 1 
ATOM   1079 N N   . LYS A 1 143 ? 10.834  5.412   -2.528  1.00 12.25 ? 160 LYS A N   1 
ATOM   1080 C CA  . LYS A 1 143 ? 10.975  6.348   -3.632  1.00 12.51 ? 160 LYS A CA  1 
ATOM   1081 C C   . LYS A 1 143 ? 12.425  6.535   -4.045  1.00 11.92 ? 160 LYS A C   1 
ATOM   1082 O O   . LYS A 1 143 ? 12.729  6.599   -5.234  1.00 16.27 ? 160 LYS A O   1 
ATOM   1083 C CB  . LYS A 1 143 ? 10.372  7.695   -3.262  1.00 12.37 ? 160 LYS A CB  1 
ATOM   1084 C CG  . LYS A 1 143 ? 8.865   7.657   -3.165  1.00 12.32 ? 160 LYS A CG  1 
ATOM   1085 C CD  . LYS A 1 143 ? 8.324   8.945   -2.562  1.00 13.07 ? 160 LYS A CD  1 
ATOM   1086 C CE  . LYS A 1 143 ? 6.820   8.846   -2.325  1.00 15.51 ? 160 LYS A CE  1 
ATOM   1087 N NZ  . LYS A 1 143 ? 6.310   10.111  -1.725  1.00 15.90 ? 160 LYS A NZ  1 
ATOM   1088 N N   . SER A 1 144 ? 13.302  6.648   -3.060  1.00 13.17 ? 161 SER A N   1 
ATOM   1089 C CA  A SER A 1 144 ? 14.725  6.810   -3.340  0.60 16.26 ? 161 SER A CA  1 
ATOM   1090 C CA  B SER A 1 144 ? 14.732  6.801   -3.316  0.40 16.26 ? 161 SER A CA  1 
ATOM   1091 C C   . SER A 1 144 ? 15.297  5.608   -4.082  1.00 17.18 ? 161 SER A C   1 
ATOM   1092 O O   . SER A 1 144 ? 16.032  5.766   -5.060  1.00 16.87 ? 161 SER A O   1 
ATOM   1093 C CB  A SER A 1 144 ? 15.498  7.047   -2.046  0.60 15.36 ? 161 SER A CB  1 
ATOM   1094 C CB  B SER A 1 144 ? 15.492  6.976   -2.001  0.40 15.33 ? 161 SER A CB  1 
ATOM   1095 O OG  A SER A 1 144 ? 15.234  8.351   -1.567  0.60 19.47 ? 161 SER A OG  1 
ATOM   1096 O OG  B SER A 1 144 ? 16.872  7.175   -2.245  0.40 18.92 ? 161 SER A OG  1 
ATOM   1097 N N   . ALA A 1 145 ? 14.956  4.409   -3.630  1.00 15.17 ? 162 ALA A N   1 
ATOM   1098 C CA  . ALA A 1 145 ? 15.431  3.204   -4.299  1.00 17.82 ? 162 ALA A CA  1 
ATOM   1099 C C   . ALA A 1 145 ? 14.932  3.156   -5.746  1.00 20.11 ? 162 ALA A C   1 
ATOM   1100 O O   . ALA A 1 145 ? 15.695  2.863   -6.673  1.00 18.14 ? 162 ALA A O   1 
ATOM   1101 C CB  . ALA A 1 145 ? 14.986  1.982   -3.539  1.00 14.05 ? 162 ALA A CB  1 
ATOM   1102 N N   . LEU A 1 146 ? 13.653  3.460   -5.940  1.00 15.26 ? 163 LEU A N   1 
ATOM   1103 C CA  . LEU A 1 146 ? 13.064  3.434   -7.272  1.00 14.64 ? 163 LEU A CA  1 
ATOM   1104 C C   . LEU A 1 146 ? 13.697  4.452   -8.214  1.00 17.87 ? 163 LEU A C   1 
ATOM   1105 O O   . LEU A 1 146 ? 13.920  4.160   -9.388  1.00 17.38 ? 163 LEU A O   1 
ATOM   1106 C CB  . LEU A 1 146 ? 11.553  3.683   -7.194  1.00 12.14 ? 163 LEU A CB  1 
ATOM   1107 C CG  . LEU A 1 146 ? 10.739  2.566   -6.535  1.00 12.04 ? 163 LEU A CG  1 
ATOM   1108 C CD1 . LEU A 1 146 ? 9.272   3.021   -6.330  1.00 12.94 ? 163 LEU A CD1 1 
ATOM   1109 C CD2 . LEU A 1 146 ? 10.795  1.291   -7.370  1.00 13.77 ? 163 LEU A CD2 1 
ATOM   1110 N N   . SER A 1 147 ? 13.980  5.643   -7.700  1.00 17.12 ? 164 SER A N   1 
ATOM   1111 C CA  . SER A 1 147 ? 14.523  6.716   -8.525  1.00 17.80 ? 164 SER A CA  1 
ATOM   1112 C C   . SER A 1 147 ? 15.935  6.355   -8.985  1.00 20.36 ? 164 SER A C   1 
ATOM   1113 O O   . SER A 1 147 ? 16.397  6.808   -10.030 1.00 24.76 ? 164 SER A O   1 
ATOM   1114 C CB  . SER A 1 147 ? 14.536  8.028   -7.753  1.00 20.03 ? 164 SER A CB  1 
ATOM   1115 O OG  . SER A 1 147 ? 15.557  8.024   -6.774  1.00 26.56 ? 164 SER A OG  1 
ATOM   1116 N N   . GLY A 1 148 ? 16.599  5.525   -8.189  1.00 22.39 ? 165 GLY A N   1 
ATOM   1117 C CA  . GLY A 1 148 ? 17.945  5.076   -8.487  1.00 25.08 ? 165 GLY A CA  1 
ATOM   1118 C C   . GLY A 1 148 ? 17.993  3.934   -9.481  1.00 32.30 ? 165 GLY A C   1 
ATOM   1119 O O   . GLY A 1 148 ? 19.076  3.477   -9.845  1.00 33.62 ? 165 GLY A O   1 
ATOM   1120 N N   . GLY A 1 149 ? 16.822  3.461   -9.905  1.00 25.20 ? 166 GLY A N   1 
ATOM   1121 C CA  . GLY A 1 149 ? 16.731  2.464   -10.959 1.00 28.49 ? 166 GLY A CA  1 
ATOM   1122 C C   . GLY A 1 149 ? 16.463  1.045   -10.495 1.00 30.88 ? 166 GLY A C   1 
ATOM   1123 O O   . GLY A 1 149 ? 16.288  0.143   -11.312 1.00 36.38 ? 166 GLY A O   1 
ATOM   1124 N N   . ASP A 1 150 ? 16.426  0.838   -9.186  1.00 26.46 ? 167 ASP A N   1 
ATOM   1125 C CA  . ASP A 1 150 ? 16.192  -0.490  -8.631  1.00 26.70 ? 167 ASP A CA  1 
ATOM   1126 C C   . ASP A 1 150 ? 14.717  -0.867  -8.600  1.00 28.23 ? 167 ASP A C   1 
ATOM   1127 O O   . ASP A 1 150 ? 13.862  -0.016  -8.381  1.00 27.54 ? 167 ASP A O   1 
ATOM   1128 C CB  . ASP A 1 150 ? 16.750  -0.574  -7.212  1.00 23.56 ? 167 ASP A CB  1 
ATOM   1129 C CG  . ASP A 1 150 ? 18.262  -0.682  -7.183  1.00 33.20 ? 167 ASP A CG  1 
ATOM   1130 O OD1 . ASP A 1 150 ? 18.824  -1.407  -8.031  1.00 41.99 ? 167 ASP A OD1 1 
ATOM   1131 O OD2 . ASP A 1 150 ? 18.885  -0.046  -6.311  1.00 37.34 ? 167 ASP A OD2 1 
ATOM   1132 N N   . MET A 1 151 ? 14.425  -2.149  -8.801  1.00 25.57 ? 168 MET A N   1 
ATOM   1133 C CA  . MET A 1 151 ? 13.106  -2.675  -8.482  1.00 21.01 ? 168 MET A CA  1 
ATOM   1134 C C   . MET A 1 151 ? 12.981  -2.806  -6.974  1.00 18.17 ? 168 MET A C   1 
ATOM   1135 O O   . MET A 1 151 ? 13.927  -3.211  -6.299  1.00 19.65 ? 168 MET A O   1 
ATOM   1136 C CB  . MET A 1 151 ? 12.868  -4.035  -9.138  1.00 23.83 ? 168 MET A CB  1 
ATOM   1137 C CG  . MET A 1 151 ? 12.251  -3.978  -10.513 1.00 33.54 ? 168 MET A CG  1 
ATOM   1138 S SD  . MET A 1 151 ? 12.267  -5.616  -11.260 1.00 45.68 ? 168 MET A SD  1 
ATOM   1139 C CE  . MET A 1 151 ? 11.775  -6.631  -9.871  1.00 34.91 ? 168 MET A CE  1 
ATOM   1140 N N   . VAL A 1 152 ? 11.821  -2.445  -6.439  1.00 14.93 ? 169 VAL A N   1 
ATOM   1141 C CA  . VAL A 1 152 ? 11.571  -2.641  -5.019  1.00 14.43 ? 169 VAL A CA  1 
ATOM   1142 C C   . VAL A 1 152 ? 10.558  -3.755  -4.866  1.00 15.67 ? 169 VAL A C   1 
ATOM   1143 O O   . VAL A 1 152 ? 9.400   -3.608  -5.232  1.00 16.06 ? 169 VAL A O   1 
ATOM   1144 C CB  . VAL A 1 152 ? 11.070  -1.346  -4.329  1.00 12.98 ? 169 VAL A CB  1 
ATOM   1145 C CG1 . VAL A 1 152 ? 10.728  -1.626  -2.860  1.00 14.39 ? 169 VAL A CG1 1 
ATOM   1146 C CG2 . VAL A 1 152 ? 12.135  -0.261  -4.418  1.00 14.19 ? 169 VAL A CG2 1 
ATOM   1147 N N   . ASN A 1 153 ? 11.009  -4.892  -4.351  1.00 13.38 ? 170 ASN A N   1 
ATOM   1148 C CA  . ASN A 1 153 ? 10.122  -6.025  -4.161  1.00 12.93 ? 170 ASN A CA  1 
ATOM   1149 C C   . ASN A 1 153 ? 9.734   -6.141  -2.709  1.00 15.99 ? 170 ASN A C   1 
ATOM   1150 O O   . ASN A 1 153 ? 10.510  -5.804  -1.815  1.00 16.68 ? 170 ASN A O   1 
ATOM   1151 C CB  . ASN A 1 153 ? 10.773  -7.323  -4.653  1.00 14.39 ? 170 ASN A CB  1 
ATOM   1152 C CG  . ASN A 1 153 ? 11.044  -7.304  -6.137  1.00 22.50 ? 170 ASN A CG  1 
ATOM   1153 O OD1 . ASN A 1 153 ? 10.448  -6.525  -6.881  1.00 19.83 ? 170 ASN A OD1 1 
ATOM   1154 N ND2 . ASN A 1 153 ? 11.957  -8.164  -6.582  1.00 21.58 ? 170 ASN A ND2 1 
ATOM   1155 N N   . MET A 1 154 ? 8.516   -6.608  -2.472  1.00 15.58 ? 171 MET A N   1 
ATOM   1156 C CA  . MET A 1 154 ? 7.937   -6.535  -1.153  1.00 16.47 ? 171 MET A CA  1 
ATOM   1157 C C   . MET A 1 154 ? 7.029   -7.726  -0.888  1.00 17.20 ? 171 MET A C   1 
ATOM   1158 O O   . MET A 1 154 ? 6.532   -8.343  -1.823  1.00 16.94 ? 171 MET A O   1 
ATOM   1159 C CB  . MET A 1 154 ? 7.163   -5.228  -1.037  1.00 21.49 ? 171 MET A CB  1 
ATOM   1160 C CG  . MET A 1 154 ? 6.410   -5.030  0.225   1.00 29.01 ? 171 MET A CG  1 
ATOM   1161 S SD  . MET A 1 154 ? 5.631   -3.427  0.095   1.00 34.83 ? 171 MET A SD  1 
ATOM   1162 C CE  . MET A 1 154 ? 6.963   -2.376  0.686   1.00 28.75 ? 171 MET A CE  1 
ATOM   1163 N N   . LYS A 1 155 ? 6.840   -8.056  0.386   1.00 16.34 ? 172 LYS A N   1 
ATOM   1164 C CA  . LYS A 1 155 ? 5.890   -9.085  0.777   1.00 13.19 ? 172 LYS A CA  1 
ATOM   1165 C C   . LYS A 1 155 ? 5.005   -8.551  1.891   1.00 17.18 ? 172 LYS A C   1 
ATOM   1166 O O   . LYS A 1 155 ? 5.499   -7.952  2.859   1.00 15.69 ? 172 LYS A O   1 
ATOM   1167 C CB  . LYS A 1 155 ? 6.621   -10.362 1.223   1.00 18.35 ? 172 LYS A CB  1 
ATOM   1168 C CG  . LYS A 1 155 ? 5.740   -11.333 1.987   1.00 25.37 ? 172 LYS A CG  1 
ATOM   1169 C CD  . LYS A 1 155 ? 6.392   -12.706 2.125   1.00 19.96 ? 172 LYS A CD  1 
ATOM   1170 C CE  . LYS A 1 155 ? 7.695   -12.634 2.888   1.00 20.93 ? 172 LYS A CE  1 
ATOM   1171 N NZ  . LYS A 1 155 ? 8.081   -14.004 3.323   1.00 20.74 ? 172 LYS A NZ  1 
ATOM   1172 N N   . LEU A 1 156 ? 3.695   -8.744  1.740   1.00 12.63 ? 173 LEU A N   1 
ATOM   1173 C CA  . LEU A 1 156 ? 2.746   -8.403  2.783   1.00 14.75 ? 173 LEU A CA  1 
ATOM   1174 C C   . LEU A 1 156 ? 2.206   -9.699  3.363   1.00 21.29 ? 173 LEU A C   1 
ATOM   1175 O O   . LEU A 1 156 ? 1.660   -10.522 2.640   1.00 20.57 ? 173 LEU A O   1 
ATOM   1176 C CB  . LEU A 1 156 ? 1.605   -7.537  2.241   1.00 17.31 ? 173 LEU A CB  1 
ATOM   1177 C CG  . LEU A 1 156 ? 0.829   -6.723  3.277   1.00 34.25 ? 173 LEU A CG  1 
ATOM   1178 C CD1 . LEU A 1 156 ? 1.496   -5.372  3.526   1.00 32.19 ? 173 LEU A CD1 1 
ATOM   1179 C CD2 . LEU A 1 156 ? -0.591  -6.524  2.834   1.00 34.02 ? 173 LEU A CD2 1 
ATOM   1180 N N   . ASP A 1 157 ? 2.404   -9.892  4.659   1.00 16.79 ? 174 ASP A N   1 
ATOM   1181 C CA  . ASP A 1 157 ? 1.958   -11.106 5.327   1.00 21.15 ? 174 ASP A CA  1 
ATOM   1182 C C   . ASP A 1 157 ? 0.901   -10.705 6.350   1.00 22.10 ? 174 ASP A C   1 
ATOM   1183 O O   . ASP A 1 157 ? 1.227   -10.062 7.339   1.00 28.34 ? 174 ASP A O   1 
ATOM   1184 C CB  . ASP A 1 157 ? 3.164   -11.793 5.979   1.00 23.50 ? 174 ASP A CB  1 
ATOM   1185 C CG  . ASP A 1 157 ? 2.916   -13.245 6.301   1.00 31.35 ? 174 ASP A CG  1 
ATOM   1186 O OD1 . ASP A 1 157 ? 1.751   -13.608 6.565   1.00 33.39 ? 174 ASP A OD1 1 
ATOM   1187 O OD2 . ASP A 1 157 ? 3.900   -14.019 6.294   1.00 29.63 ? 174 ASP A OD2 1 
ATOM   1188 N N   . TRP A 1 158 ? -0.367  -11.028 6.101   1.00 24.09 ? 175 TRP A N   1 
ATOM   1189 C CA  . TRP A 1 158 ? -1.430  -10.548 6.990   1.00 26.52 ? 175 TRP A CA  1 
ATOM   1190 C C   . TRP A 1 158 ? -1.982  -11.509 8.048   1.00 23.88 ? 175 TRP A C   1 
ATOM   1191 O O   . TRP A 1 158 ? -2.920  -11.139 8.754   1.00 28.52 ? 175 TRP A O   1 
ATOM   1192 C CB  . TRP A 1 158 ? -2.606  -10.009 6.167   1.00 23.77 ? 175 TRP A CB  1 
ATOM   1193 C CG  . TRP A 1 158 ? -3.265  -10.995 5.260   1.00 24.81 ? 175 TRP A CG  1 
ATOM   1194 C CD1 . TRP A 1 158 ? -4.245  -11.892 5.587   1.00 24.51 ? 175 TRP A CD1 1 
ATOM   1195 C CD2 . TRP A 1 158 ? -3.013  -11.164 3.866   1.00 21.99 ? 175 TRP A CD2 1 
ATOM   1196 N NE1 . TRP A 1 158 ? -4.608  -12.620 4.476   1.00 24.67 ? 175 TRP A NE1 1 
ATOM   1197 C CE2 . TRP A 1 158 ? -3.867  -12.188 3.405   1.00 25.26 ? 175 TRP A CE2 1 
ATOM   1198 C CE3 . TRP A 1 158 ? -2.143  -10.551 2.957   1.00 25.66 ? 175 TRP A CE3 1 
ATOM   1199 C CZ2 . TRP A 1 158 ? -3.874  -12.612 2.077   1.00 27.65 ? 175 TRP A CZ2 1 
ATOM   1200 C CZ3 . TRP A 1 158 ? -2.156  -10.972 1.641   1.00 23.34 ? 175 TRP A CZ3 1 
ATOM   1201 C CH2 . TRP A 1 158 ? -3.011  -11.992 1.215   1.00 30.52 ? 175 TRP A CH2 1 
ATOM   1202 N N   . THR A 1 159 ? -1.464  -12.731 8.156   1.00 19.87 ? 176 THR A N   1 
ATOM   1203 C CA  . THR A 1 159 ? -2.061  -13.661 9.108   1.00 20.77 ? 176 THR A CA  1 
ATOM   1204 C C   . THR A 1 159 ? -1.902  -13.137 10.531  1.00 21.41 ? 176 THR A C   1 
ATOM   1205 O O   . THR A 1 159 ? -0.787  -12.927 11.009  1.00 20.87 ? 176 THR A O   1 
ATOM   1206 C CB  . THR A 1 159 ? -1.437  -15.067 9.023   1.00 22.42 ? 176 THR A CB  1 
ATOM   1207 O OG1 . THR A 1 159 ? -1.301  -15.458 7.649   1.00 25.64 ? 176 THR A OG1 1 
ATOM   1208 C CG2 . THR A 1 159 ? -2.320  -16.074 9.759   1.00 20.88 ? 176 THR A CG2 1 
ATOM   1209 N N   . GLU A 1 160 ? -3.022  -12.985 11.226  1.00 21.43 ? 177 GLU A N   1 
ATOM   1210 C CA  . GLU A 1 160 ? -3.009  -12.392 12.556  1.00 24.05 ? 177 GLU A CA  1 
ATOM   1211 C C   . GLU A 1 160 ? -2.574  -13.380 13.629  1.00 21.44 ? 177 GLU A C   1 
ATOM   1212 O O   . GLU A 1 160 ? -2.837  -14.577 13.523  1.00 19.42 ? 177 GLU A O   1 
ATOM   1213 C CB  . GLU A 1 160 ? -4.396  -11.841 12.896  1.00 28.69 ? 177 GLU A CB  1 
ATOM   1214 C CG  . GLU A 1 160 ? -4.873  -10.750 11.944  1.00 42.12 ? 177 GLU A CG  1 
ATOM   1215 C CD  . GLU A 1 160 ? -6.277  -10.264 12.265  1.00 62.01 ? 177 GLU A CD  1 
ATOM   1216 O OE1 . GLU A 1 160 ? -7.127  -11.101 12.640  1.00 58.86 ? 177 GLU A OE1 1 
ATOM   1217 O OE2 . GLU A 1 160 ? -6.531  -9.045  12.146  1.00 69.58 ? 177 GLU A OE2 1 
ATOM   1218 N N   . SER A 1 161 ? -1.900  -12.856 14.652  1.00 17.05 ? 178 SER A N   1 
ATOM   1219 C CA  . SER A 1 161 ? -1.603  -13.585 15.887  1.00 23.24 ? 178 SER A CA  1 
ATOM   1220 C C   . SER A 1 161 ? -0.747  -14.834 15.711  1.00 23.84 ? 178 SER A C   1 
ATOM   1221 O O   . SER A 1 161 ? -0.818  -15.758 16.519  1.00 25.26 ? 178 SER A O   1 
ATOM   1222 C CB  . SER A 1 161 ? -2.902  -13.973 16.593  1.00 25.43 ? 178 SER A CB  1 
ATOM   1223 O OG  . SER A 1 161 ? -3.792  -12.877 16.634  1.00 32.06 ? 178 SER A OG  1 
ATOM   1224 N N   . VAL A 1 162 ? 0.049   -14.864 14.653  1.00 24.01 ? 179 VAL A N   1 
ATOM   1225 C CA  . VAL A 1 162 ? 1.084   -15.878 14.534  1.00 26.28 ? 179 VAL A CA  1 
ATOM   1226 C C   . VAL A 1 162 ? 2.331   -15.181 13.997  1.00 19.92 ? 179 VAL A C   1 
ATOM   1227 O O   . VAL A 1 162 ? 2.240   -14.303 13.136  1.00 21.07 ? 179 VAL A O   1 
ATOM   1228 C CB  . VAL A 1 162 ? 0.631   -17.050 13.614  1.00 20.81 ? 179 VAL A CB  1 
ATOM   1229 C CG1 . VAL A 1 162 ? 0.360   -16.570 12.200  1.00 18.48 ? 179 VAL A CG1 1 
ATOM   1230 C CG2 . VAL A 1 162 ? 1.651   -18.199 13.623  1.00 22.81 ? 179 VAL A CG2 1 
ATOM   1231 N N   . PRO A 1 163 ? 3.506   -15.558 14.511  1.00 18.25 ? 180 PRO A N   1 
ATOM   1232 C CA  . PRO A 1 163 ? 4.722   -14.930 13.991  1.00 17.58 ? 180 PRO A CA  1 
ATOM   1233 C C   . PRO A 1 163 ? 4.905   -15.231 12.513  1.00 15.68 ? 180 PRO A C   1 
ATOM   1234 O O   . PRO A 1 163 ? 4.371   -16.237 12.032  1.00 18.61 ? 180 PRO A O   1 
ATOM   1235 C CB  . PRO A 1 163 ? 5.836   -15.586 14.809  1.00 19.92 ? 180 PRO A CB  1 
ATOM   1236 C CG  . PRO A 1 163 ? 5.176   -16.043 16.058  1.00 22.80 ? 180 PRO A CG  1 
ATOM   1237 C CD  . PRO A 1 163 ? 3.777   -16.413 15.680  1.00 22.72 ? 180 PRO A CD  1 
ATOM   1238 N N   . HIS A 1 164 ? 5.672   -14.402 11.817  1.00 17.60 ? 181 HIS A N   1 
ATOM   1239 C CA  . HIS A 1 164 ? 5.951   -14.638 10.406  1.00 17.28 ? 181 HIS A CA  1 
ATOM   1240 C C   . HIS A 1 164 ? 7.435   -14.911 10.234  1.00 17.39 ? 181 HIS A C   1 
ATOM   1241 O O   . HIS A 1 164 ? 8.263   -14.321 10.918  1.00 19.74 ? 181 HIS A O   1 
ATOM   1242 C CB  . HIS A 1 164 ? 5.529   -13.435 9.569   1.00 17.21 ? 181 HIS A CB  1 
ATOM   1243 C CG  . HIS A 1 164 ? 4.112   -13.020 9.791   1.00 23.66 ? 181 HIS A CG  1 
ATOM   1244 N ND1 . HIS A 1 164 ? 3.731   -11.702 9.905   1.00 27.94 ? 181 HIS A ND1 1 
ATOM   1245 C CD2 . HIS A 1 164 ? 2.980   -13.754 9.925   1.00 22.61 ? 181 HIS A CD2 1 
ATOM   1246 C CE1 . HIS A 1 164 ? 2.425   -11.639 10.106  1.00 23.44 ? 181 HIS A CE1 1 
ATOM   1247 N NE2 . HIS A 1 164 ? 1.948   -12.869 10.119  1.00 25.79 ? 181 HIS A NE2 1 
ATOM   1248 N N   . PRO A 1 165 ? 7.787   -15.794 9.298   1.00 15.59 ? 182 PRO A N   1 
ATOM   1249 C CA  . PRO A 1 165 ? 9.189   -16.213 9.189   1.00 13.21 ? 182 PRO A CA  1 
ATOM   1250 C C   . PRO A 1 165 ? 10.086  -15.159 8.557   1.00 21.79 ? 182 PRO A C   1 
ATOM   1251 O O   . PRO A 1 165 ? 9.625   -14.379 7.721   1.00 22.36 ? 182 PRO A O   1 
ATOM   1252 C CB  . PRO A 1 165 ? 9.115   -17.451 8.295   1.00 15.30 ? 182 PRO A CB  1 
ATOM   1253 C CG  . PRO A 1 165 ? 7.898   -17.202 7.449   1.00 15.36 ? 182 PRO A CG  1 
ATOM   1254 C CD  . PRO A 1 165 ? 6.915   -16.510 8.347   1.00 14.83 ? 182 PRO A CD  1 
ATOM   1255 O OXT . PRO A 1 165 ? 11.283  -15.078 8.876   1.00 20.48 ? 182 PRO A OXT 1 
HETATM 1256 I I   . IOD B 2 .   ? 3.278   5.196   -14.180 0.86 26.63 ? 201 IOD A I   1 
HETATM 1257 I I   . IOD C 2 .   ? 6.982   -12.033 13.678  0.41 48.73 ? 202 IOD A I   1 
HETATM 1258 I I   . IOD D 2 .   ? 8.860   2.298   9.329   0.33 35.02 ? 203 IOD A I   1 
HETATM 1259 I I   . IOD E 2 .   ? 11.093  9.771   -10.954 0.53 51.29 ? 204 IOD A I   1 
HETATM 1260 I I   . IOD F 2 .   ? -5.877  -13.940 9.417   0.35 63.88 ? 205 IOD A I   1 
HETATM 1261 I I   . IOD G 2 .   ? 0.129   1.412   -19.364 0.36 42.57 ? 206 IOD A I   1 
HETATM 1262 O O   . HOH H 3 .   ? -10.436 9.275   -18.151 0.86 28.70 ? 301 HOH A O   1 
HETATM 1263 O O   . HOH H 3 .   ? -15.769 6.700   -6.773  0.57 26.16 ? 302 HOH A O   1 
HETATM 1264 O O   . HOH H 3 .   ? -9.811  7.423   13.540  1.00 29.11 ? 303 HOH A O   1 
HETATM 1265 O O   . HOH H 3 .   ? -17.897 7.421   0.729   0.73 23.39 ? 304 HOH A O   1 
HETATM 1266 O O   . HOH H 3 .   ? -13.349 7.630   13.902  0.91 24.90 ? 305 HOH A O   1 
HETATM 1267 O O   . HOH H 3 .   ? -5.005  -15.871 12.901  1.00 17.41 ? 306 HOH A O   1 
HETATM 1268 O O   . HOH H 3 .   ? 11.970  -12.571 9.026   0.85 30.76 ? 307 HOH A O   1 
HETATM 1269 O O   . HOH H 3 .   ? -11.082 -6.546  -7.781  0.94 17.86 ? 308 HOH A O   1 
HETATM 1270 O O   . HOH H 3 .   ? -5.600  15.250  -5.624  0.83 28.25 ? 309 HOH A O   1 
HETATM 1271 O O   . HOH H 3 .   ? 2.862   -12.856 -5.945  0.84 28.68 ? 310 HOH A O   1 
HETATM 1272 O O   . HOH H 3 .   ? 2.274   1.531   -14.538 1.00 43.20 ? 311 HOH A O   1 
HETATM 1273 O O   . HOH H 3 .   ? -4.163  -6.276  -12.363 0.84 26.64 ? 312 HOH A O   1 
HETATM 1274 O O   . HOH H 3 .   ? 7.285   -14.047 5.882   0.98 24.72 ? 313 HOH A O   1 
HETATM 1275 O O   . HOH H 3 .   ? 7.169   7.392   11.728  0.56 15.36 ? 314 HOH A O   1 
HETATM 1276 O O   . HOH H 3 .   ? -2.936  16.977  0.086   0.68 23.78 ? 315 HOH A O   1 
HETATM 1277 O O   . HOH H 3 .   ? -25.250 -0.086  -0.980  0.97 27.90 ? 316 HOH A O   1 
HETATM 1278 O O   . HOH H 3 .   ? -0.907  14.308  12.333  0.99 15.03 ? 317 HOH A O   1 
HETATM 1279 O O   . HOH H 3 .   ? 6.419   12.209  -11.153 0.64 26.15 ? 318 HOH A O   1 
HETATM 1280 O O   . HOH H 3 .   ? -12.964 -0.073  -13.569 0.72 15.70 ? 319 HOH A O   1 
HETATM 1281 O O   . HOH H 3 .   ? -13.365 -5.743  1.545   0.95 22.47 ? 320 HOH A O   1 
HETATM 1282 O O   . HOH H 3 .   ? -1.091  8.687   -22.990 0.75 17.45 ? 321 HOH A O   1 
HETATM 1283 O O   . HOH H 3 .   ? -7.190  -4.649  -9.311  0.81 15.86 ? 322 HOH A O   1 
HETATM 1284 O O   . HOH H 3 .   ? -2.912  2.845   -19.548 0.77 25.93 ? 323 HOH A O   1 
HETATM 1285 O O   . HOH H 3 .   ? -2.895  12.861  11.232  1.00 15.12 ? 324 HOH A O   1 
HETATM 1286 O O   . HOH H 3 .   ? 23.638  -7.963  -3.665  0.90 17.23 ? 325 HOH A O   1 
HETATM 1287 O O   . HOH H 3 .   ? -6.089  -8.379  -15.825 1.00 22.66 ? 326 HOH A O   1 
HETATM 1288 O O   . HOH H 3 .   ? -19.718 7.618   9.741   0.82 34.47 ? 327 HOH A O   1 
HETATM 1289 O O   . HOH H 3 .   ? -5.032  10.709  14.714  0.90 25.58 ? 328 HOH A O   1 
HETATM 1290 O O   . HOH H 3 .   ? -17.821 9.252   2.956   1.00 40.11 ? 329 HOH A O   1 
HETATM 1291 O O   . HOH H 3 .   ? 13.895  -11.743 6.676   0.97 25.37 ? 330 HOH A O   1 
HETATM 1292 O O   . HOH H 3 .   ? -4.609  13.820  -9.635  0.87 22.62 ? 331 HOH A O   1 
HETATM 1293 O O   . HOH H 3 .   ? -4.582  -17.479 1.410   1.00 33.67 ? 332 HOH A O   1 
HETATM 1294 O O   . HOH H 3 .   ? 13.392  -15.923 7.069   1.00 21.16 ? 333 HOH A O   1 
HETATM 1295 O O   . HOH H 3 .   ? 21.672  -9.794  -1.662  1.00 24.47 ? 334 HOH A O   1 
HETATM 1296 O O   . HOH H 3 .   ? -6.795  6.607   -21.102 1.00 37.37 ? 335 HOH A O   1 
HETATM 1297 O O   . HOH H 3 .   ? -17.359 7.939   8.289   0.99 24.78 ? 336 HOH A O   1 
HETATM 1298 O O   . HOH H 3 .   ? -4.697  12.495  -6.760  0.98 20.70 ? 337 HOH A O   1 
HETATM 1299 O O   . HOH H 3 .   ? 2.102   10.489  -16.316 1.00 22.53 ? 338 HOH A O   1 
HETATM 1300 O O   . HOH H 3 .   ? -5.042  16.577  2.502   0.93 20.12 ? 339 HOH A O   1 
HETATM 1301 O O   . HOH H 3 .   ? 20.287  -5.404  -4.073  1.00 25.09 ? 340 HOH A O   1 
HETATM 1302 O O   . HOH H 3 .   ? 12.277  10.331  7.953   1.00 35.54 ? 341 HOH A O   1 
HETATM 1303 O O   . HOH H 3 .   ? 1.999   -13.792 -3.828  0.99 27.87 ? 342 HOH A O   1 
HETATM 1304 O O   . HOH H 3 .   ? 0.811   -1.642  -16.836 0.91 37.94 ? 343 HOH A O   1 
HETATM 1305 O O   . HOH H 3 .   ? 0.943   2.980   -16.836 1.00 21.96 ? 344 HOH A O   1 
HETATM 1306 O O   . HOH H 3 .   ? -12.438 15.447  13.965  0.57 25.91 ? 345 HOH A O   1 
HETATM 1307 O O   . HOH H 3 .   ? -3.756  16.101  8.984   1.00 31.11 ? 346 HOH A O   1 
HETATM 1308 O O   . HOH H 3 .   ? 16.857  4.866   2.575   0.98 29.54 ? 347 HOH A O   1 
HETATM 1309 O O   . HOH H 3 .   ? -8.067  -8.438  -6.371  1.00 37.48 ? 348 HOH A O   1 
HETATM 1310 O O   . HOH H 3 .   ? -0.160  11.191  -17.479 0.99 24.80 ? 349 HOH A O   1 
HETATM 1311 O O   . HOH H 3 .   ? 9.114   -11.736 9.160   1.00 34.17 ? 350 HOH A O   1 
HETATM 1312 O O   . HOH H 3 .   ? -8.844  -3.513  -12.853 0.86 24.33 ? 351 HOH A O   1 
HETATM 1313 O O   . HOH H 3 .   ? -1.498  -16.417 0.114   0.95 26.27 ? 352 HOH A O   1 
HETATM 1314 O O   . HOH H 3 .   ? -15.506 11.897  2.971   1.00 41.18 ? 353 HOH A O   1 
HETATM 1315 O O   . HOH H 3 .   ? -2.673  19.003  9.993   0.96 32.18 ? 354 HOH A O   1 
HETATM 1316 O O   . HOH H 3 .   ? 9.018   -9.291  -12.132 1.00 36.28 ? 355 HOH A O   1 
HETATM 1317 O O   . HOH H 3 .   ? 15.425  8.305   1.840   1.00 30.25 ? 356 HOH A O   1 
HETATM 1318 O O   . HOH H 3 .   ? -8.764  -6.781  -8.499  0.98 32.39 ? 357 HOH A O   1 
HETATM 1319 O O   . HOH H 3 .   ? -13.188 -7.995  3.046   1.00 34.26 ? 358 HOH A O   1 
HETATM 1320 O O   . HOH H 3 .   ? 11.674  6.652   -10.829 1.00 30.36 ? 359 HOH A O   1 
HETATM 1321 O O   . HOH H 3 .   ? 6.612   11.247  -18.543 0.86 26.92 ? 360 HOH A O   1 
HETATM 1322 O O   . HOH H 3 .   ? -8.750  3.098   -14.104 1.00 18.98 ? 361 HOH A O   1 
HETATM 1323 O O   . HOH H 3 .   ? -11.328 1.672   -14.930 1.00 34.16 ? 362 HOH A O   1 
HETATM 1324 O O   . HOH H 3 .   ? 0.323   13.792  -17.420 0.84 38.08 ? 363 HOH A O   1 
HETATM 1325 O O   . HOH H 3 .   ? 4.549   12.402  -16.696 1.00 23.35 ? 364 HOH A O   1 
HETATM 1326 O O   . HOH H 3 .   ? -18.790 0.826   12.519  1.00 44.54 ? 365 HOH A O   1 
HETATM 1327 O O   . HOH H 3 .   ? -12.424 13.680  1.770   1.00 20.03 ? 366 HOH A O   1 
HETATM 1328 O O   . HOH H 3 .   ? -11.291 8.038   15.675  0.98 32.16 ? 367 HOH A O   1 
HETATM 1329 O O   . HOH H 3 .   ? 14.722  -9.129  6.391   1.00 25.18 ? 368 HOH A O   1 
HETATM 1330 O O   . HOH H 3 .   ? 10.019  6.628   -9.180  1.00 36.28 ? 369 HOH A O   1 
HETATM 1331 O O   . HOH H 3 .   ? 14.351  -11.242 2.236   0.83 25.67 ? 370 HOH A O   1 
HETATM 1332 O O   . HOH H 3 .   ? 0.292   1.876   17.465  0.77 27.32 ? 371 HOH A O   1 
HETATM 1333 O O   . HOH H 3 .   ? -23.258 -3.366  1.663   1.00 36.25 ? 372 HOH A O   1 
HETATM 1334 O O   . HOH H 3 .   ? -9.945  14.175  3.401   1.00 39.94 ? 373 HOH A O   1 
HETATM 1335 O O   . HOH H 3 .   ? -5.422  11.189  2.679   1.00 12.43 ? 374 HOH A O   1 
HETATM 1336 O O   . HOH H 3 .   ? -6.106  -4.659  3.602   1.00 19.35 ? 375 HOH A O   1 
HETATM 1337 O O   . HOH H 3 .   ? 4.207   -4.567  9.506   1.00 17.32 ? 376 HOH A O   1 
HETATM 1338 O O   . HOH H 3 .   ? 5.391   8.703   9.164   1.00 12.10 ? 377 HOH A O   1 
HETATM 1339 O O   . HOH H 3 .   ? 6.151   1.863   7.437   1.00 12.41 ? 378 HOH A O   1 
HETATM 1340 O O   . HOH H 3 .   ? 3.081   7.482   10.006  1.00 13.01 ? 379 HOH A O   1 
HETATM 1341 O O   . HOH H 3 .   ? -11.254 5.538   4.131   1.00 13.84 ? 380 HOH A O   1 
HETATM 1342 O O   . HOH H 3 .   ? -12.124 3.547   5.833   1.00 17.42 ? 381 HOH A O   1 
HETATM 1343 O O   . HOH H 3 .   ? 9.659   -2.059  -8.290  0.87 15.61 ? 382 HOH A O   1 
HETATM 1344 O O   . HOH H 3 .   ? 1.488   3.755   15.799  1.00 19.61 ? 383 HOH A O   1 
HETATM 1345 O O   . HOH H 3 .   ? -8.373  4.433   -11.451 0.90 13.96 ? 384 HOH A O   1 
HETATM 1346 O O   . HOH H 3 .   ? 4.293   3.701   14.275  1.00 20.31 ? 385 HOH A O   1 
HETATM 1347 O O   . HOH H 3 .   ? -0.759  -5.869  -10.806 1.00 19.67 ? 386 HOH A O   1 
HETATM 1348 O O   . HOH H 3 .   ? 7.028   9.261   1.147   0.88 16.48 ? 387 HOH A O   1 
HETATM 1349 O O   . HOH H 3 .   ? 3.331   10.869  1.111   0.74 13.84 ? 388 HOH A O   1 
HETATM 1350 O O   . HOH H 3 .   ? -2.071  15.119  4.578   1.00 20.69 ? 389 HOH A O   1 
HETATM 1351 O O   . HOH H 3 .   ? 13.182  3.529   5.833   0.75 20.43 ? 390 HOH A O   1 
HETATM 1352 O O   . HOH H 3 .   ? 2.113   13.602  -4.050  0.98 23.61 ? 391 HOH A O   1 
HETATM 1353 O O   . HOH H 3 .   ? -13.628 -2.935  8.075   1.00 22.68 ? 392 HOH A O   1 
HETATM 1354 O O   . HOH H 3 .   ? -15.217 3.672   3.243   1.00 16.81 ? 393 HOH A O   1 
HETATM 1355 O O   . HOH H 3 .   ? 8.038   3.528   -9.965  1.00 20.53 ? 394 HOH A O   1 
HETATM 1356 O O   . HOH H 3 .   ? 1.572   13.334  0.731   0.77 18.22 ? 395 HOH A O   1 
HETATM 1357 O O   . HOH H 3 .   ? 2.677   -6.453  15.726  1.00 32.28 ? 396 HOH A O   1 
HETATM 1358 O O   . HOH H 3 .   ? 8.293   8.503   9.196   0.70 13.40 ? 397 HOH A O   1 
HETATM 1359 O O   . HOH H 3 .   ? -7.419  -11.771 7.581   1.00 35.28 ? 398 HOH A O   1 
HETATM 1360 O O   . HOH H 3 .   ? 15.467  -10.940 0.040   0.93 27.36 ? 399 HOH A O   1 
HETATM 1361 O O   . HOH H 3 .   ? -4.328  -8.750  -4.810  0.71 19.31 ? 400 HOH A O   1 
HETATM 1362 O O   . HOH H 3 .   ? 7.604   8.153   -10.282 1.00 31.47 ? 401 HOH A O   1 
HETATM 1363 O O   . HOH H 3 .   ? -3.834  -0.348  15.719  1.00 33.46 ? 402 HOH A O   1 
HETATM 1364 O O   . HOH H 3 .   ? -6.291  2.661   -15.690 0.97 24.02 ? 403 HOH A O   1 
HETATM 1365 O O   . HOH H 3 .   ? 6.655   5.111   -12.014 0.89 25.92 ? 404 HOH A O   1 
HETATM 1366 O O   . HOH H 3 .   ? -18.746 -2.005  6.375   1.00 24.74 ? 405 HOH A O   1 
HETATM 1367 O O   . HOH H 3 .   ? 5.507   11.281  2.562   0.73 17.51 ? 406 HOH A O   1 
HETATM 1368 O O   . HOH H 3 .   ? -4.370  14.613  4.874   0.80 24.96 ? 407 HOH A O   1 
HETATM 1369 O O   . HOH H 3 .   ? 16.401  4.109   -0.299  0.62 16.02 ? 408 HOH A O   1 
HETATM 1370 O O   . HOH H 3 .   ? -19.088 0.412   7.630   1.00 30.36 ? 409 HOH A O   1 
HETATM 1371 O O   . HOH H 3 .   ? -22.264 2.512   4.803   0.85 25.71 ? 410 HOH A O   1 
HETATM 1372 O O   . HOH H 3 .   ? 16.058  -4.771  -6.607  0.77 25.32 ? 411 HOH A O   1 
HETATM 1373 O O   . HOH H 3 .   ? 8.120   12.811  1.091   0.79 27.18 ? 412 HOH A O   1 
HETATM 1374 O O   . HOH H 3 .   ? 9.202   -10.092 -2.261  0.84 23.27 ? 413 HOH A O   1 
HETATM 1375 O O   . HOH H 3 .   ? 1.648   -11.883 13.887  0.53 23.14 ? 414 HOH A O   1 
HETATM 1376 O O   . HOH H 3 .   ? 11.462  3.076   8.168   0.69 24.15 ? 415 HOH A O   1 
HETATM 1377 O O   . HOH H 3 .   ? 14.514  1.837   4.792   0.62 25.95 ? 416 HOH A O   1 
HETATM 1378 O O   . HOH H 3 .   ? 13.754  -8.905  3.598   0.61 21.92 ? 417 HOH A O   1 
HETATM 1379 O O   . HOH H 3 .   ? 7.414   12.473  -3.232  0.95 32.34 ? 418 HOH A O   1 
HETATM 1380 O O   . HOH H 3 .   ? 1.496   -10.844 -12.522 0.84 32.66 ? 419 HOH A O   1 
HETATM 1381 O O   . HOH H 3 .   ? -6.649  -9.774  -1.437  1.00 33.00 ? 420 HOH A O   1 
HETATM 1382 O O   . HOH H 3 .   ? -1.282  16.634  2.142   1.00 35.40 ? 421 HOH A O   1 
HETATM 1383 O O   . HOH H 3 .   ? 9.188   -0.070  11.104  0.79 23.07 ? 422 HOH A O   1 
HETATM 1384 O O   . HOH H 3 .   ? 4.163   -6.166  -15.642 1.00 36.39 ? 423 HOH A O   1 
HETATM 1385 O O   . HOH H 3 .   ? -16.043 -1.379  9.487   1.00 35.22 ? 424 HOH A O   1 
HETATM 1386 O O   . HOH H 3 .   ? 4.793   -4.666  -14.499 0.89 35.28 ? 425 HOH A O   1 
HETATM 1387 O O   . HOH H 3 .   ? 17.694  -7.975  -2.390  0.58 21.59 ? 426 HOH A O   1 
HETATM 1388 O O   . HOH H 3 .   ? 5.358   -6.253  -12.655 0.82 28.08 ? 427 HOH A O   1 
HETATM 1389 O O   . HOH H 3 .   ? -1.287  -9.983  15.056  0.99 34.05 ? 428 HOH A O   1 
HETATM 1390 O O   . HOH H 3 .   ? 2.965   -2.368  -13.967 0.94 37.37 ? 429 HOH A O   1 
HETATM 1391 O O   . HOH H 3 .   ? 8.697   5.784   -13.324 0.77 29.07 ? 430 HOH A O   1 
HETATM 1392 O O   . HOH H 3 .   ? -2.293  -9.090  10.815  0.93 36.76 ? 431 HOH A O   1 
HETATM 1393 O O   . HOH H 3 .   ? 13.078  -10.379 -4.085  1.00 25.17 ? 432 HOH A O   1 
HETATM 1394 O O   . HOH H 3 .   ? -19.282 7.698   5.130   1.00 27.15 ? 433 HOH A O   1 
HETATM 1395 O O   . HOH H 3 .   ? -12.182 -2.612  11.602  1.00 38.16 ? 434 HOH A O   1 
HETATM 1396 O O   . HOH H 3 .   ? 16.914  -3.847  -9.199  1.00 42.79 ? 435 HOH A O   1 
HETATM 1397 O O   . HOH H 3 .   ? 6.479   13.193  -5.885  1.00 35.18 ? 436 HOH A O   1 
HETATM 1398 O O   . HOH H 3 .   ? 8.026   -6.695  -12.853 1.00 43.64 ? 437 HOH A O   1 
# 
